data_2L4X
#
_entry.id   2L4X
#
_entity_poly.entity_id   1
_entity_poly.type   'polypeptide(L)'
_entity_poly.pdbx_seq_one_letter_code
;MAYSEKVIDHYENPRNVGSFDNNDENVGSGMVGAPACGDVMKLQIKVNDEGIIEDARFKTYGCGSAIASSSLVTEWVKGK
SLDEAQAIKNTDIAEELELPPVKIHCSILAEDAIKAAIADYKSKREAK
;
_entity_poly.pdbx_strand_id   A
#
# COMPACT_ATOMS: atom_id res chain seq x y z
N MET A 1 -23.13 -15.22 30.59
CA MET A 1 -24.54 -15.03 30.86
C MET A 1 -25.30 -14.70 29.57
N ALA A 2 -24.92 -13.58 28.95
CA ALA A 2 -25.56 -13.15 27.71
C ALA A 2 -24.59 -13.24 26.54
N TYR A 3 -23.32 -12.98 26.81
CA TYR A 3 -22.29 -13.03 25.77
C TYR A 3 -21.66 -14.41 25.70
N SER A 4 -21.24 -14.81 24.50
CA SER A 4 -20.61 -16.10 24.30
C SER A 4 -19.11 -15.95 24.05
N GLU A 5 -18.44 -17.08 23.86
CA GLU A 5 -17.00 -17.08 23.62
C GLU A 5 -16.69 -17.48 22.18
N LYS A 6 -16.37 -16.50 21.35
CA LYS A 6 -16.06 -16.74 19.94
C LYS A 6 -14.76 -17.53 19.81
N VAL A 7 -14.33 -17.76 18.58
CA VAL A 7 -13.10 -18.50 18.32
C VAL A 7 -11.89 -17.57 18.25
N ILE A 8 -10.98 -17.71 19.21
CA ILE A 8 -9.78 -16.88 19.25
C ILE A 8 -8.79 -17.28 18.16
N ASP A 9 -8.12 -16.30 17.59
CA ASP A 9 -7.14 -16.55 16.55
C ASP A 9 -5.73 -16.20 17.02
N HIS A 10 -4.76 -17.04 16.66
CA HIS A 10 -3.37 -16.81 17.05
C HIS A 10 -2.45 -17.82 16.37
N TYR A 11 -1.25 -17.38 16.03
CA TYR A 11 -0.27 -18.24 15.38
C TYR A 11 -0.87 -18.91 14.15
N GLU A 12 -1.29 -18.10 13.19
CA GLU A 12 -1.89 -18.62 11.96
C GLU A 12 -1.23 -17.98 10.73
N ASN A 13 -0.38 -18.75 10.07
CA ASN A 13 0.31 -18.26 8.88
C ASN A 13 1.23 -17.09 9.22
N PRO A 14 2.20 -16.83 8.34
CA PRO A 14 3.16 -15.73 8.53
C PRO A 14 2.50 -14.36 8.37
N ARG A 15 3.33 -13.32 8.39
CA ARG A 15 2.83 -11.95 8.25
C ARG A 15 3.81 -11.09 7.46
N ASN A 16 3.40 -9.86 7.16
CA ASN A 16 4.25 -8.94 6.42
C ASN A 16 4.60 -9.51 5.04
N VAL A 17 3.63 -10.16 4.42
CA VAL A 17 3.82 -10.76 3.09
C VAL A 17 3.63 -9.73 1.99
N GLY A 18 2.77 -8.74 2.26
CA GLY A 18 2.50 -7.71 1.27
C GLY A 18 1.22 -7.94 0.52
N SER A 19 0.34 -8.77 1.08
CA SER A 19 -0.94 -9.09 0.45
C SER A 19 -2.00 -9.40 1.50
N PHE A 20 -3.22 -8.95 1.26
CA PHE A 20 -4.32 -9.18 2.19
C PHE A 20 -5.01 -10.51 1.88
N ASP A 21 -4.62 -11.54 2.61
CA ASP A 21 -5.20 -12.88 2.43
C ASP A 21 -5.09 -13.31 0.97
N ASN A 22 -3.99 -13.97 0.63
CA ASN A 22 -3.76 -14.44 -0.73
C ASN A 22 -3.94 -13.31 -1.74
N ASN A 23 -3.97 -13.66 -3.01
CA ASN A 23 -4.13 -12.67 -4.07
C ASN A 23 -5.49 -12.83 -4.76
N ASP A 24 -6.44 -12.02 -4.33
CA ASP A 24 -7.79 -12.05 -4.91
C ASP A 24 -7.76 -11.67 -6.38
N GLU A 25 -8.93 -11.60 -6.99
CA GLU A 25 -9.05 -11.24 -8.40
C GLU A 25 -9.23 -9.74 -8.58
N ASN A 26 -9.54 -9.06 -7.47
CA ASN A 26 -9.75 -7.62 -7.49
C ASN A 26 -8.59 -6.89 -6.81
N VAL A 27 -7.45 -7.57 -6.71
CA VAL A 27 -6.27 -6.98 -6.07
C VAL A 27 -5.40 -6.25 -7.09
N GLY A 28 -4.85 -5.12 -6.68
CA GLY A 28 -4.01 -4.34 -7.57
C GLY A 28 -2.54 -4.70 -7.43
N SER A 29 -1.83 -4.74 -8.57
CA SER A 29 -0.41 -5.08 -8.57
C SER A 29 0.43 -3.85 -8.91
N GLY A 30 1.36 -3.51 -8.02
CA GLY A 30 2.22 -2.37 -8.25
C GLY A 30 3.65 -2.62 -7.82
N MET A 31 4.61 -2.08 -8.56
CA MET A 31 6.02 -2.26 -8.26
C MET A 31 6.81 -1.01 -8.64
N VAL A 32 7.16 -0.21 -7.63
CA VAL A 32 7.92 1.00 -7.86
C VAL A 32 9.27 0.95 -7.15
N GLY A 33 10.34 1.24 -7.88
CA GLY A 33 11.67 1.22 -7.31
C GLY A 33 12.18 2.61 -6.99
N ALA A 34 13.13 2.69 -6.06
CA ALA A 34 13.71 3.96 -5.66
C ALA A 34 14.48 4.59 -6.81
N PRO A 35 14.72 5.91 -6.72
CA PRO A 35 15.46 6.66 -7.74
C PRO A 35 16.93 6.30 -7.77
N ALA A 36 17.23 5.06 -8.12
CA ALA A 36 18.61 4.59 -8.19
C ALA A 36 18.67 3.13 -8.61
N CYS A 37 19.86 2.53 -8.48
CA CYS A 37 20.05 1.13 -8.84
C CYS A 37 19.71 0.21 -7.67
N GLY A 38 18.45 0.25 -7.24
CA GLY A 38 18.02 -0.57 -6.13
C GLY A 38 16.64 -1.16 -6.35
N ASP A 39 15.60 -0.40 -6.01
CA ASP A 39 14.23 -0.87 -6.17
C ASP A 39 13.94 -2.06 -5.27
N VAL A 40 13.10 -1.85 -4.27
CA VAL A 40 12.75 -2.90 -3.33
C VAL A 40 11.46 -2.57 -2.59
N MET A 41 10.62 -1.74 -3.20
CA MET A 41 9.36 -1.34 -2.60
C MET A 41 8.19 -2.03 -3.29
N LYS A 42 7.11 -2.24 -2.53
CA LYS A 42 5.92 -2.89 -3.07
C LYS A 42 4.65 -2.33 -2.43
N LEU A 43 3.58 -2.25 -3.21
CA LEU A 43 2.31 -1.73 -2.71
C LEU A 43 1.14 -2.36 -3.46
N GLN A 44 0.33 -3.13 -2.76
CA GLN A 44 -0.82 -3.78 -3.37
C GLN A 44 -2.11 -3.42 -2.62
N ILE A 45 -3.18 -3.19 -3.37
CA ILE A 45 -4.46 -2.83 -2.79
C ILE A 45 -5.54 -3.85 -3.15
N LYS A 46 -6.69 -3.74 -2.51
CA LYS A 46 -7.80 -4.65 -2.77
C LYS A 46 -9.09 -3.87 -3.05
N VAL A 47 -9.58 -3.96 -4.28
CA VAL A 47 -10.80 -3.28 -4.67
C VAL A 47 -12.02 -4.19 -4.53
N ASN A 48 -13.14 -3.60 -4.12
CA ASN A 48 -14.37 -4.36 -3.94
C ASN A 48 -15.22 -4.33 -5.21
N ASP A 49 -16.42 -4.87 -5.14
CA ASP A 49 -17.33 -4.91 -6.28
C ASP A 49 -17.80 -3.51 -6.65
N GLU A 50 -17.71 -2.59 -5.69
CA GLU A 50 -18.13 -1.21 -5.91
C GLU A 50 -17.00 -0.40 -6.52
N GLY A 51 -15.88 -1.06 -6.80
CA GLY A 51 -14.74 -0.37 -7.38
C GLY A 51 -14.05 0.57 -6.42
N ILE A 52 -14.07 0.21 -5.14
CA ILE A 52 -13.45 1.02 -4.10
C ILE A 52 -12.41 0.22 -3.32
N ILE A 53 -11.42 0.91 -2.79
CA ILE A 53 -10.36 0.27 -2.01
C ILE A 53 -10.89 -0.18 -0.65
N GLU A 54 -10.91 -1.49 -0.42
CA GLU A 54 -11.38 -2.03 0.85
C GLU A 54 -10.21 -2.41 1.75
N ASP A 55 -9.13 -2.89 1.13
CA ASP A 55 -7.94 -3.29 1.88
C ASP A 55 -6.69 -2.66 1.27
N ALA A 56 -5.59 -2.71 2.02
CA ALA A 56 -4.32 -2.15 1.55
C ALA A 56 -3.14 -2.93 2.11
N ARG A 57 -2.06 -2.99 1.33
CA ARG A 57 -0.86 -3.72 1.75
C ARG A 57 0.38 -3.16 1.04
N PHE A 58 1.54 -3.34 1.67
CA PHE A 58 2.79 -2.85 1.11
C PHE A 58 3.96 -3.71 1.58
N LYS A 59 5.14 -3.42 1.05
CA LYS A 59 6.35 -4.16 1.42
C LYS A 59 7.60 -3.33 1.14
N THR A 60 8.63 -3.54 1.96
CA THR A 60 9.89 -2.82 1.79
C THR A 60 11.07 -3.67 2.24
N TYR A 61 12.28 -3.15 2.04
CA TYR A 61 13.49 -3.87 2.41
C TYR A 61 13.46 -4.27 3.88
N GLY A 62 13.30 -3.28 4.75
CA GLY A 62 13.26 -3.55 6.18
C GLY A 62 14.60 -3.36 6.85
N CYS A 63 14.66 -3.64 8.15
CA CYS A 63 15.90 -3.50 8.91
C CYS A 63 15.77 -4.14 10.28
N GLY A 64 14.88 -3.58 11.10
CA GLY A 64 14.69 -4.10 12.44
C GLY A 64 14.30 -3.02 13.43
N SER A 65 13.56 -3.40 14.47
CA SER A 65 13.13 -2.46 15.49
C SER A 65 12.42 -1.26 14.86
N ALA A 66 11.61 -1.53 13.84
CA ALA A 66 10.88 -0.48 13.16
C ALA A 66 9.44 -0.38 13.67
N ILE A 67 8.76 -1.52 13.71
CA ILE A 67 7.38 -1.57 14.18
C ILE A 67 6.48 -0.69 13.32
N ALA A 68 5.83 -1.30 12.35
CA ALA A 68 4.93 -0.57 11.46
C ALA A 68 5.64 0.59 10.79
N SER A 69 6.46 0.30 9.78
CA SER A 69 7.21 1.33 9.07
C SER A 69 6.66 1.50 7.66
N SER A 70 6.49 2.76 7.25
CA SER A 70 5.98 3.06 5.92
C SER A 70 4.60 2.45 5.71
N SER A 71 3.89 2.21 6.81
CA SER A 71 2.56 1.61 6.76
C SER A 71 1.48 2.68 6.93
N LEU A 72 1.82 3.92 6.59
CA LEU A 72 0.88 5.03 6.71
C LEU A 72 -0.01 5.12 5.47
N VAL A 73 0.49 4.62 4.35
CA VAL A 73 -0.27 4.65 3.10
C VAL A 73 -1.35 3.58 3.10
N THR A 74 -1.04 2.42 3.68
CA THR A 74 -2.00 1.32 3.75
C THR A 74 -3.27 1.74 4.46
N GLU A 75 -3.19 2.79 5.26
CA GLU A 75 -4.34 3.29 6.01
C GLU A 75 -5.03 4.42 5.24
N TRP A 76 -4.26 5.14 4.44
CA TRP A 76 -4.80 6.25 3.65
C TRP A 76 -5.74 5.74 2.56
N VAL A 77 -5.24 4.84 1.72
CA VAL A 77 -6.03 4.27 0.64
C VAL A 77 -7.21 3.49 1.19
N LYS A 78 -7.01 2.83 2.32
CA LYS A 78 -8.06 2.04 2.95
C LYS A 78 -9.31 2.87 3.16
N GLY A 79 -10.44 2.37 2.68
CA GLY A 79 -11.70 3.08 2.83
C GLY A 79 -11.89 4.15 1.77
N LYS A 80 -10.87 4.34 0.94
CA LYS A 80 -10.94 5.34 -0.13
C LYS A 80 -11.16 4.67 -1.48
N SER A 81 -11.36 5.48 -2.51
CA SER A 81 -11.59 4.97 -3.86
C SER A 81 -10.39 5.27 -4.76
N LEU A 82 -10.21 4.42 -5.78
CA LEU A 82 -9.10 4.60 -6.72
C LEU A 82 -9.03 6.03 -7.22
N ASP A 83 -10.19 6.59 -7.55
CA ASP A 83 -10.26 7.96 -8.05
C ASP A 83 -9.68 8.94 -7.03
N GLU A 84 -9.91 8.66 -5.75
CA GLU A 84 -9.41 9.52 -4.68
C GLU A 84 -7.93 9.26 -4.42
N ALA A 85 -7.56 7.99 -4.30
CA ALA A 85 -6.18 7.60 -4.04
C ALA A 85 -5.27 8.13 -5.15
N GLN A 86 -5.85 8.44 -6.30
CA GLN A 86 -5.08 8.94 -7.43
C GLN A 86 -4.79 10.43 -7.27
N ALA A 87 -5.50 11.08 -6.35
CA ALA A 87 -5.31 12.49 -6.10
C ALA A 87 -4.26 12.72 -5.02
N ILE A 88 -3.83 11.64 -4.38
CA ILE A 88 -2.83 11.71 -3.33
C ILE A 88 -1.61 12.51 -3.78
N LYS A 89 -0.96 13.19 -2.84
CA LYS A 89 0.23 13.97 -3.15
C LYS A 89 1.38 13.62 -2.21
N ASN A 90 2.56 13.41 -2.79
CA ASN A 90 3.73 13.06 -2.00
C ASN A 90 3.92 14.03 -0.83
N THR A 91 3.81 15.32 -1.12
CA THR A 91 3.96 16.35 -0.09
C THR A 91 3.10 16.04 1.13
N ASP A 92 1.98 15.36 0.90
CA ASP A 92 1.06 15.01 1.98
C ASP A 92 1.71 13.98 2.91
N ILE A 93 2.05 12.82 2.35
CA ILE A 93 2.67 11.77 3.14
C ILE A 93 4.03 12.19 3.67
N ALA A 94 4.66 13.15 2.98
CA ALA A 94 5.96 13.65 3.38
C ALA A 94 5.83 14.68 4.49
N GLU A 95 4.73 15.43 4.48
CA GLU A 95 4.48 16.46 5.48
C GLU A 95 3.83 15.85 6.72
N GLU A 96 3.15 14.72 6.54
CA GLU A 96 2.48 14.04 7.64
C GLU A 96 3.43 13.10 8.37
N LEU A 97 4.32 12.48 7.61
CA LEU A 97 5.29 11.54 8.18
C LEU A 97 6.45 12.30 8.82
N GLU A 98 6.70 13.52 8.34
CA GLU A 98 7.78 14.34 8.87
C GLU A 98 9.13 13.69 8.60
N LEU A 99 9.86 14.20 7.61
CA LEU A 99 11.17 13.67 7.25
C LEU A 99 12.03 14.75 6.60
N PRO A 100 13.35 14.53 6.61
CA PRO A 100 14.31 15.47 6.01
C PRO A 100 14.22 15.50 4.49
N PRO A 101 14.88 16.50 3.88
CA PRO A 101 14.90 16.66 2.43
C PRO A 101 15.70 15.56 1.73
N VAL A 102 16.65 14.99 2.45
CA VAL A 102 17.49 13.92 1.90
C VAL A 102 16.67 12.66 1.64
N LYS A 103 15.71 12.40 2.50
CA LYS A 103 14.84 11.22 2.35
C LYS A 103 13.49 11.61 1.78
N ILE A 104 13.47 12.68 0.99
CA ILE A 104 12.24 13.15 0.38
C ILE A 104 11.82 12.25 -0.77
N HIS A 105 12.79 11.64 -1.42
CA HIS A 105 12.53 10.74 -2.54
C HIS A 105 11.57 9.63 -2.13
N CYS A 106 11.62 9.26 -0.86
CA CYS A 106 10.75 8.20 -0.34
C CYS A 106 9.29 8.64 -0.35
N SER A 107 9.08 9.95 -0.42
CA SER A 107 7.72 10.50 -0.43
C SER A 107 7.13 10.46 -1.83
N ILE A 108 8.01 10.40 -2.84
CA ILE A 108 7.57 10.35 -4.23
C ILE A 108 7.32 8.92 -4.68
N LEU A 109 8.18 8.00 -4.24
CA LEU A 109 8.05 6.60 -4.60
C LEU A 109 6.71 6.03 -4.11
N ALA A 110 6.14 6.68 -3.10
CA ALA A 110 4.86 6.25 -2.56
C ALA A 110 3.73 6.46 -3.56
N GLU A 111 3.57 7.70 -4.01
CA GLU A 111 2.53 8.02 -4.97
C GLU A 111 2.55 7.05 -6.16
N ASP A 112 3.74 6.79 -6.68
CA ASP A 112 3.89 5.88 -7.81
C ASP A 112 3.25 4.54 -7.52
N ALA A 113 3.43 4.05 -6.29
CA ALA A 113 2.87 2.78 -5.88
C ALA A 113 1.34 2.84 -5.83
N ILE A 114 0.81 4.05 -5.72
CA ILE A 114 -0.63 4.25 -5.66
C ILE A 114 -1.26 4.09 -7.04
N LYS A 115 -0.88 4.96 -7.97
CA LYS A 115 -1.41 4.91 -9.33
C LYS A 115 -1.26 3.51 -9.91
N ALA A 116 -0.08 2.93 -9.78
CA ALA A 116 0.18 1.60 -10.30
C ALA A 116 -0.88 0.61 -9.83
N ALA A 117 -1.02 0.46 -8.52
CA ALA A 117 -2.00 -0.44 -7.94
C ALA A 117 -3.39 -0.19 -8.53
N ILE A 118 -3.65 1.06 -8.89
CA ILE A 118 -4.93 1.44 -9.47
C ILE A 118 -5.04 1.00 -10.92
N ALA A 119 -4.20 1.60 -11.77
CA ALA A 119 -4.19 1.26 -13.19
C ALA A 119 -4.02 -0.23 -13.41
N ASP A 120 -3.46 -0.91 -12.42
CA ASP A 120 -3.24 -2.35 -12.50
C ASP A 120 -4.54 -3.11 -12.26
N TYR A 121 -5.34 -2.61 -11.33
CA TYR A 121 -6.60 -3.25 -10.99
C TYR A 121 -7.58 -3.18 -12.17
N LYS A 122 -7.90 -1.96 -12.59
CA LYS A 122 -8.82 -1.76 -13.70
C LYS A 122 -8.28 -2.40 -14.98
N SER A 123 -6.99 -2.69 -14.99
CA SER A 123 -6.35 -3.31 -16.14
C SER A 123 -6.68 -4.80 -16.20
N LYS A 124 -6.85 -5.41 -15.03
CA LYS A 124 -7.17 -6.83 -14.95
C LYS A 124 -8.68 -7.06 -15.01
N ARG A 125 -9.45 -5.98 -14.82
CA ARG A 125 -10.90 -6.07 -14.86
C ARG A 125 -11.46 -5.23 -16.00
N GLU A 126 -10.59 -4.83 -16.92
CA GLU A 126 -11.01 -4.02 -18.06
C GLU A 126 -11.64 -4.89 -19.14
N ALA A 127 -11.67 -6.19 -18.90
CA ALA A 127 -12.26 -7.14 -19.85
C ALA A 127 -13.76 -6.96 -19.94
N LYS A 128 -14.22 -6.36 -21.04
CA LYS A 128 -15.64 -6.13 -21.25
C LYS A 128 -16.09 -6.67 -22.61
N MET A 1 4.35 10.45 35.52
CA MET A 1 5.49 10.58 34.61
C MET A 1 5.91 9.22 34.07
N ALA A 2 5.18 8.73 33.06
CA ALA A 2 5.48 7.45 32.46
C ALA A 2 5.92 7.61 31.00
N TYR A 3 6.40 6.52 30.41
CA TYR A 3 6.86 6.55 29.02
C TYR A 3 5.98 5.68 28.14
N SER A 4 5.80 6.10 26.89
CA SER A 4 4.98 5.36 25.94
C SER A 4 3.55 5.25 26.45
N GLU A 5 2.80 6.35 26.36
CA GLU A 5 1.42 6.38 26.80
C GLU A 5 0.59 5.31 26.08
N LYS A 6 0.71 5.28 24.75
CA LYS A 6 -0.03 4.31 23.94
C LYS A 6 -1.52 4.41 24.20
N VAL A 7 -2.18 5.38 23.57
CA VAL A 7 -3.61 5.57 23.72
C VAL A 7 -4.36 5.20 22.45
N ILE A 8 -3.67 5.29 21.32
CA ILE A 8 -4.27 4.96 20.03
C ILE A 8 -4.26 3.46 19.78
N ASP A 9 -5.27 2.77 20.31
CA ASP A 9 -5.38 1.32 20.14
C ASP A 9 -6.75 0.94 19.60
N HIS A 10 -6.95 1.15 18.31
CA HIS A 10 -8.23 0.83 17.67
C HIS A 10 -8.27 -0.64 17.26
N TYR A 11 -9.41 -1.28 17.48
CA TYR A 11 -9.58 -2.69 17.13
C TYR A 11 -8.54 -3.55 17.83
N GLU A 12 -8.53 -4.84 17.51
CA GLU A 12 -7.58 -5.78 18.12
C GLU A 12 -7.43 -7.02 17.26
N ASN A 13 -7.30 -6.82 15.95
CA ASN A 13 -7.14 -7.94 15.02
C ASN A 13 -6.24 -7.55 13.85
N PRO A 14 -4.94 -7.44 14.13
CA PRO A 14 -3.94 -7.07 13.12
C PRO A 14 -3.72 -8.18 12.10
N ARG A 15 -4.62 -8.26 11.14
CA ARG A 15 -4.53 -9.28 10.09
C ARG A 15 -4.90 -8.70 8.73
N ASN A 16 -4.45 -9.36 7.66
CA ASN A 16 -4.73 -8.91 6.30
C ASN A 16 -4.16 -7.51 6.07
N VAL A 17 -2.93 -7.29 6.53
CA VAL A 17 -2.26 -6.01 6.37
C VAL A 17 -0.81 -6.18 5.94
N GLY A 18 -0.52 -7.33 5.33
CA GLY A 18 0.84 -7.59 4.89
C GLY A 18 0.89 -8.09 3.46
N SER A 19 0.05 -9.07 3.14
CA SER A 19 0.00 -9.64 1.80
C SER A 19 -1.22 -10.54 1.63
N PHE A 20 -2.15 -10.09 0.79
CA PHE A 20 -3.37 -10.84 0.54
C PHE A 20 -3.49 -11.21 -0.95
N ASP A 21 -4.28 -12.24 -1.23
CA ASP A 21 -4.48 -12.68 -2.60
C ASP A 21 -3.15 -13.02 -3.26
N ASN A 22 -3.20 -13.39 -4.54
CA ASN A 22 -2.00 -13.74 -5.29
C ASN A 22 -1.95 -13.01 -6.63
N ASN A 23 -3.11 -12.98 -7.31
CA ASN A 23 -3.19 -12.32 -8.60
C ASN A 23 -4.61 -12.40 -9.15
N ASP A 24 -5.57 -11.86 -8.41
CA ASP A 24 -6.97 -11.86 -8.82
C ASP A 24 -7.24 -10.75 -9.82
N GLU A 25 -8.49 -10.67 -10.28
CA GLU A 25 -8.88 -9.65 -11.25
C GLU A 25 -9.28 -8.36 -10.55
N ASN A 26 -9.79 -8.48 -9.33
CA ASN A 26 -10.21 -7.32 -8.55
C ASN A 26 -9.02 -6.69 -7.84
N VAL A 27 -7.95 -7.46 -7.69
CA VAL A 27 -6.74 -6.97 -7.03
C VAL A 27 -5.80 -6.29 -8.02
N GLY A 28 -5.28 -5.13 -7.63
CA GLY A 28 -4.37 -4.40 -8.49
C GLY A 28 -2.92 -4.75 -8.25
N SER A 29 -2.15 -4.83 -9.32
CA SER A 29 -0.73 -5.18 -9.22
C SER A 29 0.15 -3.95 -9.46
N GLY A 30 1.11 -3.74 -8.57
CA GLY A 30 2.00 -2.60 -8.69
C GLY A 30 3.41 -2.91 -8.24
N MET A 31 4.40 -2.36 -8.94
CA MET A 31 5.79 -2.58 -8.61
C MET A 31 6.63 -1.35 -8.89
N VAL A 32 6.98 -0.61 -7.84
CA VAL A 32 7.77 0.61 -7.99
C VAL A 32 9.06 0.52 -7.17
N GLY A 33 10.19 0.71 -7.84
CA GLY A 33 11.48 0.64 -7.16
C GLY A 33 11.95 2.01 -6.68
N ALA A 34 12.88 2.01 -5.74
CA ALA A 34 13.41 3.25 -5.20
C ALA A 34 14.37 3.91 -6.18
N PRO A 35 14.60 5.22 -5.99
CA PRO A 35 15.50 6.00 -6.86
C PRO A 35 16.96 5.62 -6.66
N ALA A 36 17.24 4.87 -5.60
CA ALA A 36 18.60 4.44 -5.31
C ALA A 36 18.90 3.09 -5.97
N CYS A 37 18.58 2.98 -7.26
CA CYS A 37 18.81 1.76 -8.01
C CYS A 37 18.22 0.56 -7.28
N GLY A 38 17.04 0.75 -6.70
CA GLY A 38 16.39 -0.33 -5.97
C GLY A 38 15.08 -0.77 -6.63
N ASP A 39 14.62 -1.95 -6.27
CA ASP A 39 13.38 -2.49 -6.84
C ASP A 39 12.76 -3.50 -5.89
N VAL A 40 12.58 -3.11 -4.64
CA VAL A 40 11.97 -3.98 -3.63
C VAL A 40 10.66 -3.40 -3.12
N MET A 41 10.47 -2.10 -3.33
CA MET A 41 9.25 -1.43 -2.88
C MET A 41 8.04 -1.98 -3.63
N LYS A 42 7.17 -2.69 -2.91
CA LYS A 42 5.97 -3.27 -3.50
C LYS A 42 4.72 -2.78 -2.77
N LEU A 43 3.63 -2.64 -3.51
CA LEU A 43 2.37 -2.19 -2.94
C LEU A 43 1.18 -2.74 -3.72
N GLN A 44 0.34 -3.51 -3.05
CA GLN A 44 -0.84 -4.10 -3.69
C GLN A 44 -2.11 -3.73 -2.93
N ILE A 45 -3.18 -3.45 -3.66
CA ILE A 45 -4.45 -3.09 -3.05
C ILE A 45 -5.55 -4.08 -3.45
N LYS A 46 -6.71 -3.94 -2.83
CA LYS A 46 -7.84 -4.82 -3.11
C LYS A 46 -9.10 -4.01 -3.41
N VAL A 47 -9.55 -4.07 -4.66
CA VAL A 47 -10.75 -3.35 -5.07
C VAL A 47 -12.00 -4.21 -4.95
N ASN A 48 -13.11 -3.61 -4.56
CA ASN A 48 -14.36 -4.32 -4.41
C ASN A 48 -15.22 -4.20 -5.66
N ASP A 49 -16.45 -4.69 -5.58
CA ASP A 49 -17.38 -4.62 -6.71
C ASP A 49 -17.81 -3.18 -6.99
N GLU A 50 -17.67 -2.33 -5.98
CA GLU A 50 -18.05 -0.93 -6.10
C GLU A 50 -16.90 -0.10 -6.68
N GLY A 51 -15.78 -0.78 -6.98
CA GLY A 51 -14.64 -0.09 -7.53
C GLY A 51 -13.93 0.79 -6.51
N ILE A 52 -13.96 0.37 -5.25
CA ILE A 52 -13.32 1.12 -4.17
C ILE A 52 -12.30 0.27 -3.44
N ILE A 53 -11.29 0.93 -2.88
CA ILE A 53 -10.24 0.24 -2.14
C ILE A 53 -10.77 -0.34 -0.83
N GLU A 54 -10.85 -1.66 -0.76
CA GLU A 54 -11.34 -2.34 0.44
C GLU A 54 -10.18 -2.77 1.34
N ASP A 55 -9.03 -3.03 0.72
CA ASP A 55 -7.85 -3.45 1.47
C ASP A 55 -6.58 -2.87 0.84
N ALA A 56 -5.46 -3.05 1.54
CA ALA A 56 -4.18 -2.54 1.05
C ALA A 56 -3.01 -3.28 1.71
N ARG A 57 -1.89 -3.33 1.01
CA ARG A 57 -0.70 -4.01 1.52
C ARG A 57 0.57 -3.44 0.89
N PHE A 58 1.68 -3.56 1.60
CA PHE A 58 2.96 -3.05 1.12
C PHE A 58 4.11 -3.92 1.60
N LYS A 59 5.31 -3.63 1.12
CA LYS A 59 6.50 -4.39 1.51
C LYS A 59 7.55 -3.47 2.12
N THR A 60 8.58 -4.08 2.71
CA THR A 60 9.65 -3.32 3.34
C THR A 60 9.13 -2.51 4.53
N TYR A 61 9.51 -2.94 5.73
CA TYR A 61 9.08 -2.27 6.95
C TYR A 61 10.27 -1.62 7.66
N GLY A 62 11.30 -1.28 6.89
CA GLY A 62 12.47 -0.66 7.46
C GLY A 62 12.33 0.85 7.59
N CYS A 63 13.06 1.59 6.76
CA CYS A 63 13.01 3.04 6.79
C CYS A 63 13.37 3.57 8.18
N GLY A 64 14.53 3.16 8.68
CA GLY A 64 14.97 3.59 9.99
C GLY A 64 15.84 2.57 10.68
N SER A 65 15.69 1.30 10.30
CA SER A 65 16.47 0.22 10.90
C SER A 65 16.19 0.10 12.39
N ALA A 66 14.91 -0.01 12.74
CA ALA A 66 14.50 -0.14 14.13
C ALA A 66 13.00 -0.41 14.24
N ILE A 67 12.50 -1.31 13.40
CA ILE A 67 11.10 -1.65 13.40
C ILE A 67 10.21 -0.42 13.32
N ALA A 68 9.94 0.03 12.09
CA ALA A 68 9.11 1.21 11.87
C ALA A 68 7.74 0.83 11.34
N SER A 69 7.71 -0.03 10.33
CA SER A 69 6.46 -0.48 9.73
C SER A 69 5.64 0.72 9.24
N SER A 70 6.04 1.28 8.10
CA SER A 70 5.34 2.41 7.53
C SER A 70 4.17 1.96 6.66
N SER A 71 3.05 1.66 7.31
CA SER A 71 1.85 1.22 6.60
C SER A 71 0.85 2.35 6.45
N LEU A 72 1.35 3.57 6.43
CA LEU A 72 0.50 4.76 6.29
C LEU A 72 -0.26 4.73 4.96
N VAL A 73 0.47 4.55 3.88
CA VAL A 73 -0.13 4.49 2.55
C VAL A 73 -1.22 3.42 2.47
N THR A 74 -0.88 2.22 2.95
CA THR A 74 -1.83 1.11 2.94
C THR A 74 -3.09 1.46 3.72
N GLU A 75 -2.99 2.43 4.61
CA GLU A 75 -4.12 2.86 5.41
C GLU A 75 -4.86 4.01 4.74
N TRP A 76 -4.11 4.82 4.01
CA TRP A 76 -4.70 5.98 3.32
C TRP A 76 -5.66 5.52 2.23
N VAL A 77 -5.23 4.54 1.44
CA VAL A 77 -6.06 4.02 0.35
C VAL A 77 -7.19 3.15 0.90
N LYS A 78 -6.90 2.42 1.98
CA LYS A 78 -7.89 1.55 2.60
C LYS A 78 -9.13 2.34 3.02
N GLY A 79 -10.16 2.31 2.18
CA GLY A 79 -11.38 3.02 2.49
C GLY A 79 -11.65 4.16 1.53
N LYS A 80 -10.65 4.47 0.69
CA LYS A 80 -10.79 5.55 -0.28
C LYS A 80 -10.94 4.99 -1.69
N SER A 81 -11.51 5.80 -2.58
CA SER A 81 -11.72 5.38 -3.97
C SER A 81 -10.47 5.66 -4.80
N LEU A 82 -10.25 4.83 -5.82
CA LEU A 82 -9.10 4.99 -6.70
C LEU A 82 -8.97 6.43 -7.18
N ASP A 83 -10.10 7.04 -7.52
CA ASP A 83 -10.12 8.42 -7.99
C ASP A 83 -9.45 9.34 -6.97
N GLU A 84 -9.70 9.08 -5.69
CA GLU A 84 -9.13 9.89 -4.62
C GLU A 84 -7.68 9.51 -4.37
N ALA A 85 -7.42 8.21 -4.28
CA ALA A 85 -6.07 7.71 -4.02
C ALA A 85 -5.11 8.17 -5.11
N GLN A 86 -5.67 8.56 -6.26
CA GLN A 86 -4.85 9.03 -7.38
C GLN A 86 -4.51 10.50 -7.23
N ALA A 87 -5.22 11.18 -6.32
CA ALA A 87 -4.99 12.60 -6.07
C ALA A 87 -4.01 12.81 -4.94
N ILE A 88 -3.61 11.72 -4.29
CA ILE A 88 -2.67 11.80 -3.18
C ILE A 88 -1.40 12.53 -3.59
N LYS A 89 -0.75 13.17 -2.62
CA LYS A 89 0.48 13.90 -2.88
C LYS A 89 1.57 13.49 -1.90
N ASN A 90 2.76 13.21 -2.43
CA ASN A 90 3.89 12.81 -1.60
C ASN A 90 4.09 13.77 -0.44
N THR A 91 4.03 15.07 -0.73
CA THR A 91 4.21 16.10 0.29
C THR A 91 3.40 15.77 1.54
N ASP A 92 2.23 15.15 1.34
CA ASP A 92 1.37 14.78 2.45
C ASP A 92 2.01 13.71 3.32
N ILE A 93 2.24 12.54 2.73
CA ILE A 93 2.85 11.43 3.45
C ILE A 93 4.25 11.80 3.95
N ALA A 94 4.87 12.76 3.28
CA ALA A 94 6.21 13.21 3.65
C ALA A 94 6.15 14.20 4.81
N GLU A 95 5.09 15.01 4.83
CA GLU A 95 4.91 16.01 5.89
C GLU A 95 4.25 15.39 7.11
N GLU A 96 3.57 14.26 6.91
CA GLU A 96 2.89 13.57 8.00
C GLU A 96 3.87 12.75 8.82
N LEU A 97 4.89 12.21 8.15
CA LEU A 97 5.90 11.40 8.82
C LEU A 97 7.00 12.28 9.41
N GLU A 98 7.13 13.49 8.88
CA GLU A 98 8.13 14.42 9.36
C GLU A 98 9.54 13.88 9.11
N LEU A 99 9.69 13.08 8.05
CA LEU A 99 10.98 12.50 7.70
C LEU A 99 11.90 13.54 7.08
N PRO A 100 13.21 13.26 7.11
CA PRO A 100 14.23 14.17 6.56
C PRO A 100 14.17 14.24 5.04
N PRO A 101 14.90 15.21 4.46
CA PRO A 101 14.94 15.40 3.00
C PRO A 101 15.70 14.28 2.29
N VAL A 102 16.61 13.63 3.02
CA VAL A 102 17.40 12.54 2.47
C VAL A 102 16.53 11.34 2.16
N LYS A 103 15.59 11.04 3.05
CA LYS A 103 14.68 9.92 2.87
C LYS A 103 13.34 10.37 2.33
N ILE A 104 13.34 11.50 1.62
CA ILE A 104 12.12 12.05 1.03
C ILE A 104 11.63 11.18 -0.11
N HIS A 105 12.54 10.46 -0.74
CA HIS A 105 12.19 9.58 -1.86
C HIS A 105 11.10 8.59 -1.46
N CYS A 106 11.06 8.25 -0.17
CA CYS A 106 10.08 7.31 0.34
C CYS A 106 8.67 7.90 0.23
N SER A 107 8.59 9.21 0.07
CA SER A 107 7.31 9.89 -0.04
C SER A 107 6.83 9.91 -1.48
N ILE A 108 7.77 9.82 -2.41
CA ILE A 108 7.45 9.83 -3.83
C ILE A 108 7.12 8.42 -4.33
N LEU A 109 7.97 7.46 -3.98
CA LEU A 109 7.77 6.07 -4.38
C LEU A 109 6.37 5.60 -4.03
N ALA A 110 5.82 6.17 -2.95
CA ALA A 110 4.47 5.81 -2.50
C ALA A 110 3.43 6.10 -3.58
N GLU A 111 3.45 7.32 -4.09
CA GLU A 111 2.51 7.72 -5.14
C GLU A 111 2.52 6.74 -6.29
N ASP A 112 3.71 6.48 -6.83
CA ASP A 112 3.85 5.54 -7.95
C ASP A 112 3.18 4.22 -7.65
N ALA A 113 3.46 3.67 -6.47
CA ALA A 113 2.89 2.40 -6.05
C ALA A 113 1.37 2.47 -6.03
N ILE A 114 0.84 3.69 -5.88
CA ILE A 114 -0.60 3.90 -5.84
C ILE A 114 -1.19 4.01 -7.24
N LYS A 115 -0.61 4.90 -8.04
CA LYS A 115 -1.07 5.11 -9.42
C LYS A 115 -0.94 3.83 -10.23
N ALA A 116 -0.11 2.90 -9.75
CA ALA A 116 0.10 1.64 -10.42
C ALA A 116 -1.00 0.64 -10.09
N ALA A 117 -1.14 0.33 -8.80
CA ALA A 117 -2.17 -0.61 -8.35
C ALA A 117 -3.54 -0.24 -8.91
N ILE A 118 -3.75 1.05 -9.14
CA ILE A 118 -5.02 1.53 -9.67
C ILE A 118 -5.15 1.19 -11.16
N ALA A 119 -4.28 1.77 -11.97
CA ALA A 119 -4.30 1.53 -13.41
C ALA A 119 -4.20 0.03 -13.72
N ASP A 120 -3.67 -0.72 -12.77
CA ASP A 120 -3.51 -2.17 -12.93
C ASP A 120 -4.85 -2.88 -12.72
N TYR A 121 -5.64 -2.37 -11.78
CA TYR A 121 -6.94 -2.97 -11.48
C TYR A 121 -7.91 -2.78 -12.63
N LYS A 122 -8.18 -1.52 -12.97
CA LYS A 122 -9.08 -1.21 -14.06
C LYS A 122 -8.60 -1.81 -15.38
N SER A 123 -7.32 -2.16 -15.42
CA SER A 123 -6.73 -2.75 -16.61
C SER A 123 -7.10 -4.22 -16.74
N LYS A 124 -7.29 -4.88 -15.59
CA LYS A 124 -7.66 -6.28 -15.57
C LYS A 124 -9.17 -6.46 -15.61
N ARG A 125 -9.88 -5.36 -15.37
CA ARG A 125 -11.35 -5.39 -15.37
C ARG A 125 -11.90 -4.50 -16.48
N GLU A 126 -11.04 -4.09 -17.40
CA GLU A 126 -11.45 -3.22 -18.50
C GLU A 126 -12.10 -4.04 -19.61
N ALA A 127 -12.17 -5.35 -19.41
CA ALA A 127 -12.78 -6.24 -20.39
C ALA A 127 -14.30 -6.19 -20.33
N LYS A 128 -14.90 -5.57 -21.33
CA LYS A 128 -16.36 -5.44 -21.39
C LYS A 128 -16.84 -5.27 -22.83
N MET A 1 -12.55 -32.82 34.65
CA MET A 1 -11.72 -31.95 33.81
C MET A 1 -12.60 -31.14 32.86
N ALA A 2 -13.28 -30.14 33.41
CA ALA A 2 -14.14 -29.28 32.60
C ALA A 2 -15.28 -30.07 31.98
N TYR A 3 -16.06 -29.42 31.13
CA TYR A 3 -17.18 -30.07 30.47
C TYR A 3 -17.48 -29.41 29.13
N SER A 4 -17.71 -28.10 29.16
CA SER A 4 -18.00 -27.34 27.94
C SER A 4 -17.40 -25.95 28.00
N GLU A 5 -17.55 -25.20 26.92
CA GLU A 5 -17.02 -23.84 26.85
C GLU A 5 -17.51 -23.12 25.60
N LYS A 6 -17.92 -21.86 25.76
CA LYS A 6 -18.41 -21.07 24.64
C LYS A 6 -17.53 -19.84 24.42
N VAL A 7 -17.27 -19.53 23.16
CA VAL A 7 -16.44 -18.37 22.81
C VAL A 7 -16.70 -17.91 21.39
N ILE A 8 -16.92 -16.62 21.21
CA ILE A 8 -17.19 -16.05 19.90
C ILE A 8 -16.17 -14.97 19.55
N ASP A 9 -15.72 -14.97 18.29
CA ASP A 9 -14.74 -13.99 17.84
C ASP A 9 -15.42 -12.67 17.51
N HIS A 10 -14.79 -11.57 17.92
CA HIS A 10 -15.33 -10.24 17.68
C HIS A 10 -14.68 -9.61 16.45
N TYR A 11 -14.76 -10.31 15.32
CA TYR A 11 -14.18 -9.81 14.08
C TYR A 11 -12.68 -9.62 14.21
N GLU A 12 -11.91 -10.62 13.79
CA GLU A 12 -10.45 -10.56 13.87
C GLU A 12 -9.82 -11.22 12.65
N ASN A 13 -9.21 -10.40 11.80
CA ASN A 13 -8.55 -10.90 10.59
C ASN A 13 -7.30 -11.69 10.94
N PRO A 14 -6.84 -12.52 9.98
CA PRO A 14 -5.65 -13.34 10.16
C PRO A 14 -4.37 -12.52 10.19
N ARG A 15 -4.27 -11.56 9.27
CA ARG A 15 -3.10 -10.70 9.18
C ARG A 15 -3.49 -9.24 9.32
N ASN A 16 -4.09 -8.69 8.26
CA ASN A 16 -4.51 -7.29 8.26
C ASN A 16 -3.31 -6.36 8.39
N VAL A 17 -2.14 -6.85 7.99
CA VAL A 17 -0.92 -6.07 8.05
C VAL A 17 0.27 -6.85 7.52
N GLY A 18 0.76 -6.46 6.35
CA GLY A 18 1.89 -7.14 5.75
C GLY A 18 1.56 -7.78 4.42
N SER A 19 2.37 -8.74 4.00
CA SER A 19 2.15 -9.42 2.73
C SER A 19 1.12 -10.53 2.87
N PHE A 20 -0.02 -10.37 2.20
CA PHE A 20 -1.09 -11.36 2.26
C PHE A 20 -0.63 -12.69 1.68
N ASP A 21 -1.55 -13.64 1.62
CA ASP A 21 -1.24 -14.96 1.08
C ASP A 21 -1.89 -15.17 -0.29
N ASN A 22 -1.11 -15.72 -1.22
CA ASN A 22 -1.61 -15.96 -2.57
C ASN A 22 -2.00 -14.65 -3.25
N ASN A 23 -2.30 -14.73 -4.54
CA ASN A 23 -2.69 -13.55 -5.30
C ASN A 23 -4.14 -13.65 -5.77
N ASP A 24 -4.93 -12.64 -5.46
CA ASP A 24 -6.34 -12.62 -5.84
C ASP A 24 -6.53 -11.82 -7.12
N GLU A 25 -7.78 -11.76 -7.59
CA GLU A 25 -8.11 -11.03 -8.81
C GLU A 25 -8.58 -9.62 -8.50
N ASN A 26 -8.92 -9.39 -7.23
CA ASN A 26 -9.39 -8.07 -6.80
C ASN A 26 -8.24 -7.23 -6.26
N VAL A 27 -7.04 -7.77 -6.32
CA VAL A 27 -5.85 -7.07 -5.84
C VAL A 27 -5.22 -6.21 -6.93
N GLY A 28 -4.59 -5.13 -6.53
CA GLY A 28 -3.96 -4.24 -7.50
C GLY A 28 -2.47 -4.48 -7.62
N SER A 29 -1.93 -4.27 -8.81
CA SER A 29 -0.51 -4.47 -9.07
C SER A 29 0.23 -3.13 -9.11
N GLY A 30 1.19 -2.97 -8.20
CA GLY A 30 1.96 -1.74 -8.15
C GLY A 30 3.38 -1.96 -7.66
N MET A 31 4.36 -1.52 -8.46
CA MET A 31 5.76 -1.67 -8.10
C MET A 31 6.58 -0.50 -8.60
N VAL A 32 6.93 0.41 -7.68
CA VAL A 32 7.71 1.59 -8.04
C VAL A 32 9.08 1.54 -7.39
N GLY A 33 10.13 1.61 -8.21
CA GLY A 33 11.48 1.58 -7.70
C GLY A 33 12.11 2.96 -7.62
N ALA A 34 13.27 3.04 -6.98
CA ALA A 34 13.97 4.31 -6.83
C ALA A 34 14.19 4.97 -8.19
N PRO A 35 14.45 6.29 -8.17
CA PRO A 35 14.69 7.06 -9.39
C PRO A 35 16.02 6.72 -10.05
N ALA A 36 17.05 6.54 -9.23
CA ALA A 36 18.38 6.21 -9.74
C ALA A 36 19.35 5.95 -8.60
N CYS A 37 18.92 5.15 -7.63
CA CYS A 37 19.76 4.82 -6.47
C CYS A 37 19.76 3.33 -6.22
N GLY A 38 18.66 2.82 -5.67
CA GLY A 38 18.57 1.40 -5.37
C GLY A 38 17.41 1.08 -4.45
N ASP A 39 17.24 -0.20 -4.13
CA ASP A 39 16.16 -0.64 -3.26
C ASP A 39 14.81 -0.14 -3.76
N VAL A 40 14.16 -0.94 -4.59
CA VAL A 40 12.87 -0.59 -5.16
C VAL A 40 11.79 -0.58 -4.08
N MET A 41 10.57 -0.24 -4.48
CA MET A 41 9.45 -0.20 -3.54
C MET A 41 8.21 -0.85 -4.16
N LYS A 42 7.82 -1.99 -3.62
CA LYS A 42 6.64 -2.71 -4.11
C LYS A 42 5.39 -2.32 -3.32
N LEU A 43 4.54 -1.51 -3.93
CA LEU A 43 3.31 -1.07 -3.28
C LEU A 43 2.08 -1.70 -3.95
N GLN A 44 1.40 -2.56 -3.21
CA GLN A 44 0.21 -3.24 -3.72
C GLN A 44 -0.99 -2.98 -2.82
N ILE A 45 -2.17 -2.84 -3.43
CA ILE A 45 -3.39 -2.60 -2.68
C ILE A 45 -4.41 -3.70 -2.93
N LYS A 46 -5.45 -3.73 -2.09
CA LYS A 46 -6.50 -4.74 -2.22
C LYS A 46 -7.85 -4.07 -2.45
N VAL A 47 -8.46 -4.35 -3.61
CA VAL A 47 -9.75 -3.77 -3.94
C VAL A 47 -10.87 -4.79 -3.70
N ASN A 48 -12.02 -4.29 -3.24
CA ASN A 48 -13.16 -5.16 -2.97
C ASN A 48 -14.10 -5.19 -4.17
N ASP A 49 -15.25 -5.85 -3.99
CA ASP A 49 -16.23 -5.96 -5.06
C ASP A 49 -16.85 -4.60 -5.38
N GLU A 50 -16.79 -3.68 -4.41
CA GLU A 50 -17.33 -2.35 -4.59
C GLU A 50 -16.34 -1.43 -5.31
N GLY A 51 -15.15 -1.96 -5.55
CA GLY A 51 -14.12 -1.18 -6.23
C GLY A 51 -13.45 -0.18 -5.33
N ILE A 52 -13.34 -0.52 -4.05
CA ILE A 52 -12.72 0.36 -3.07
C ILE A 52 -11.54 -0.33 -2.37
N ILE A 53 -10.57 0.46 -1.92
CA ILE A 53 -9.41 -0.07 -1.23
C ILE A 53 -9.79 -0.61 0.14
N GLU A 54 -9.79 -1.93 0.27
CA GLU A 54 -10.13 -2.57 1.53
C GLU A 54 -8.88 -2.83 2.36
N ASP A 55 -7.75 -2.99 1.69
CA ASP A 55 -6.49 -3.25 2.36
C ASP A 55 -5.33 -2.58 1.63
N ALA A 56 -4.17 -2.54 2.27
CA ALA A 56 -2.99 -1.93 1.66
C ALA A 56 -1.73 -2.72 2.01
N ARG A 57 -0.74 -2.66 1.12
CA ARG A 57 0.51 -3.38 1.32
C ARG A 57 1.71 -2.46 1.12
N PHE A 58 2.86 -2.86 1.63
CA PHE A 58 4.07 -2.06 1.50
C PHE A 58 5.32 -2.91 1.80
N LYS A 59 6.41 -2.59 1.12
CA LYS A 59 7.66 -3.32 1.30
C LYS A 59 8.84 -2.36 1.40
N THR A 60 9.51 -2.37 2.55
CA THR A 60 10.66 -1.50 2.77
C THR A 60 11.47 -1.95 3.98
N TYR A 61 10.87 -1.82 5.17
CA TYR A 61 11.54 -2.22 6.40
C TYR A 61 10.56 -2.91 7.35
N GLY A 62 11.08 -3.84 8.14
CA GLY A 62 10.24 -4.56 9.08
C GLY A 62 10.80 -5.93 9.42
N CYS A 63 9.92 -6.93 9.47
CA CYS A 63 10.34 -8.29 9.80
C CYS A 63 11.12 -8.34 11.10
N GLY A 64 10.40 -8.41 12.22
CA GLY A 64 11.04 -8.45 13.52
C GLY A 64 10.15 -7.92 14.62
N SER A 65 10.36 -8.40 15.83
CA SER A 65 9.57 -7.97 16.99
C SER A 65 8.09 -8.35 16.80
N ALA A 66 7.29 -8.07 17.81
CA ALA A 66 5.87 -8.37 17.76
C ALA A 66 5.03 -7.09 17.69
N ILE A 67 5.57 -6.08 17.01
CA ILE A 67 4.88 -4.81 16.87
C ILE A 67 5.16 -4.18 15.51
N ALA A 68 5.11 -4.99 14.46
CA ALA A 68 5.35 -4.52 13.10
C ALA A 68 4.39 -3.40 12.74
N SER A 69 4.95 -2.23 12.41
CA SER A 69 4.13 -1.07 12.05
C SER A 69 3.68 -1.17 10.59
N SER A 70 3.03 -0.11 10.12
CA SER A 70 2.53 -0.08 8.75
C SER A 70 2.90 1.24 8.07
N SER A 71 3.13 1.19 6.76
CA SER A 71 3.49 2.37 5.99
C SER A 71 2.50 3.51 6.25
N LEU A 72 2.88 4.71 5.85
CA LEU A 72 2.03 5.88 6.03
C LEU A 72 1.02 6.00 4.90
N VAL A 73 1.36 5.43 3.74
CA VAL A 73 0.49 5.47 2.58
C VAL A 73 -0.54 4.34 2.62
N THR A 74 -0.14 3.20 3.19
CA THR A 74 -1.02 2.05 3.29
C THR A 74 -2.29 2.40 4.07
N GLU A 75 -2.21 3.46 4.87
CA GLU A 75 -3.35 3.89 5.67
C GLU A 75 -4.14 4.98 4.95
N TRP A 76 -3.47 5.68 4.04
CA TRP A 76 -4.12 6.75 3.28
C TRP A 76 -5.07 6.19 2.24
N VAL A 77 -4.71 5.04 1.68
CA VAL A 77 -5.52 4.39 0.66
C VAL A 77 -6.59 3.49 1.30
N LYS A 78 -6.21 2.85 2.40
CA LYS A 78 -7.13 1.95 3.11
C LYS A 78 -8.42 2.68 3.47
N GLY A 79 -9.54 2.11 3.06
CA GLY A 79 -10.83 2.72 3.36
C GLY A 79 -11.19 3.82 2.39
N LYS A 80 -10.27 4.11 1.46
CA LYS A 80 -10.50 5.15 0.46
C LYS A 80 -10.67 4.55 -0.92
N SER A 81 -11.46 5.21 -1.76
CA SER A 81 -11.71 4.74 -3.12
C SER A 81 -10.57 5.15 -4.06
N LEU A 82 -10.32 4.32 -5.06
CA LEU A 82 -9.26 4.60 -6.02
C LEU A 82 -9.38 6.03 -6.56
N ASP A 83 -10.60 6.43 -6.91
CA ASP A 83 -10.84 7.77 -7.43
C ASP A 83 -10.24 8.82 -6.52
N GLU A 84 -10.28 8.57 -5.21
CA GLU A 84 -9.74 9.51 -4.23
C GLU A 84 -8.23 9.30 -4.06
N ALA A 85 -7.82 8.05 -3.93
CA ALA A 85 -6.41 7.73 -3.77
C ALA A 85 -5.59 8.20 -4.96
N GLN A 86 -6.27 8.44 -6.09
CA GLN A 86 -5.60 8.89 -7.30
C GLN A 86 -5.32 10.39 -7.23
N ALA A 87 -5.97 11.07 -6.29
CA ALA A 87 -5.78 12.51 -6.11
C ALA A 87 -4.64 12.81 -5.16
N ILE A 88 -4.11 11.76 -4.53
CA ILE A 88 -3.01 11.91 -3.59
C ILE A 88 -1.83 12.65 -4.24
N LYS A 89 -1.09 13.38 -3.41
CA LYS A 89 0.07 14.13 -3.89
C LYS A 89 1.31 13.83 -3.07
N ASN A 90 2.43 13.59 -3.74
CA ASN A 90 3.68 13.29 -3.06
C ASN A 90 3.93 14.25 -1.92
N THR A 91 3.71 15.53 -2.17
CA THR A 91 3.90 16.56 -1.15
C THR A 91 3.25 16.16 0.17
N ASP A 92 2.04 15.61 0.08
CA ASP A 92 1.30 15.19 1.26
C ASP A 92 2.12 14.19 2.07
N ILE A 93 2.61 13.15 1.41
CA ILE A 93 3.41 12.14 2.08
C ILE A 93 4.79 12.67 2.45
N ALA A 94 5.22 13.73 1.77
CA ALA A 94 6.50 14.34 2.03
C ALA A 94 6.47 15.21 3.28
N GLU A 95 5.37 15.95 3.44
CA GLU A 95 5.20 16.83 4.59
C GLU A 95 4.66 16.06 5.79
N GLU A 96 3.81 15.08 5.51
CA GLU A 96 3.21 14.27 6.58
C GLU A 96 4.28 13.44 7.28
N LEU A 97 5.18 12.85 6.50
CA LEU A 97 6.25 12.04 7.05
C LEU A 97 7.47 12.88 7.40
N GLU A 98 7.53 14.08 6.82
CA GLU A 98 8.64 14.99 7.07
C GLU A 98 9.97 14.35 6.67
N LEU A 99 10.46 14.70 5.49
CA LEU A 99 11.71 14.17 4.97
C LEU A 99 12.58 15.27 4.39
N PRO A 100 13.89 15.00 4.27
CA PRO A 100 14.85 15.96 3.72
C PRO A 100 14.65 16.18 2.22
N PRO A 101 15.27 17.25 1.70
CA PRO A 101 15.18 17.61 0.28
C PRO A 101 15.93 16.62 -0.62
N VAL A 102 17.02 16.07 -0.09
CA VAL A 102 17.82 15.11 -0.83
C VAL A 102 17.10 13.77 -0.98
N LYS A 103 16.35 13.40 0.06
CA LYS A 103 15.60 12.14 0.04
C LYS A 103 14.13 12.39 -0.29
N ILE A 104 13.87 13.51 -0.96
CA ILE A 104 12.51 13.87 -1.34
C ILE A 104 12.04 13.03 -2.54
N HIS A 105 12.99 12.51 -3.30
CA HIS A 105 12.69 11.70 -4.47
C HIS A 105 11.83 10.50 -4.08
N CYS A 106 11.99 10.04 -2.84
CA CYS A 106 11.23 8.90 -2.35
C CYS A 106 9.78 9.27 -2.11
N SER A 107 9.51 10.57 -2.01
CA SER A 107 8.16 11.06 -1.78
C SER A 107 7.36 11.09 -3.09
N ILE A 108 8.07 11.29 -4.19
CA ILE A 108 7.42 11.35 -5.51
C ILE A 108 7.01 9.95 -5.98
N LEU A 109 7.71 8.94 -5.48
CA LEU A 109 7.41 7.55 -5.84
C LEU A 109 6.19 7.04 -5.08
N ALA A 110 5.95 7.61 -3.90
CA ALA A 110 4.81 7.21 -3.09
C ALA A 110 3.52 7.29 -3.88
N GLU A 111 3.15 8.50 -4.29
CA GLU A 111 1.92 8.72 -5.06
C GLU A 111 1.90 7.83 -6.30
N ASP A 112 3.05 7.73 -6.97
CA ASP A 112 3.16 6.91 -8.17
C ASP A 112 2.72 5.47 -7.89
N ALA A 113 3.12 4.95 -6.75
CA ALA A 113 2.78 3.59 -6.36
C ALA A 113 1.27 3.45 -6.14
N ILE A 114 0.61 4.57 -5.88
CA ILE A 114 -0.83 4.57 -5.65
C ILE A 114 -1.60 4.59 -6.98
N LYS A 115 -0.99 5.17 -8.00
CA LYS A 115 -1.61 5.24 -9.32
C LYS A 115 -1.38 3.96 -10.10
N ALA A 116 -0.39 3.17 -9.68
CA ALA A 116 -0.07 1.92 -10.33
C ALA A 116 -1.02 0.81 -9.88
N ALA A 117 -1.03 0.53 -8.59
CA ALA A 117 -1.88 -0.50 -8.03
C ALA A 117 -3.33 -0.32 -8.47
N ILE A 118 -3.72 0.93 -8.70
CA ILE A 118 -5.07 1.25 -9.12
C ILE A 118 -5.27 0.92 -10.60
N ALA A 119 -4.55 1.64 -11.46
CA ALA A 119 -4.66 1.42 -12.90
C ALA A 119 -4.45 -0.06 -13.25
N ASP A 120 -3.71 -0.76 -12.41
CA ASP A 120 -3.44 -2.17 -12.63
C ASP A 120 -4.66 -3.02 -12.27
N TYR A 121 -5.38 -2.59 -11.23
CA TYR A 121 -6.57 -3.32 -10.78
C TYR A 121 -7.66 -3.27 -11.84
N LYS A 122 -8.05 -2.07 -12.23
CA LYS A 122 -9.08 -1.88 -13.24
C LYS A 122 -8.63 -2.44 -14.59
N SER A 123 -7.33 -2.62 -14.75
CA SER A 123 -6.78 -3.14 -15.99
C SER A 123 -6.85 -4.67 -16.02
N LYS A 124 -6.62 -5.28 -14.87
CA LYS A 124 -6.66 -6.74 -14.76
C LYS A 124 -8.09 -7.22 -14.50
N ARG A 125 -8.94 -6.32 -14.05
CA ARG A 125 -10.33 -6.65 -13.77
C ARG A 125 -11.05 -7.09 -15.04
N GLU A 126 -10.60 -6.58 -16.17
CA GLU A 126 -11.20 -6.91 -17.46
C GLU A 126 -10.47 -8.07 -18.13
N ALA A 127 -9.73 -8.84 -17.32
CA ALA A 127 -8.97 -9.97 -17.83
C ALA A 127 -9.90 -11.04 -18.40
N LYS A 128 -10.13 -10.99 -19.71
CA LYS A 128 -10.99 -11.95 -20.38
C LYS A 128 -10.29 -13.29 -20.56
N MET A 1 -52.46 3.32 9.14
CA MET A 1 -51.89 2.01 8.85
C MET A 1 -50.60 1.79 9.63
N ALA A 2 -50.12 0.55 9.63
CA ALA A 2 -48.89 0.22 10.34
C ALA A 2 -48.18 -0.97 9.68
N TYR A 3 -46.94 -0.77 9.28
CA TYR A 3 -46.16 -1.82 8.64
C TYR A 3 -44.68 -1.45 8.59
N SER A 4 -44.35 -0.42 7.82
CA SER A 4 -42.97 0.03 7.68
C SER A 4 -42.10 -1.06 7.07
N GLU A 5 -40.84 -0.74 6.82
CA GLU A 5 -39.90 -1.69 6.23
C GLU A 5 -39.04 -2.34 7.30
N LYS A 6 -38.40 -3.44 6.96
CA LYS A 6 -37.54 -4.16 7.89
C LYS A 6 -36.48 -4.98 7.14
N VAL A 7 -35.74 -4.31 6.28
CA VAL A 7 -34.69 -4.97 5.49
C VAL A 7 -33.32 -4.40 5.83
N ILE A 8 -32.43 -5.25 6.31
CA ILE A 8 -31.08 -4.83 6.67
C ILE A 8 -30.08 -5.98 6.53
N ASP A 9 -28.80 -5.65 6.47
CA ASP A 9 -27.75 -6.66 6.35
C ASP A 9 -26.63 -6.39 7.33
N HIS A 10 -25.64 -7.28 7.36
CA HIS A 10 -24.50 -7.15 8.26
C HIS A 10 -23.19 -7.34 7.51
N TYR A 11 -22.19 -6.54 7.86
CA TYR A 11 -20.88 -6.63 7.22
C TYR A 11 -19.81 -7.08 8.21
N GLU A 12 -18.70 -7.59 7.68
CA GLU A 12 -17.60 -8.05 8.52
C GLU A 12 -16.75 -6.88 9.01
N ASN A 13 -16.23 -7.01 10.22
CA ASN A 13 -15.39 -5.96 10.80
C ASN A 13 -14.01 -5.93 10.15
N PRO A 14 -13.32 -4.81 10.29
CA PRO A 14 -11.97 -4.62 9.72
C PRO A 14 -10.92 -5.48 10.43
N ARG A 15 -10.12 -6.19 9.64
CA ARG A 15 -9.08 -7.05 10.19
C ARG A 15 -7.78 -6.27 10.38
N ASN A 16 -7.58 -5.25 9.55
CA ASN A 16 -6.37 -4.43 9.61
C ASN A 16 -5.13 -5.29 9.46
N VAL A 17 -5.11 -6.12 8.42
CA VAL A 17 -3.97 -6.99 8.15
C VAL A 17 -2.75 -6.20 7.70
N GLY A 18 -2.83 -5.63 6.51
CA GLY A 18 -1.73 -4.85 5.98
C GLY A 18 -0.57 -5.71 5.53
N SER A 19 -0.86 -6.95 5.16
CA SER A 19 0.17 -7.88 4.72
C SER A 19 -0.46 -9.14 4.12
N PHE A 20 -0.29 -9.31 2.81
CA PHE A 20 -0.84 -10.47 2.12
C PHE A 20 0.07 -10.91 0.97
N ASP A 21 -0.26 -12.04 0.37
CA ASP A 21 0.54 -12.56 -0.74
C ASP A 21 -0.34 -13.34 -1.72
N ASN A 22 -1.62 -12.98 -1.76
CA ASN A 22 -2.57 -13.64 -2.65
C ASN A 22 -2.42 -13.13 -4.08
N ASN A 23 -3.30 -13.59 -4.96
CA ASN A 23 -3.27 -13.18 -6.36
C ASN A 23 -4.67 -13.15 -6.96
N ASP A 24 -5.59 -12.50 -6.26
CA ASP A 24 -6.96 -12.39 -6.72
C ASP A 24 -7.07 -11.45 -7.92
N GLU A 25 -8.29 -11.29 -8.43
CA GLU A 25 -8.52 -10.42 -9.59
C GLU A 25 -8.96 -9.03 -9.13
N ASN A 26 -9.40 -8.93 -7.89
CA ASN A 26 -9.85 -7.66 -7.34
C ASN A 26 -8.71 -6.92 -6.66
N VAL A 27 -7.61 -7.62 -6.44
CA VAL A 27 -6.43 -7.03 -5.80
C VAL A 27 -5.51 -6.40 -6.83
N GLY A 28 -5.00 -5.22 -6.52
CA GLY A 28 -4.10 -4.53 -7.43
C GLY A 28 -2.64 -4.82 -7.14
N SER A 29 -1.84 -4.93 -8.20
CA SER A 29 -0.41 -5.22 -8.05
C SER A 29 0.42 -4.00 -8.41
N GLY A 30 1.30 -3.60 -7.49
CA GLY A 30 2.15 -2.45 -7.72
C GLY A 30 3.49 -2.58 -7.03
N MET A 31 4.54 -2.13 -7.70
CA MET A 31 5.89 -2.19 -7.14
C MET A 31 6.72 -0.99 -7.60
N VAL A 32 7.21 -0.22 -6.64
CA VAL A 32 8.02 0.95 -6.94
C VAL A 32 9.25 1.02 -6.04
N GLY A 33 10.42 1.19 -6.65
CA GLY A 33 11.65 1.26 -5.90
C GLY A 33 12.16 2.68 -5.75
N ALA A 34 13.13 2.87 -4.87
CA ALA A 34 13.70 4.19 -4.64
C ALA A 34 14.35 4.74 -5.90
N PRO A 35 14.54 6.07 -5.94
CA PRO A 35 15.14 6.75 -7.08
C PRO A 35 16.63 6.43 -7.23
N ALA A 36 17.24 5.97 -6.13
CA ALA A 36 18.65 5.63 -6.14
C ALA A 36 18.93 4.42 -5.27
N CYS A 37 18.47 3.26 -5.71
CA CYS A 37 18.66 2.02 -4.96
C CYS A 37 18.13 2.16 -3.53
N GLY A 38 18.39 1.15 -2.71
CA GLY A 38 17.93 1.17 -1.33
C GLY A 38 16.64 0.40 -1.13
N ASP A 39 16.68 -0.90 -1.43
CA ASP A 39 15.51 -1.74 -1.28
C ASP A 39 14.37 -1.26 -2.18
N VAL A 40 13.32 -2.08 -2.29
CA VAL A 40 12.17 -1.73 -3.12
C VAL A 40 10.92 -1.54 -2.27
N MET A 41 9.98 -0.78 -2.79
CA MET A 41 8.73 -0.52 -2.08
C MET A 41 7.53 -1.06 -2.87
N LYS A 42 6.91 -2.11 -2.34
CA LYS A 42 5.75 -2.72 -2.99
C LYS A 42 4.48 -2.50 -2.16
N LEU A 43 3.49 -1.86 -2.76
CA LEU A 43 2.23 -1.59 -2.08
C LEU A 43 1.07 -2.23 -2.81
N GLN A 44 0.31 -3.07 -2.10
CA GLN A 44 -0.84 -3.74 -2.70
C GLN A 44 -2.13 -3.33 -2.01
N ILE A 45 -3.18 -3.14 -2.80
CA ILE A 45 -4.48 -2.74 -2.26
C ILE A 45 -5.55 -3.78 -2.58
N LYS A 46 -6.72 -3.63 -1.97
CA LYS A 46 -7.83 -4.55 -2.19
C LYS A 46 -9.06 -3.80 -2.69
N VAL A 47 -9.44 -4.05 -3.93
CA VAL A 47 -10.62 -3.41 -4.52
C VAL A 47 -11.81 -4.35 -4.55
N ASN A 48 -13.00 -3.80 -4.35
CA ASN A 48 -14.22 -4.60 -4.35
C ASN A 48 -14.83 -4.64 -5.75
N ASP A 49 -16.06 -5.15 -5.83
CA ASP A 49 -16.77 -5.23 -7.11
C ASP A 49 -17.26 -3.86 -7.56
N GLU A 50 -17.24 -2.90 -6.64
CA GLU A 50 -17.69 -1.54 -6.94
C GLU A 50 -16.54 -0.70 -7.47
N GLY A 51 -15.32 -1.24 -7.37
CA GLY A 51 -14.15 -0.52 -7.85
C GLY A 51 -13.65 0.49 -6.85
N ILE A 52 -13.75 0.17 -5.56
CA ILE A 52 -13.31 1.06 -4.51
C ILE A 52 -12.29 0.38 -3.60
N ILE A 53 -11.40 1.17 -3.02
CA ILE A 53 -10.37 0.64 -2.14
C ILE A 53 -10.96 0.28 -0.77
N GLU A 54 -10.95 -1.01 -0.45
CA GLU A 54 -11.47 -1.48 0.82
C GLU A 54 -10.35 -1.71 1.83
N ASP A 55 -9.28 -2.37 1.38
CA ASP A 55 -8.14 -2.65 2.23
C ASP A 55 -6.84 -2.21 1.57
N ALA A 56 -5.74 -2.29 2.31
CA ALA A 56 -4.44 -1.90 1.80
C ALA A 56 -3.31 -2.59 2.56
N ARG A 57 -2.16 -2.74 1.92
CA ARG A 57 -1.01 -3.37 2.55
C ARG A 57 0.29 -2.89 1.90
N PHE A 58 1.38 -2.98 2.66
CA PHE A 58 2.68 -2.56 2.15
C PHE A 58 3.73 -3.63 2.42
N LYS A 59 4.81 -3.62 1.62
CA LYS A 59 5.89 -4.58 1.77
C LYS A 59 6.54 -4.46 3.13
N THR A 60 6.49 -5.53 3.91
CA THR A 60 7.09 -5.54 5.25
C THR A 60 8.39 -6.33 5.25
N TYR A 61 8.35 -7.54 4.72
CA TYR A 61 9.53 -8.40 4.67
C TYR A 61 10.51 -7.91 3.61
N GLY A 62 11.68 -7.46 4.06
CA GLY A 62 12.69 -6.97 3.14
C GLY A 62 13.75 -6.14 3.84
N CYS A 63 14.71 -6.80 4.46
CA CYS A 63 15.79 -6.12 5.16
C CYS A 63 15.24 -5.27 6.31
N GLY A 64 14.22 -5.79 6.98
CA GLY A 64 13.61 -5.07 8.08
C GLY A 64 13.90 -5.71 9.43
N SER A 65 15.12 -5.52 9.94
CA SER A 65 15.51 -6.09 11.21
C SER A 65 14.83 -5.36 12.36
N ALA A 66 14.88 -4.03 12.33
CA ALA A 66 14.27 -3.22 13.38
C ALA A 66 14.31 -1.74 13.02
N ILE A 67 13.89 -1.42 11.80
CA ILE A 67 13.88 -0.04 11.33
C ILE A 67 12.55 0.31 10.67
N ALA A 68 11.48 -0.31 11.16
CA ALA A 68 10.14 -0.07 10.62
C ALA A 68 10.05 -0.48 9.16
N SER A 69 8.83 -0.60 8.66
CA SER A 69 8.60 -1.00 7.27
C SER A 69 7.13 -0.86 6.90
N SER A 70 6.59 0.34 7.07
CA SER A 70 5.20 0.60 6.75
C SER A 70 5.02 2.00 6.16
N SER A 71 3.93 2.19 5.42
CA SER A 71 3.66 3.48 4.80
C SER A 71 2.24 3.95 5.12
N LEU A 72 2.13 5.15 5.68
CA LEU A 72 0.83 5.71 6.03
C LEU A 72 -0.08 5.80 4.81
N VAL A 73 0.53 5.84 3.62
CA VAL A 73 -0.22 5.91 2.38
C VAL A 73 -1.26 4.79 2.30
N THR A 74 -0.89 3.61 2.79
CA THR A 74 -1.79 2.47 2.77
C THR A 74 -3.08 2.76 3.53
N GLU A 75 -3.04 3.76 4.40
CA GLU A 75 -4.21 4.15 5.18
C GLU A 75 -5.05 5.18 4.43
N TRP A 76 -4.39 6.02 3.64
CA TRP A 76 -5.07 7.04 2.87
C TRP A 76 -5.99 6.42 1.82
N VAL A 77 -5.63 5.23 1.37
CA VAL A 77 -6.41 4.53 0.36
C VAL A 77 -7.56 3.73 1.01
N LYS A 78 -7.30 3.21 2.20
CA LYS A 78 -8.29 2.43 2.93
C LYS A 78 -9.58 3.24 3.11
N GLY A 79 -10.69 2.69 2.65
CA GLY A 79 -11.97 3.37 2.77
C GLY A 79 -12.19 4.38 1.67
N LYS A 80 -11.18 4.57 0.82
CA LYS A 80 -11.27 5.53 -0.28
C LYS A 80 -11.43 4.80 -1.62
N SER A 81 -11.46 5.57 -2.70
CA SER A 81 -11.60 5.00 -4.03
C SER A 81 -10.37 5.30 -4.88
N LEU A 82 -10.12 4.45 -5.88
CA LEU A 82 -8.98 4.62 -6.76
C LEU A 82 -8.92 6.05 -7.30
N ASP A 83 -10.08 6.59 -7.66
CA ASP A 83 -10.16 7.94 -8.19
C ASP A 83 -9.60 8.95 -7.19
N GLU A 84 -9.85 8.70 -5.91
CA GLU A 84 -9.38 9.59 -4.85
C GLU A 84 -7.91 9.31 -4.53
N ALA A 85 -7.61 8.04 -4.26
CA ALA A 85 -6.25 7.64 -3.93
C ALA A 85 -5.28 8.00 -5.06
N GLN A 86 -5.82 8.18 -6.25
CA GLN A 86 -5.01 8.53 -7.42
C GLN A 86 -4.75 10.03 -7.47
N ALA A 87 -5.55 10.79 -6.73
CA ALA A 87 -5.41 12.24 -6.70
C ALA A 87 -4.42 12.66 -5.60
N ILE A 88 -3.98 11.70 -4.81
CA ILE A 88 -3.04 11.98 -3.73
C ILE A 88 -1.84 12.77 -4.24
N LYS A 89 -1.28 13.61 -3.37
CA LYS A 89 -0.12 14.41 -3.73
C LYS A 89 1.06 14.12 -2.80
N ASN A 90 2.24 13.92 -3.39
CA ASN A 90 3.43 13.63 -2.62
C ASN A 90 3.59 14.62 -1.46
N THR A 91 3.43 15.90 -1.76
CA THR A 91 3.56 16.94 -0.75
C THR A 91 2.73 16.60 0.49
N ASP A 92 1.55 16.06 0.27
CA ASP A 92 0.66 15.69 1.37
C ASP A 92 1.35 14.70 2.31
N ILE A 93 1.96 13.66 1.73
CA ILE A 93 2.66 12.65 2.51
C ILE A 93 4.00 13.17 3.01
N ALA A 94 4.52 14.20 2.35
CA ALA A 94 5.80 14.79 2.73
C ALA A 94 5.64 15.70 3.93
N GLU A 95 4.57 16.48 3.95
CA GLU A 95 4.31 17.40 5.05
C GLU A 95 3.72 16.66 6.25
N GLU A 96 3.05 15.55 5.98
CA GLU A 96 2.43 14.74 7.04
C GLU A 96 3.49 13.94 7.79
N LEU A 97 4.48 13.45 7.05
CA LEU A 97 5.56 12.66 7.66
C LEU A 97 6.60 13.57 8.30
N GLU A 98 6.45 14.88 8.09
CA GLU A 98 7.38 15.84 8.66
C GLU A 98 8.83 15.37 8.51
N LEU A 99 9.12 14.74 7.37
CA LEU A 99 10.46 14.23 7.10
C LEU A 99 11.30 15.28 6.40
N PRO A 100 12.64 15.12 6.48
CA PRO A 100 13.58 16.05 5.84
C PRO A 100 13.56 15.95 4.32
N PRO A 101 14.23 16.90 3.65
CA PRO A 101 14.29 16.95 2.19
C PRO A 101 15.15 15.82 1.62
N VAL A 102 16.10 15.34 2.42
CA VAL A 102 16.99 14.26 1.99
C VAL A 102 16.20 13.00 1.67
N LYS A 103 15.25 12.67 2.54
CA LYS A 103 14.42 11.49 2.36
C LYS A 103 13.06 11.86 1.78
N ILE A 104 13.01 12.96 1.05
CA ILE A 104 11.76 13.43 0.45
C ILE A 104 11.27 12.45 -0.61
N HIS A 105 12.20 11.70 -1.21
CA HIS A 105 11.86 10.72 -2.23
C HIS A 105 10.82 9.73 -1.72
N CYS A 106 10.81 9.52 -0.41
CA CYS A 106 9.88 8.59 0.22
C CYS A 106 8.44 9.09 0.07
N SER A 107 8.30 10.40 -0.15
CA SER A 107 6.98 11.01 -0.30
C SER A 107 6.47 10.85 -1.74
N ILE A 108 7.40 10.73 -2.68
CA ILE A 108 7.05 10.58 -4.08
C ILE A 108 6.84 9.10 -4.44
N LEU A 109 7.73 8.24 -3.94
CA LEU A 109 7.63 6.82 -4.20
C LEU A 109 6.24 6.29 -3.88
N ALA A 110 5.59 6.91 -2.90
CA ALA A 110 4.25 6.51 -2.49
C ALA A 110 3.26 6.70 -3.64
N GLU A 111 3.28 7.87 -4.26
CA GLU A 111 2.37 8.16 -5.37
C GLU A 111 2.44 7.07 -6.43
N ASP A 112 3.65 6.82 -6.93
CA ASP A 112 3.85 5.79 -7.95
C ASP A 112 3.22 4.46 -7.52
N ALA A 113 3.51 4.05 -6.29
CA ALA A 113 2.97 2.80 -5.76
C ALA A 113 1.45 2.83 -5.76
N ILE A 114 0.87 4.02 -5.68
CA ILE A 114 -0.58 4.17 -5.67
C ILE A 114 -1.16 4.08 -7.07
N LYS A 115 -0.63 4.89 -7.98
CA LYS A 115 -1.09 4.89 -9.36
C LYS A 115 -0.88 3.53 -10.02
N ALA A 116 0.00 2.73 -9.42
CA ALA A 116 0.29 1.40 -9.94
C ALA A 116 -0.80 0.40 -9.54
N ALA A 117 -1.01 0.24 -8.23
CA ALA A 117 -2.01 -0.68 -7.73
C ALA A 117 -3.38 -0.41 -8.37
N ILE A 118 -3.60 0.84 -8.76
CA ILE A 118 -4.86 1.22 -9.38
C ILE A 118 -4.94 0.72 -10.82
N ALA A 119 -4.05 1.23 -11.68
CA ALA A 119 -4.02 0.84 -13.07
C ALA A 119 -3.88 -0.68 -13.21
N ASP A 120 -3.34 -1.31 -12.17
CA ASP A 120 -3.15 -2.75 -12.17
C ASP A 120 -4.48 -3.48 -11.95
N TYR A 121 -5.31 -2.93 -11.08
CA TYR A 121 -6.61 -3.52 -10.77
C TYR A 121 -7.52 -3.48 -11.99
N LYS A 122 -7.83 -2.27 -12.46
CA LYS A 122 -8.70 -2.11 -13.62
C LYS A 122 -8.12 -2.84 -14.84
N SER A 123 -6.82 -3.12 -14.80
CA SER A 123 -6.16 -3.81 -15.89
C SER A 123 -6.56 -5.28 -15.94
N LYS A 124 -6.78 -5.85 -14.77
CA LYS A 124 -7.18 -7.26 -14.67
C LYS A 124 -8.69 -7.40 -14.73
N ARG A 125 -9.39 -6.27 -14.60
CA ARG A 125 -10.86 -6.28 -14.63
C ARG A 125 -11.37 -5.47 -15.82
N GLU A 126 -10.47 -5.16 -16.75
CA GLU A 126 -10.84 -4.38 -17.93
C GLU A 126 -11.50 -5.28 -18.98
N ALA A 127 -11.60 -6.57 -18.68
CA ALA A 127 -12.22 -7.52 -19.59
C ALA A 127 -13.71 -7.65 -19.33
N LYS A 128 -14.50 -7.05 -20.20
CA LYS A 128 -15.96 -7.09 -20.06
C LYS A 128 -16.52 -8.39 -20.62
N MET A 1 -12.69 -18.35 9.32
CA MET A 1 -13.09 -19.67 9.81
C MET A 1 -12.74 -19.83 11.28
N ALA A 2 -13.23 -18.90 12.11
CA ALA A 2 -12.98 -18.95 13.54
C ALA A 2 -13.90 -18.00 14.29
N TYR A 3 -14.03 -16.77 13.80
CA TYR A 3 -14.90 -15.78 14.42
C TYR A 3 -14.40 -15.45 15.83
N SER A 4 -14.97 -14.40 16.41
CA SER A 4 -14.58 -13.97 17.76
C SER A 4 -15.51 -12.87 18.27
N GLU A 5 -15.18 -12.30 19.42
CA GLU A 5 -15.98 -11.25 20.01
C GLU A 5 -15.95 -9.99 19.15
N LYS A 6 -16.68 -8.97 19.57
CA LYS A 6 -16.73 -7.70 18.85
C LYS A 6 -15.39 -6.99 18.90
N VAL A 7 -14.80 -6.93 20.09
CA VAL A 7 -13.50 -6.28 20.26
C VAL A 7 -12.56 -7.15 21.07
N ILE A 8 -11.26 -6.98 20.83
CA ILE A 8 -10.24 -7.75 21.54
C ILE A 8 -9.01 -6.90 21.83
N ASP A 9 -8.48 -7.05 23.04
CA ASP A 9 -7.30 -6.30 23.45
C ASP A 9 -6.09 -7.22 23.59
N HIS A 10 -6.31 -8.41 24.12
CA HIS A 10 -5.23 -9.38 24.30
C HIS A 10 -4.49 -9.62 22.99
N TYR A 11 -3.22 -9.21 22.95
CA TYR A 11 -2.40 -9.38 21.76
C TYR A 11 -2.98 -8.59 20.59
N GLU A 12 -2.20 -8.45 19.53
CA GLU A 12 -2.63 -7.72 18.35
C GLU A 12 -1.68 -7.97 17.18
N ASN A 13 -2.11 -8.81 16.24
CA ASN A 13 -1.30 -9.12 15.07
C ASN A 13 -2.13 -9.84 14.01
N PRO A 14 -3.00 -9.08 13.34
CA PRO A 14 -3.87 -9.61 12.28
C PRO A 14 -3.09 -10.01 11.03
N ARG A 15 -2.52 -11.21 11.04
CA ARG A 15 -1.76 -11.69 9.90
C ARG A 15 -0.45 -10.93 9.76
N ASN A 16 -0.55 -9.70 9.25
CA ASN A 16 0.62 -8.85 9.06
C ASN A 16 1.68 -9.57 8.23
N VAL A 17 1.25 -10.19 7.13
CA VAL A 17 2.15 -10.92 6.26
C VAL A 17 2.73 -10.00 5.18
N GLY A 18 1.95 -8.98 4.82
CA GLY A 18 2.41 -8.04 3.80
C GLY A 18 1.80 -8.32 2.44
N SER A 19 0.69 -9.05 2.43
CA SER A 19 0.01 -9.40 1.18
C SER A 19 -1.39 -9.92 1.46
N PHE A 20 -2.38 -9.31 0.80
CA PHE A 20 -3.77 -9.69 0.97
C PHE A 20 -4.18 -10.72 -0.08
N ASP A 21 -4.64 -11.88 0.39
CA ASP A 21 -5.05 -12.95 -0.52
C ASP A 21 -3.90 -13.41 -1.40
N ASN A 22 -4.20 -14.31 -2.33
CA ASN A 22 -3.18 -14.83 -3.24
C ASN A 22 -3.60 -14.65 -4.69
N ASN A 23 -2.89 -13.79 -5.40
CA ASN A 23 -3.19 -13.53 -6.81
C ASN A 23 -4.69 -13.42 -7.04
N ASP A 24 -5.26 -12.27 -6.67
CA ASP A 24 -6.69 -12.04 -6.83
C ASP A 24 -6.95 -11.08 -7.99
N GLU A 25 -8.16 -11.14 -8.54
CA GLU A 25 -8.54 -10.28 -9.66
C GLU A 25 -9.01 -8.91 -9.15
N ASN A 26 -9.43 -8.87 -7.89
CA ASN A 26 -9.91 -7.64 -7.30
C ASN A 26 -8.77 -6.88 -6.63
N VAL A 27 -7.63 -7.54 -6.48
CA VAL A 27 -6.46 -6.93 -5.86
C VAL A 27 -5.61 -6.21 -6.90
N GLY A 28 -5.02 -5.08 -6.50
CA GLY A 28 -4.18 -4.31 -7.41
C GLY A 28 -2.72 -4.65 -7.25
N SER A 29 -2.00 -4.71 -8.38
CA SER A 29 -0.58 -5.02 -8.37
C SER A 29 0.26 -3.78 -8.67
N GLY A 30 1.21 -3.49 -7.79
CA GLY A 30 2.06 -2.34 -7.96
C GLY A 30 3.46 -2.55 -7.40
N MET A 31 4.46 -2.04 -8.11
CA MET A 31 5.85 -2.18 -7.67
C MET A 31 6.66 -0.96 -8.08
N VAL A 32 7.08 -0.18 -7.07
CA VAL A 32 7.88 1.01 -7.33
C VAL A 32 9.16 1.00 -6.51
N GLY A 33 10.29 1.08 -7.21
CA GLY A 33 11.58 1.06 -6.54
C GLY A 33 12.08 2.46 -6.25
N ALA A 34 13.08 2.56 -5.36
CA ALA A 34 13.65 3.84 -5.00
C ALA A 34 14.58 4.36 -6.08
N PRO A 35 14.83 5.68 -6.08
CA PRO A 35 15.70 6.33 -7.06
C PRO A 35 17.17 5.95 -6.88
N ALA A 36 17.82 5.58 -7.98
CA ALA A 36 19.22 5.21 -7.94
C ALA A 36 19.46 4.10 -6.92
N CYS A 37 18.88 2.94 -7.17
CA CYS A 37 19.03 1.79 -6.26
C CYS A 37 18.49 2.13 -4.88
N GLY A 38 18.58 1.17 -3.97
CA GLY A 38 18.10 1.38 -2.61
C GLY A 38 16.82 0.61 -2.33
N ASP A 39 16.89 -0.72 -2.48
CA ASP A 39 15.73 -1.57 -2.23
C ASP A 39 14.57 -1.17 -3.13
N VAL A 40 13.45 -1.88 -2.98
CA VAL A 40 12.26 -1.60 -3.78
C VAL A 40 11.01 -1.57 -2.91
N MET A 41 10.04 -0.74 -3.29
CA MET A 41 8.80 -0.61 -2.54
C MET A 41 7.64 -1.19 -3.34
N LYS A 42 7.10 -2.32 -2.87
CA LYS A 42 5.98 -2.97 -3.54
C LYS A 42 4.69 -2.76 -2.75
N LEU A 43 3.82 -1.89 -3.27
CA LEU A 43 2.55 -1.60 -2.62
C LEU A 43 1.40 -2.25 -3.38
N GLN A 44 0.41 -2.76 -2.64
CA GLN A 44 -0.74 -3.40 -3.24
C GLN A 44 -2.02 -3.07 -2.47
N ILE A 45 -3.11 -2.88 -3.19
CA ILE A 45 -4.39 -2.56 -2.56
C ILE A 45 -5.44 -3.60 -2.91
N LYS A 46 -6.55 -3.59 -2.17
CA LYS A 46 -7.64 -4.53 -2.40
C LYS A 46 -8.92 -3.81 -2.80
N VAL A 47 -9.37 -4.04 -4.02
CA VAL A 47 -10.58 -3.41 -4.53
C VAL A 47 -11.76 -4.37 -4.48
N ASN A 48 -12.94 -3.84 -4.20
CA ASN A 48 -14.16 -4.64 -4.12
C ASN A 48 -14.96 -4.54 -5.41
N ASP A 49 -16.02 -5.33 -5.50
CA ASP A 49 -16.88 -5.33 -6.68
C ASP A 49 -17.45 -3.94 -6.93
N GLU A 50 -17.45 -3.11 -5.88
CA GLU A 50 -17.97 -1.75 -6.00
C GLU A 50 -16.98 -0.85 -6.72
N GLY A 51 -15.70 -1.21 -6.67
CA GLY A 51 -14.68 -0.43 -7.33
C GLY A 51 -13.97 0.51 -6.37
N ILE A 52 -14.00 0.19 -5.09
CA ILE A 52 -13.36 1.01 -4.07
C ILE A 52 -12.36 0.18 -3.25
N ILE A 53 -11.35 0.86 -2.71
CA ILE A 53 -10.33 0.20 -1.91
C ILE A 53 -10.89 -0.20 -0.54
N GLU A 54 -10.94 -1.51 -0.30
CA GLU A 54 -11.44 -2.02 0.97
C GLU A 54 -10.29 -2.37 1.91
N ASP A 55 -9.14 -2.68 1.33
CA ASP A 55 -7.96 -3.04 2.11
C ASP A 55 -6.68 -2.57 1.42
N ALA A 56 -5.55 -2.72 2.10
CA ALA A 56 -4.27 -2.32 1.55
C ALA A 56 -3.12 -3.07 2.23
N ARG A 57 -2.02 -3.23 1.50
CA ARG A 57 -0.85 -3.93 2.04
C ARG A 57 0.43 -3.46 1.34
N PHE A 58 1.54 -3.57 2.04
CA PHE A 58 2.84 -3.15 1.50
C PHE A 58 3.89 -4.23 1.72
N LYS A 59 4.91 -4.23 0.86
CA LYS A 59 5.99 -5.21 0.96
C LYS A 59 7.25 -4.57 1.53
N THR A 60 7.74 -5.13 2.63
CA THR A 60 8.94 -4.62 3.28
C THR A 60 10.13 -5.54 3.04
N TYR A 61 11.21 -4.98 2.52
CA TYR A 61 12.42 -5.76 2.24
C TYR A 61 13.60 -5.22 3.03
N GLY A 62 13.70 -3.90 3.10
CA GLY A 62 14.81 -3.28 3.83
C GLY A 62 14.67 -3.45 5.33
N CYS A 63 15.80 -3.36 6.04
CA CYS A 63 15.79 -3.50 7.49
C CYS A 63 15.30 -4.89 7.90
N GLY A 64 15.19 -5.12 9.20
CA GLY A 64 14.73 -6.40 9.70
C GLY A 64 13.36 -6.31 10.35
N SER A 65 13.32 -5.84 11.59
CA SER A 65 12.08 -5.72 12.32
C SER A 65 11.82 -4.27 12.73
N ALA A 66 12.67 -3.74 13.60
CA ALA A 66 12.55 -2.37 14.07
C ALA A 66 11.19 -2.13 14.72
N ILE A 67 10.97 -0.92 15.22
CA ILE A 67 9.71 -0.57 15.86
C ILE A 67 8.71 -0.01 14.86
N ALA A 68 7.73 -0.84 14.50
CA ALA A 68 6.71 -0.43 13.54
C ALA A 68 7.33 -0.11 12.18
N SER A 69 6.46 0.07 11.17
CA SER A 69 6.91 0.37 9.82
C SER A 69 6.22 1.61 9.28
N SER A 70 6.50 1.94 8.02
CA SER A 70 5.89 3.10 7.38
C SER A 70 4.68 2.69 6.56
N SER A 71 3.71 2.05 7.22
CA SER A 71 2.49 1.60 6.55
C SER A 71 1.40 2.65 6.66
N LEU A 72 1.73 3.89 6.31
CA LEU A 72 0.77 4.99 6.37
C LEU A 72 -0.11 5.01 5.14
N VAL A 73 0.51 4.97 3.96
CA VAL A 73 -0.23 4.97 2.70
C VAL A 73 -1.28 3.85 2.68
N THR A 74 -0.90 2.69 3.20
CA THR A 74 -1.81 1.54 3.23
C THR A 74 -3.09 1.88 3.99
N GLU A 75 -3.02 2.90 4.83
CA GLU A 75 -4.18 3.33 5.61
C GLU A 75 -4.93 4.46 4.91
N TRP A 76 -4.20 5.24 4.12
CA TRP A 76 -4.79 6.36 3.39
C TRP A 76 -5.73 5.86 2.30
N VAL A 77 -5.29 4.86 1.55
CA VAL A 77 -6.09 4.29 0.48
C VAL A 77 -7.21 3.40 1.03
N LYS A 78 -6.93 2.76 2.16
CA LYS A 78 -7.90 1.88 2.80
C LYS A 78 -9.18 2.64 3.15
N GLY A 79 -10.20 2.51 2.30
CA GLY A 79 -11.45 3.19 2.55
C GLY A 79 -11.72 4.28 1.52
N LYS A 80 -10.73 4.57 0.70
CA LYS A 80 -10.87 5.61 -0.32
C LYS A 80 -11.05 4.99 -1.70
N SER A 81 -11.57 5.79 -2.64
CA SER A 81 -11.80 5.30 -4.00
C SER A 81 -10.59 5.60 -4.89
N LEU A 82 -10.37 4.74 -5.88
CA LEU A 82 -9.26 4.90 -6.80
C LEU A 82 -9.21 6.32 -7.35
N ASP A 83 -10.37 6.85 -7.72
CA ASP A 83 -10.45 8.21 -8.25
C ASP A 83 -9.83 9.21 -7.29
N GLU A 84 -10.02 8.98 -5.99
CA GLU A 84 -9.48 9.86 -4.97
C GLU A 84 -8.01 9.56 -4.70
N ALA A 85 -7.70 8.28 -4.55
CA ALA A 85 -6.33 7.84 -4.29
C ALA A 85 -5.40 8.29 -5.40
N GLN A 86 -5.97 8.60 -6.57
CA GLN A 86 -5.18 9.04 -7.71
C GLN A 86 -4.87 10.52 -7.62
N ALA A 87 -5.56 11.21 -6.72
CA ALA A 87 -5.35 12.64 -6.53
C ALA A 87 -4.32 12.91 -5.43
N ILE A 88 -3.87 11.84 -4.79
CA ILE A 88 -2.88 11.95 -3.72
C ILE A 88 -1.64 12.70 -4.20
N LYS A 89 -0.98 13.40 -3.28
CA LYS A 89 0.23 14.14 -3.60
C LYS A 89 1.36 13.80 -2.64
N ASN A 90 2.54 13.53 -3.19
CA ASN A 90 3.70 13.18 -2.37
C ASN A 90 3.90 14.20 -1.25
N THR A 91 3.82 15.48 -1.60
CA THR A 91 3.98 16.55 -0.62
C THR A 91 3.13 16.30 0.62
N ASP A 92 1.99 15.65 0.42
CA ASP A 92 1.08 15.35 1.53
C ASP A 92 1.70 14.33 2.48
N ILE A 93 2.02 13.16 1.95
CA ILE A 93 2.63 12.10 2.74
C ILE A 93 3.98 12.53 3.29
N ALA A 94 4.64 13.43 2.59
CA ALA A 94 5.95 13.93 3.01
C ALA A 94 5.81 15.00 4.08
N GLU A 95 4.71 15.75 4.01
CA GLU A 95 4.47 16.82 4.98
C GLU A 95 3.79 16.27 6.24
N GLU A 96 3.09 15.15 6.08
CA GLU A 96 2.39 14.52 7.20
C GLU A 96 3.33 13.60 7.96
N LEU A 97 4.21 12.92 7.24
CA LEU A 97 5.16 12.00 7.86
C LEU A 97 6.38 12.75 8.38
N GLU A 98 6.62 13.94 7.83
CA GLU A 98 7.76 14.75 8.25
C GLU A 98 9.08 14.05 7.94
N LEU A 99 9.80 14.56 6.93
CA LEU A 99 11.07 13.99 6.53
C LEU A 99 11.95 15.04 5.86
N PRO A 100 13.26 14.78 5.81
CA PRO A 100 14.23 15.68 5.19
C PRO A 100 14.09 15.72 3.68
N PRO A 101 14.70 16.75 3.06
CA PRO A 101 14.66 16.94 1.61
C PRO A 101 15.47 15.89 0.86
N VAL A 102 16.47 15.34 1.53
CA VAL A 102 17.32 14.31 0.94
C VAL A 102 16.60 12.97 0.85
N LYS A 103 15.83 12.65 1.89
CA LYS A 103 15.08 11.41 1.93
C LYS A 103 13.63 11.62 1.50
N ILE A 104 13.37 12.79 0.92
CA ILE A 104 12.02 13.11 0.46
C ILE A 104 11.60 12.21 -0.69
N HIS A 105 12.58 11.58 -1.35
CA HIS A 105 12.31 10.69 -2.46
C HIS A 105 11.32 9.59 -2.06
N CYS A 106 11.42 9.16 -0.79
CA CYS A 106 10.54 8.12 -0.28
C CYS A 106 9.08 8.56 -0.31
N SER A 107 8.88 9.87 -0.40
CA SER A 107 7.53 10.44 -0.43
C SER A 107 6.99 10.46 -1.86
N ILE A 108 7.88 10.32 -2.83
CA ILE A 108 7.49 10.33 -4.24
C ILE A 108 6.98 8.96 -4.67
N LEU A 109 7.70 7.91 -4.28
CA LEU A 109 7.31 6.55 -4.61
C LEU A 109 5.86 6.27 -4.23
N ALA A 110 5.40 6.94 -3.17
CA ALA A 110 4.03 6.77 -2.70
C ALA A 110 3.03 6.94 -3.84
N GLU A 111 3.09 8.10 -4.49
CA GLU A 111 2.18 8.39 -5.60
C GLU A 111 2.21 7.27 -6.64
N ASP A 112 3.41 7.00 -7.16
CA ASP A 112 3.58 5.95 -8.17
C ASP A 112 2.96 4.64 -7.70
N ALA A 113 3.32 4.22 -6.50
CA ALA A 113 2.80 2.97 -5.93
C ALA A 113 1.27 3.00 -5.89
N ILE A 114 0.71 4.20 -5.79
CA ILE A 114 -0.74 4.35 -5.75
C ILE A 114 -1.35 4.28 -7.14
N LYS A 115 -0.77 5.02 -8.07
CA LYS A 115 -1.25 5.04 -9.46
C LYS A 115 -1.08 3.67 -10.11
N ALA A 116 -0.21 2.86 -9.53
CA ALA A 116 0.06 1.52 -10.06
C ALA A 116 -1.01 0.54 -9.60
N ALA A 117 -1.15 0.39 -8.29
CA ALA A 117 -2.14 -0.53 -7.72
C ALA A 117 -3.53 -0.25 -8.28
N ILE A 118 -3.76 1.00 -8.68
CA ILE A 118 -5.05 1.40 -9.22
C ILE A 118 -5.17 1.00 -10.70
N ALA A 119 -4.34 1.62 -11.53
CA ALA A 119 -4.34 1.33 -12.96
C ALA A 119 -4.16 -0.17 -13.22
N ASP A 120 -3.58 -0.87 -12.25
CA ASP A 120 -3.35 -2.30 -12.37
C ASP A 120 -4.64 -3.09 -12.15
N TYR A 121 -5.48 -2.59 -11.24
CA TYR A 121 -6.75 -3.24 -10.94
C TYR A 121 -7.71 -3.14 -12.12
N LYS A 122 -8.00 -1.90 -12.53
CA LYS A 122 -8.90 -1.67 -13.65
C LYS A 122 -8.36 -2.30 -14.93
N SER A 123 -7.07 -2.59 -14.94
CA SER A 123 -6.43 -3.20 -16.10
C SER A 123 -6.62 -4.71 -16.10
N LYS A 124 -6.57 -5.31 -14.92
CA LYS A 124 -6.74 -6.75 -14.78
C LYS A 124 -8.21 -7.11 -14.65
N ARG A 125 -9.03 -6.12 -14.30
CA ARG A 125 -10.47 -6.35 -14.14
C ARG A 125 -11.25 -5.75 -15.31
N GLU A 126 -10.54 -5.42 -16.38
CA GLU A 126 -11.16 -4.84 -17.56
C GLU A 126 -11.58 -5.93 -18.54
N ALA A 127 -11.59 -7.17 -18.07
CA ALA A 127 -11.97 -8.30 -18.91
C ALA A 127 -13.46 -8.63 -18.75
N LYS A 128 -14.24 -8.30 -19.78
CA LYS A 128 -15.67 -8.55 -19.74
C LYS A 128 -16.01 -9.82 -20.52
N MET A 1 -39.00 -26.77 -0.50
CA MET A 1 -37.74 -26.27 -1.02
C MET A 1 -36.56 -26.87 -0.26
N ALA A 2 -35.83 -27.76 -0.90
CA ALA A 2 -34.68 -28.40 -0.29
C ALA A 2 -33.49 -28.46 -1.25
N TYR A 3 -32.29 -28.41 -0.70
CA TYR A 3 -31.07 -28.46 -1.51
C TYR A 3 -29.91 -29.02 -0.71
N SER A 4 -28.77 -29.20 -1.39
CA SER A 4 -27.57 -29.75 -0.74
C SER A 4 -26.38 -28.81 -0.94
N GLU A 5 -25.40 -28.93 -0.06
CA GLU A 5 -24.20 -28.10 -0.14
C GLU A 5 -23.12 -28.61 0.81
N LYS A 6 -21.89 -28.14 0.61
CA LYS A 6 -20.77 -28.55 1.45
C LYS A 6 -20.36 -27.41 2.39
N VAL A 7 -19.34 -27.67 3.20
CA VAL A 7 -18.85 -26.68 4.15
C VAL A 7 -17.37 -26.38 3.92
N ILE A 8 -16.89 -25.29 4.50
CA ILE A 8 -15.50 -24.91 4.36
C ILE A 8 -15.02 -24.12 5.58
N ASP A 9 -13.77 -24.36 5.98
CA ASP A 9 -13.20 -23.67 7.13
C ASP A 9 -12.04 -22.77 6.70
N HIS A 10 -12.07 -21.52 7.16
CA HIS A 10 -11.03 -20.56 6.83
C HIS A 10 -10.64 -19.74 8.05
N TYR A 11 -9.51 -20.07 8.66
CA TYR A 11 -9.03 -19.36 9.84
C TYR A 11 -7.51 -19.30 9.86
N GLU A 12 -6.94 -18.50 8.96
CA GLU A 12 -5.49 -18.35 8.87
C GLU A 12 -5.11 -16.89 8.70
N ASN A 13 -4.26 -16.39 9.61
CA ASN A 13 -3.81 -15.01 9.57
C ASN A 13 -2.43 -14.87 10.17
N PRO A 14 -1.41 -15.35 9.46
CA PRO A 14 -0.02 -15.29 9.91
C PRO A 14 0.53 -13.87 9.89
N ARG A 15 0.30 -13.16 8.81
CA ARG A 15 0.77 -11.79 8.67
C ARG A 15 -0.40 -10.82 8.51
N ASN A 16 -1.14 -10.96 7.41
CA ASN A 16 -2.29 -10.10 7.15
C ASN A 16 -1.85 -8.65 6.98
N VAL A 17 -0.59 -8.46 6.59
CA VAL A 17 -0.05 -7.12 6.38
C VAL A 17 1.38 -7.18 5.85
N GLY A 18 1.54 -6.84 4.58
CA GLY A 18 2.85 -6.86 3.97
C GLY A 18 2.80 -7.07 2.46
N SER A 19 3.21 -8.25 2.02
CA SER A 19 3.21 -8.57 0.60
C SER A 19 2.44 -9.87 0.34
N PHE A 20 1.30 -9.74 -0.35
CA PHE A 20 0.47 -10.90 -0.66
C PHE A 20 0.17 -10.95 -2.16
N ASP A 21 0.66 -12.01 -2.81
CA ASP A 21 0.44 -12.19 -4.24
C ASP A 21 -1.05 -12.07 -4.59
N ASN A 22 -1.81 -13.10 -4.25
CA ASN A 22 -3.25 -13.10 -4.54
C ASN A 22 -3.52 -13.23 -6.03
N ASN A 23 -3.25 -12.15 -6.77
CA ASN A 23 -3.45 -12.15 -8.21
C ASN A 23 -4.92 -12.37 -8.55
N ASP A 24 -5.79 -11.56 -7.96
CA ASP A 24 -7.22 -11.68 -8.20
C ASP A 24 -7.69 -10.63 -9.20
N GLU A 25 -8.83 -10.90 -9.84
CA GLU A 25 -9.39 -9.98 -10.83
C GLU A 25 -9.79 -8.66 -10.18
N ASN A 26 -9.99 -8.69 -8.86
CA ASN A 26 -10.38 -7.49 -8.12
C ASN A 26 -9.18 -6.85 -7.45
N VAL A 27 -8.06 -7.57 -7.43
CA VAL A 27 -6.84 -7.08 -6.82
C VAL A 27 -6.00 -6.27 -7.81
N GLY A 28 -5.36 -5.22 -7.31
CA GLY A 28 -4.54 -4.38 -8.17
C GLY A 28 -3.08 -4.78 -8.13
N SER A 29 -2.43 -4.76 -9.30
CA SER A 29 -1.02 -5.12 -9.40
C SER A 29 -0.16 -3.88 -9.64
N GLY A 30 0.87 -3.71 -8.83
CA GLY A 30 1.76 -2.57 -8.98
C GLY A 30 3.18 -2.89 -8.57
N MET A 31 4.14 -2.33 -9.30
CA MET A 31 5.56 -2.55 -9.01
C MET A 31 6.38 -1.30 -9.32
N VAL A 32 6.76 -0.57 -8.27
CA VAL A 32 7.55 0.64 -8.43
C VAL A 32 8.94 0.48 -7.83
N GLY A 33 9.95 0.85 -8.60
CA GLY A 33 11.33 0.73 -8.12
C GLY A 33 11.83 2.01 -7.47
N ALA A 34 12.83 1.88 -6.60
CA ALA A 34 13.39 3.02 -5.91
C ALA A 34 14.13 3.94 -6.88
N PRO A 35 14.34 5.20 -6.47
CA PRO A 35 15.03 6.19 -7.29
C PRO A 35 16.52 5.90 -7.43
N ALA A 36 17.15 5.51 -6.33
CA ALA A 36 18.57 5.19 -6.33
C ALA A 36 18.93 4.25 -5.18
N CYS A 37 18.39 4.53 -4.01
CA CYS A 37 18.65 3.71 -2.83
C CYS A 37 17.61 2.60 -2.70
N GLY A 38 18.05 1.36 -2.90
CA GLY A 38 17.14 0.23 -2.81
C GLY A 38 17.22 -0.68 -4.01
N ASP A 39 16.20 -1.51 -4.20
CA ASP A 39 16.16 -2.43 -5.32
C ASP A 39 14.79 -2.40 -6.01
N VAL A 40 13.80 -2.99 -5.35
CA VAL A 40 12.44 -3.03 -5.90
C VAL A 40 11.41 -3.07 -4.79
N MET A 41 10.23 -2.51 -5.06
CA MET A 41 9.15 -2.48 -4.09
C MET A 41 7.92 -3.22 -4.62
N LYS A 42 7.01 -3.56 -3.72
CA LYS A 42 5.78 -4.25 -4.09
C LYS A 42 4.58 -3.68 -3.35
N LEU A 43 3.70 -3.02 -4.09
CA LEU A 43 2.50 -2.41 -3.50
C LEU A 43 1.25 -2.88 -4.23
N GLN A 44 0.42 -3.65 -3.54
CA GLN A 44 -0.82 -4.15 -4.12
C GLN A 44 -2.01 -3.83 -3.24
N ILE A 45 -3.12 -3.46 -3.86
CA ILE A 45 -4.33 -3.12 -3.12
C ILE A 45 -5.50 -4.02 -3.53
N LYS A 46 -6.61 -3.90 -2.82
CA LYS A 46 -7.79 -4.70 -3.11
C LYS A 46 -8.96 -3.81 -3.52
N VAL A 47 -9.69 -4.23 -4.54
CA VAL A 47 -10.84 -3.48 -5.02
C VAL A 47 -12.09 -4.37 -5.09
N ASN A 48 -13.23 -3.77 -4.77
CA ASN A 48 -14.50 -4.51 -4.79
C ASN A 48 -15.23 -4.29 -6.11
N ASP A 49 -16.49 -4.72 -6.17
CA ASP A 49 -17.29 -4.58 -7.37
C ASP A 49 -17.76 -3.14 -7.54
N GLU A 50 -17.59 -2.32 -6.50
CA GLU A 50 -17.99 -0.93 -6.54
C GLU A 50 -16.85 -0.05 -7.02
N GLY A 51 -15.69 -0.66 -7.28
CA GLY A 51 -14.54 0.08 -7.74
C GLY A 51 -13.91 0.92 -6.65
N ILE A 52 -13.93 0.41 -5.42
CA ILE A 52 -13.35 1.12 -4.28
C ILE A 52 -12.29 0.28 -3.59
N ILE A 53 -11.35 0.95 -2.95
CA ILE A 53 -10.27 0.26 -2.24
C ILE A 53 -10.74 -0.27 -0.90
N GLU A 54 -10.71 -1.58 -0.73
CA GLU A 54 -11.14 -2.22 0.50
C GLU A 54 -9.93 -2.64 1.34
N ASP A 55 -8.80 -2.81 0.69
CA ASP A 55 -7.57 -3.21 1.37
C ASP A 55 -6.35 -2.57 0.72
N ALA A 56 -5.19 -2.75 1.36
CA ALA A 56 -3.95 -2.19 0.84
C ALA A 56 -2.74 -2.97 1.35
N ARG A 57 -1.67 -2.98 0.55
CA ARG A 57 -0.46 -3.69 0.92
C ARG A 57 0.77 -3.03 0.29
N PHE A 58 1.89 -3.07 1.01
CA PHE A 58 3.13 -2.48 0.53
C PHE A 58 4.33 -3.35 0.89
N LYS A 59 5.50 -2.98 0.38
CA LYS A 59 6.72 -3.72 0.65
C LYS A 59 6.92 -3.91 2.15
N THR A 60 7.57 -5.01 2.53
CA THR A 60 7.81 -5.31 3.93
C THR A 60 8.77 -4.29 4.55
N TYR A 61 8.68 -4.14 5.87
CA TYR A 61 9.53 -3.19 6.58
C TYR A 61 11.00 -3.58 6.44
N GLY A 62 11.89 -2.62 6.69
CA GLY A 62 13.31 -2.87 6.60
C GLY A 62 14.12 -1.95 7.49
N CYS A 63 15.44 -1.92 7.26
CA CYS A 63 16.32 -1.08 8.05
C CYS A 63 16.23 -1.41 9.53
N GLY A 64 16.92 -0.65 10.36
CA GLY A 64 16.90 -0.88 11.79
C GLY A 64 16.61 0.38 12.59
N SER A 65 15.32 0.68 12.75
CA SER A 65 14.90 1.86 13.49
C SER A 65 13.77 1.53 14.46
N ALA A 66 13.80 0.32 15.00
CA ALA A 66 12.79 -0.12 15.94
C ALA A 66 11.44 -0.32 15.24
N ILE A 67 10.75 0.78 14.96
CA ILE A 67 9.46 0.73 14.29
C ILE A 67 9.51 1.42 12.94
N ALA A 68 10.37 2.43 12.82
CA ALA A 68 10.51 3.17 11.58
C ALA A 68 9.18 3.78 11.14
N SER A 69 9.17 4.36 9.94
CA SER A 69 7.97 4.98 9.40
C SER A 69 7.58 4.35 8.07
N SER A 70 6.37 3.78 8.03
CA SER A 70 5.87 3.14 6.82
C SER A 70 4.43 2.67 7.01
N SER A 71 3.94 1.90 6.05
CA SER A 71 2.58 1.39 6.10
C SER A 71 1.57 2.52 6.25
N LEU A 72 1.93 3.69 5.70
CA LEU A 72 1.05 4.86 5.77
C LEU A 72 0.02 4.82 4.64
N VAL A 73 0.50 4.85 3.41
CA VAL A 73 -0.38 4.83 2.24
C VAL A 73 -1.37 3.67 2.33
N THR A 74 -0.89 2.51 2.77
CA THR A 74 -1.72 1.33 2.89
C THR A 74 -2.96 1.63 3.74
N GLU A 75 -2.84 2.59 4.63
CA GLU A 75 -3.96 2.97 5.50
C GLU A 75 -4.73 4.13 4.91
N TRP A 76 -4.06 4.94 4.10
CA TRP A 76 -4.70 6.09 3.47
C TRP A 76 -5.65 5.65 2.37
N VAL A 77 -5.18 4.80 1.47
CA VAL A 77 -5.99 4.31 0.37
C VAL A 77 -7.11 3.40 0.90
N LYS A 78 -6.82 2.65 1.95
CA LYS A 78 -7.80 1.75 2.54
C LYS A 78 -9.08 2.51 2.90
N GLY A 79 -10.21 2.01 2.42
CA GLY A 79 -11.48 2.64 2.70
C GLY A 79 -11.77 3.80 1.79
N LYS A 80 -10.81 4.12 0.92
CA LYS A 80 -10.96 5.23 -0.02
C LYS A 80 -11.20 4.71 -1.43
N SER A 81 -11.50 5.63 -2.35
CA SER A 81 -11.76 5.26 -3.74
C SER A 81 -10.54 5.56 -4.61
N LEU A 82 -10.36 4.78 -5.66
CA LEU A 82 -9.24 4.96 -6.58
C LEU A 82 -9.16 6.41 -7.05
N ASP A 83 -10.32 7.01 -7.32
CA ASP A 83 -10.37 8.39 -7.78
C ASP A 83 -9.91 9.35 -6.69
N GLU A 84 -10.17 8.98 -5.44
CA GLU A 84 -9.79 9.80 -4.30
C GLU A 84 -8.30 9.64 -4.00
N ALA A 85 -7.84 8.39 -3.92
CA ALA A 85 -6.44 8.11 -3.63
C ALA A 85 -5.54 8.65 -4.75
N GLN A 86 -6.14 8.98 -5.89
CA GLN A 86 -5.39 9.50 -7.02
C GLN A 86 -4.98 10.95 -6.79
N ALA A 87 -5.55 11.56 -5.75
CA ALA A 87 -5.25 12.95 -5.42
C ALA A 87 -4.16 13.02 -4.36
N ILE A 88 -3.84 11.88 -3.74
CA ILE A 88 -2.82 11.82 -2.71
C ILE A 88 -1.52 12.47 -3.19
N LYS A 89 -0.75 13.00 -2.24
CA LYS A 89 0.52 13.65 -2.57
C LYS A 89 1.62 13.17 -1.63
N ASN A 90 2.78 12.83 -2.20
CA ASN A 90 3.90 12.35 -1.42
C ASN A 90 4.18 13.29 -0.25
N THR A 91 4.18 14.59 -0.52
CA THR A 91 4.43 15.58 0.51
C THR A 91 3.58 15.32 1.76
N ASP A 92 2.40 14.76 1.55
CA ASP A 92 1.49 14.45 2.65
C ASP A 92 2.07 13.35 3.53
N ILE A 93 2.27 12.18 2.96
CA ILE A 93 2.82 11.05 3.68
C ILE A 93 4.20 11.36 4.24
N ALA A 94 4.91 12.26 3.56
CA ALA A 94 6.24 12.66 3.98
C ALA A 94 6.19 13.67 5.11
N GLU A 95 5.15 14.50 5.10
CA GLU A 95 4.98 15.53 6.13
C GLU A 95 4.27 14.95 7.35
N GLU A 96 3.55 13.85 7.16
CA GLU A 96 2.83 13.21 8.25
C GLU A 96 3.74 12.24 9.01
N LEU A 97 4.65 11.60 8.28
CA LEU A 97 5.58 10.65 8.88
C LEU A 97 6.82 11.36 9.41
N GLU A 98 7.00 12.62 9.00
CA GLU A 98 8.14 13.40 9.44
C GLU A 98 9.45 12.75 9.01
N LEU A 99 9.87 13.03 7.77
CA LEU A 99 11.11 12.46 7.25
C LEU A 99 12.03 13.56 6.74
N PRO A 100 13.33 13.24 6.63
CA PRO A 100 14.34 14.19 6.15
C PRO A 100 14.19 14.49 4.66
N PRO A 101 14.90 15.52 4.19
CA PRO A 101 14.87 15.94 2.79
C PRO A 101 15.54 14.92 1.86
N VAL A 102 16.51 14.20 2.40
CA VAL A 102 17.24 13.20 1.63
C VAL A 102 16.38 11.97 1.39
N LYS A 103 15.48 11.68 2.33
CA LYS A 103 14.60 10.53 2.22
C LYS A 103 13.22 10.94 1.71
N ILE A 104 13.18 12.04 0.98
CA ILE A 104 11.93 12.55 0.42
C ILE A 104 11.53 11.77 -0.83
N HIS A 105 12.53 11.23 -1.52
CA HIS A 105 12.28 10.47 -2.74
C HIS A 105 11.44 9.23 -2.44
N CYS A 106 11.61 8.68 -1.24
CA CYS A 106 10.87 7.49 -0.84
C CYS A 106 9.39 7.80 -0.69
N SER A 107 9.07 9.08 -0.54
CA SER A 107 7.68 9.51 -0.37
C SER A 107 6.94 9.46 -1.70
N ILE A 108 7.70 9.44 -2.80
CA ILE A 108 7.12 9.40 -4.13
C ILE A 108 6.77 7.96 -4.53
N LEU A 109 7.60 7.02 -4.09
CA LEU A 109 7.39 5.60 -4.40
C LEU A 109 5.96 5.19 -4.05
N ALA A 110 5.48 5.64 -2.90
CA ALA A 110 4.12 5.31 -2.46
C ALA A 110 3.08 5.93 -3.38
N GLU A 111 3.38 7.13 -3.90
CA GLU A 111 2.46 7.82 -4.78
C GLU A 111 2.47 7.20 -6.17
N ASP A 112 3.53 6.49 -6.49
CA ASP A 112 3.66 5.83 -7.78
C ASP A 112 3.08 4.43 -7.74
N ALA A 113 3.28 3.74 -6.61
CA ALA A 113 2.78 2.38 -6.45
C ALA A 113 1.26 2.38 -6.27
N ILE A 114 0.71 3.53 -5.88
CA ILE A 114 -0.72 3.66 -5.68
C ILE A 114 -1.45 3.88 -6.99
N LYS A 115 -0.74 4.47 -7.96
CA LYS A 115 -1.32 4.74 -9.27
C LYS A 115 -1.25 3.51 -10.17
N ALA A 116 -0.36 2.57 -9.80
CA ALA A 116 -0.19 1.34 -10.58
C ALA A 116 -1.32 0.36 -10.29
N ALA A 117 -1.52 0.05 -9.02
CA ALA A 117 -2.56 -0.89 -8.62
C ALA A 117 -3.93 -0.45 -9.14
N ILE A 118 -4.10 0.87 -9.26
CA ILE A 118 -5.36 1.42 -9.76
C ILE A 118 -5.57 1.10 -11.23
N ALA A 119 -4.71 1.65 -12.08
CA ALA A 119 -4.78 1.41 -13.52
C ALA A 119 -4.71 -0.08 -13.83
N ASP A 120 -4.17 -0.85 -12.89
CA ASP A 120 -4.03 -2.29 -13.08
C ASP A 120 -5.37 -2.99 -12.85
N TYR A 121 -6.14 -2.50 -11.88
CA TYR A 121 -7.43 -3.08 -11.56
C TYR A 121 -8.43 -2.85 -12.70
N LYS A 122 -8.69 -1.57 -12.99
CA LYS A 122 -9.62 -1.21 -14.06
C LYS A 122 -9.17 -1.80 -15.40
N SER A 123 -7.90 -2.15 -15.49
CA SER A 123 -7.34 -2.71 -16.71
C SER A 123 -7.89 -4.12 -16.96
N LYS A 124 -8.11 -4.86 -15.87
CA LYS A 124 -8.63 -6.22 -15.97
C LYS A 124 -10.16 -6.21 -15.96
N ARG A 125 -10.74 -5.04 -15.71
CA ARG A 125 -12.19 -4.91 -15.65
C ARG A 125 -12.69 -3.96 -16.75
N GLU A 126 -11.81 -3.66 -17.70
CA GLU A 126 -12.15 -2.77 -18.79
C GLU A 126 -12.92 -3.51 -19.88
N ALA A 127 -13.00 -4.84 -19.75
CA ALA A 127 -13.71 -5.66 -20.71
C ALA A 127 -15.15 -5.91 -20.28
N LYS A 128 -16.09 -5.22 -20.91
CA LYS A 128 -17.49 -5.36 -20.59
C LYS A 128 -18.12 -6.51 -21.38
N MET A 1 7.37 -15.41 40.50
CA MET A 1 6.85 -14.07 40.72
C MET A 1 5.36 -14.11 41.04
N ALA A 2 5.01 -13.80 42.28
CA ALA A 2 3.62 -13.80 42.71
C ALA A 2 2.87 -12.59 42.17
N TYR A 3 1.55 -12.60 42.29
CA TYR A 3 0.72 -11.51 41.81
C TYR A 3 -0.72 -11.68 42.25
N SER A 4 -1.56 -10.69 41.93
CA SER A 4 -2.97 -10.73 42.30
C SER A 4 -3.82 -10.03 41.25
N GLU A 5 -5.12 -10.31 41.26
CA GLU A 5 -6.05 -9.69 40.32
C GLU A 5 -5.64 -9.99 38.88
N LYS A 6 -6.23 -11.04 38.31
CA LYS A 6 -5.92 -11.45 36.95
C LYS A 6 -6.31 -10.36 35.96
N VAL A 7 -5.35 -9.52 35.58
CA VAL A 7 -5.60 -8.43 34.64
C VAL A 7 -4.59 -8.47 33.49
N ILE A 8 -5.01 -7.94 32.35
CA ILE A 8 -4.15 -7.91 31.17
C ILE A 8 -3.45 -6.55 31.03
N ASP A 9 -2.21 -6.59 30.56
CA ASP A 9 -1.44 -5.36 30.38
C ASP A 9 -0.05 -5.68 29.82
N HIS A 10 0.13 -5.44 28.52
CA HIS A 10 1.41 -5.69 27.88
C HIS A 10 1.52 -4.92 26.56
N TYR A 11 2.67 -5.01 25.92
CA TYR A 11 2.91 -4.31 24.66
C TYR A 11 1.98 -4.83 23.57
N GLU A 12 1.56 -3.93 22.68
CA GLU A 12 0.67 -4.31 21.59
C GLU A 12 1.38 -4.16 20.23
N ASN A 13 0.92 -4.93 19.26
CA ASN A 13 1.51 -4.89 17.92
C ASN A 13 0.50 -4.36 16.90
N PRO A 14 1.02 -3.90 15.75
CA PRO A 14 0.19 -3.37 14.67
C PRO A 14 -0.64 -4.45 13.98
N ARG A 15 -1.80 -4.06 13.46
CA ARG A 15 -2.68 -4.99 12.77
C ARG A 15 -3.57 -4.27 11.77
N ASN A 16 -4.51 -5.01 11.18
CA ASN A 16 -5.42 -4.44 10.20
C ASN A 16 -4.67 -4.02 8.93
N VAL A 17 -3.52 -4.63 8.72
CA VAL A 17 -2.70 -4.33 7.54
C VAL A 17 -1.45 -5.20 7.49
N GLY A 18 -1.40 -6.09 6.52
CA GLY A 18 -0.25 -6.98 6.39
C GLY A 18 0.01 -7.36 4.95
N SER A 19 1.10 -8.10 4.72
CA SER A 19 1.47 -8.53 3.39
C SER A 19 0.71 -9.80 2.99
N PHE A 20 -0.16 -9.67 2.00
CA PHE A 20 -0.96 -10.80 1.53
C PHE A 20 -0.67 -11.10 0.06
N ASP A 21 -0.56 -12.38 -0.27
CA ASP A 21 -0.29 -12.79 -1.65
C ASP A 21 -1.57 -12.84 -2.46
N ASN A 22 -2.38 -13.87 -2.22
CA ASN A 22 -3.65 -14.02 -2.94
C ASN A 22 -3.43 -13.97 -4.44
N ASN A 23 -4.53 -13.89 -5.19
CA ASN A 23 -4.45 -13.83 -6.65
C ASN A 23 -5.83 -13.56 -7.25
N ASP A 24 -6.66 -12.82 -6.52
CA ASP A 24 -8.00 -12.49 -6.98
C ASP A 24 -7.95 -11.59 -8.21
N GLU A 25 -9.12 -11.24 -8.72
CA GLU A 25 -9.21 -10.39 -9.90
C GLU A 25 -9.57 -8.96 -9.51
N ASN A 26 -9.96 -8.78 -8.25
CA ASN A 26 -10.34 -7.46 -7.75
C ASN A 26 -9.17 -6.79 -7.03
N VAL A 27 -8.03 -7.47 -6.99
CA VAL A 27 -6.84 -6.96 -6.34
C VAL A 27 -6.00 -6.13 -7.30
N GLY A 28 -5.30 -5.13 -6.76
CA GLY A 28 -4.47 -4.28 -7.58
C GLY A 28 -3.02 -4.72 -7.60
N SER A 29 -2.37 -4.58 -8.75
CA SER A 29 -0.97 -4.98 -8.89
C SER A 29 -0.09 -3.75 -9.09
N GLY A 30 0.81 -3.51 -8.13
CA GLY A 30 1.71 -2.38 -8.20
C GLY A 30 3.07 -2.68 -7.62
N MET A 31 4.12 -2.22 -8.29
CA MET A 31 5.49 -2.43 -7.83
C MET A 31 6.38 -1.24 -8.18
N VAL A 32 6.67 -0.41 -7.19
CA VAL A 32 7.50 0.76 -7.39
C VAL A 32 8.79 0.66 -6.57
N GLY A 33 9.92 0.91 -7.23
CA GLY A 33 11.20 0.84 -6.55
C GLY A 33 11.85 2.21 -6.41
N ALA A 34 12.87 2.29 -5.55
CA ALA A 34 13.57 3.54 -5.33
C ALA A 34 14.03 4.16 -6.65
N PRO A 35 14.31 5.47 -6.61
CA PRO A 35 14.76 6.21 -7.80
C PRO A 35 16.17 5.81 -8.22
N ALA A 36 17.00 5.47 -7.25
CA ALA A 36 18.38 5.06 -7.52
C ALA A 36 18.42 3.77 -8.33
N CYS A 37 18.12 2.65 -7.67
CA CYS A 37 18.12 1.35 -8.32
C CYS A 37 17.50 0.29 -7.41
N GLY A 38 18.13 0.07 -6.27
CA GLY A 38 17.63 -0.93 -5.32
C GLY A 38 16.48 -0.40 -4.49
N ASP A 39 16.30 -0.98 -3.31
CA ASP A 39 15.22 -0.57 -2.41
C ASP A 39 13.87 -0.66 -3.11
N VAL A 40 13.50 -1.87 -3.53
CA VAL A 40 12.23 -2.09 -4.21
C VAL A 40 11.07 -2.07 -3.23
N MET A 41 9.93 -1.54 -3.66
CA MET A 41 8.75 -1.48 -2.82
C MET A 41 7.52 -2.00 -3.55
N LYS A 42 7.03 -3.15 -3.12
CA LYS A 42 5.85 -3.76 -3.73
C LYS A 42 4.60 -3.50 -2.92
N LEU A 43 3.77 -2.57 -3.39
CA LEU A 43 2.53 -2.21 -2.69
C LEU A 43 1.32 -2.72 -3.46
N GLN A 44 0.49 -3.52 -2.79
CA GLN A 44 -0.70 -4.07 -3.41
C GLN A 44 -1.95 -3.71 -2.61
N ILE A 45 -3.03 -3.37 -3.31
CA ILE A 45 -4.28 -3.01 -2.65
C ILE A 45 -5.41 -3.95 -3.07
N LYS A 46 -6.52 -3.88 -2.35
CA LYS A 46 -7.68 -4.72 -2.64
C LYS A 46 -8.89 -3.87 -3.01
N VAL A 47 -9.35 -4.02 -4.25
CA VAL A 47 -10.51 -3.26 -4.72
C VAL A 47 -11.76 -4.13 -4.74
N ASN A 48 -12.90 -3.53 -4.41
CA ASN A 48 -14.17 -4.24 -4.40
C ASN A 48 -14.79 -4.28 -5.79
N ASP A 49 -16.03 -4.76 -5.85
CA ASP A 49 -16.74 -4.85 -7.13
C ASP A 49 -17.20 -3.48 -7.61
N GLU A 50 -17.22 -2.52 -6.69
CA GLU A 50 -17.63 -1.15 -7.02
C GLU A 50 -16.46 -0.35 -7.58
N GLY A 51 -15.24 -0.84 -7.35
CA GLY A 51 -14.06 -0.16 -7.85
C GLY A 51 -13.43 0.73 -6.80
N ILE A 52 -13.58 0.36 -5.54
CA ILE A 52 -13.01 1.13 -4.44
C ILE A 52 -12.10 0.28 -3.58
N ILE A 53 -11.04 0.89 -3.05
CA ILE A 53 -10.09 0.18 -2.21
C ILE A 53 -10.69 -0.16 -0.85
N GLU A 54 -10.82 -1.45 -0.57
CA GLU A 54 -11.38 -1.90 0.70
C GLU A 54 -10.29 -2.36 1.66
N ASP A 55 -9.14 -2.75 1.10
CA ASP A 55 -8.02 -3.20 1.89
C ASP A 55 -6.70 -2.71 1.32
N ALA A 56 -5.62 -2.88 2.07
CA ALA A 56 -4.31 -2.44 1.63
C ALA A 56 -3.22 -3.38 2.16
N ARG A 57 -2.14 -3.51 1.38
CA ARG A 57 -1.03 -4.38 1.78
C ARG A 57 0.30 -3.81 1.28
N PHE A 58 1.27 -3.74 2.18
CA PHE A 58 2.59 -3.22 1.83
C PHE A 58 3.69 -4.07 2.44
N LYS A 59 4.91 -3.92 1.92
CA LYS A 59 6.05 -4.68 2.42
C LYS A 59 6.91 -3.83 3.36
N THR A 60 7.85 -4.48 4.04
CA THR A 60 8.73 -3.77 4.97
C THR A 60 10.20 -3.99 4.59
N TYR A 61 10.76 -3.03 3.87
CA TYR A 61 12.15 -3.12 3.44
C TYR A 61 12.96 -1.92 3.95
N GLY A 62 14.14 -2.19 4.47
CA GLY A 62 14.99 -1.13 4.99
C GLY A 62 14.59 -0.70 6.39
N CYS A 63 15.49 0.01 7.06
CA CYS A 63 15.24 0.48 8.42
C CYS A 63 15.04 -0.70 9.37
N GLY A 64 15.03 -0.41 10.67
CA GLY A 64 14.84 -1.45 11.66
C GLY A 64 15.03 -0.94 13.08
N SER A 65 15.78 -1.70 13.88
CA SER A 65 16.03 -1.32 15.26
C SER A 65 14.72 -1.07 16.01
N ALA A 66 13.68 -1.77 15.59
CA ALA A 66 12.36 -1.63 16.21
C ALA A 66 11.35 -2.58 15.58
N ILE A 67 11.07 -2.37 14.30
CA ILE A 67 10.12 -3.22 13.59
C ILE A 67 10.04 -2.82 12.12
N ALA A 68 10.15 -1.52 11.85
CA ALA A 68 10.08 -1.01 10.48
C ALA A 68 8.83 -1.51 9.77
N SER A 69 7.69 -0.97 10.14
CA SER A 69 6.41 -1.36 9.54
C SER A 69 5.34 -0.32 9.81
N SER A 70 5.36 0.77 9.05
CA SER A 70 4.38 1.84 9.22
C SER A 70 3.38 1.85 8.07
N SER A 71 3.83 2.30 6.90
CA SER A 71 2.98 2.37 5.73
C SER A 71 1.75 3.24 5.99
N LEU A 72 1.85 4.51 5.62
CA LEU A 72 0.76 5.45 5.81
C LEU A 72 -0.23 5.39 4.65
N VAL A 73 0.30 5.38 3.44
CA VAL A 73 -0.54 5.31 2.24
C VAL A 73 -1.53 4.15 2.33
N THR A 74 -1.06 3.02 2.85
CA THR A 74 -1.89 1.84 2.98
C THR A 74 -3.20 2.17 3.69
N GLU A 75 -3.16 3.17 4.56
CA GLU A 75 -4.34 3.59 5.31
C GLU A 75 -5.11 4.67 4.55
N TRP A 76 -4.38 5.46 3.78
CA TRP A 76 -4.99 6.54 3.00
C TRP A 76 -5.83 5.97 1.85
N VAL A 77 -5.53 4.75 1.45
CA VAL A 77 -6.25 4.10 0.36
C VAL A 77 -7.33 3.16 0.91
N LYS A 78 -7.02 2.52 2.03
CA LYS A 78 -7.96 1.59 2.66
C LYS A 78 -9.27 2.29 3.00
N GLY A 79 -10.29 2.07 2.18
CA GLY A 79 -11.58 2.68 2.42
C GLY A 79 -11.84 3.86 1.51
N LYS A 80 -10.88 4.16 0.65
CA LYS A 80 -11.01 5.28 -0.28
C LYS A 80 -11.02 4.77 -1.72
N SER A 81 -11.90 5.35 -2.54
CA SER A 81 -12.02 4.96 -3.94
C SER A 81 -10.73 5.26 -4.69
N LEU A 82 -10.43 4.43 -5.69
CA LEU A 82 -9.22 4.60 -6.49
C LEU A 82 -9.11 6.04 -7.00
N ASP A 83 -10.23 6.60 -7.43
CA ASP A 83 -10.27 7.97 -7.93
C ASP A 83 -9.74 8.95 -6.89
N GLU A 84 -10.00 8.64 -5.63
CA GLU A 84 -9.56 9.50 -4.53
C GLU A 84 -8.09 9.27 -4.21
N ALA A 85 -7.70 8.00 -4.15
CA ALA A 85 -6.32 7.64 -3.85
C ALA A 85 -5.38 8.13 -4.94
N GLN A 86 -5.94 8.46 -6.10
CA GLN A 86 -5.15 8.94 -7.23
C GLN A 86 -4.89 10.43 -7.11
N ALA A 87 -5.67 11.10 -6.27
CA ALA A 87 -5.52 12.54 -6.06
C ALA A 87 -4.51 12.83 -4.95
N ILE A 88 -4.03 11.77 -4.30
CA ILE A 88 -3.06 11.91 -3.23
C ILE A 88 -1.89 12.78 -3.65
N LYS A 89 -1.34 13.54 -2.70
CA LYS A 89 -0.21 14.42 -2.99
C LYS A 89 1.04 13.94 -2.27
N ASN A 90 2.14 13.87 -3.00
CA ASN A 90 3.41 13.43 -2.43
C ASN A 90 3.78 14.24 -1.19
N THR A 91 3.83 15.56 -1.36
CA THR A 91 4.17 16.45 -0.25
C THR A 91 3.31 16.17 0.97
N ASP A 92 2.11 15.65 0.73
CA ASP A 92 1.18 15.33 1.81
C ASP A 92 1.77 14.25 2.72
N ILE A 93 2.13 13.13 2.13
CA ILE A 93 2.70 12.01 2.88
C ILE A 93 4.08 12.37 3.43
N ALA A 94 4.73 13.34 2.79
CA ALA A 94 6.05 13.78 3.21
C ALA A 94 5.96 14.73 4.38
N GLU A 95 4.89 15.53 4.41
CA GLU A 95 4.69 16.50 5.48
C GLU A 95 4.00 15.85 6.67
N GLU A 96 3.19 14.83 6.40
CA GLU A 96 2.46 14.13 7.45
C GLU A 96 3.39 13.19 8.22
N LEU A 97 4.33 12.58 7.50
CA LEU A 97 5.28 11.66 8.11
C LEU A 97 6.52 12.40 8.62
N GLU A 98 6.84 13.51 7.96
CA GLU A 98 8.00 14.31 8.33
C GLU A 98 9.29 13.51 8.16
N LEU A 99 10.06 13.85 7.12
CA LEU A 99 11.32 13.18 6.85
C LEU A 99 12.32 14.12 6.18
N PRO A 100 13.60 13.79 6.30
CA PRO A 100 14.68 14.60 5.71
C PRO A 100 14.70 14.53 4.20
N PRO A 101 15.50 15.39 3.57
CA PRO A 101 15.64 15.46 2.11
C PRO A 101 16.35 14.23 1.54
N VAL A 102 17.15 13.59 2.37
CA VAL A 102 17.89 12.40 1.95
C VAL A 102 16.95 11.28 1.53
N LYS A 103 15.94 11.03 2.35
CA LYS A 103 14.96 9.98 2.07
C LYS A 103 13.62 10.59 1.64
N ILE A 104 13.70 11.75 1.00
CA ILE A 104 12.50 12.43 0.52
C ILE A 104 11.82 11.64 -0.59
N HIS A 105 12.62 10.91 -1.36
CA HIS A 105 12.10 10.12 -2.47
C HIS A 105 11.05 9.12 -1.97
N CYS A 106 11.13 8.78 -0.69
CA CYS A 106 10.19 7.84 -0.09
C CYS A 106 8.77 8.40 -0.12
N SER A 107 8.67 9.73 -0.16
CA SER A 107 7.37 10.38 -0.18
C SER A 107 6.77 10.37 -1.59
N ILE A 108 7.64 10.32 -2.59
CA ILE A 108 7.21 10.30 -3.98
C ILE A 108 6.93 8.88 -4.45
N LEU A 109 7.79 7.96 -4.05
CA LEU A 109 7.65 6.55 -4.43
C LEU A 109 6.27 6.02 -4.02
N ALA A 110 5.68 6.63 -3.00
CA ALA A 110 4.37 6.22 -2.53
C ALA A 110 3.29 6.48 -3.59
N GLU A 111 3.23 7.71 -4.07
CA GLU A 111 2.25 8.08 -5.08
C GLU A 111 2.28 7.11 -6.25
N ASP A 112 3.47 6.88 -6.80
CA ASP A 112 3.64 5.97 -7.92
C ASP A 112 3.00 4.62 -7.62
N ALA A 113 3.28 4.09 -6.44
CA ALA A 113 2.74 2.81 -6.03
C ALA A 113 1.21 2.84 -5.97
N ILE A 114 0.65 4.03 -5.79
CA ILE A 114 -0.79 4.21 -5.73
C ILE A 114 -1.40 4.23 -7.12
N LYS A 115 -0.84 5.06 -8.00
CA LYS A 115 -1.33 5.17 -9.36
C LYS A 115 -1.15 3.85 -10.12
N ALA A 116 -0.29 3.00 -9.60
CA ALA A 116 -0.04 1.70 -10.22
C ALA A 116 -1.14 0.71 -9.89
N ALA A 117 -1.35 0.45 -8.61
CA ALA A 117 -2.38 -0.47 -8.16
C ALA A 117 -3.76 -0.04 -8.66
N ILE A 118 -3.89 1.24 -8.98
CA ILE A 118 -5.15 1.78 -9.47
C ILE A 118 -5.36 1.43 -10.95
N ALA A 119 -4.51 1.97 -11.80
CA ALA A 119 -4.59 1.72 -13.24
C ALA A 119 -4.47 0.23 -13.54
N ASP A 120 -3.90 -0.51 -12.60
CA ASP A 120 -3.72 -1.95 -12.77
C ASP A 120 -5.07 -2.67 -12.71
N TYR A 121 -5.96 -2.18 -11.87
CA TYR A 121 -7.29 -2.78 -11.71
C TYR A 121 -8.08 -2.68 -13.01
N LYS A 122 -8.36 -1.46 -13.44
CA LYS A 122 -9.11 -1.23 -14.67
C LYS A 122 -8.40 -1.85 -15.87
N SER A 123 -7.10 -2.09 -15.72
CA SER A 123 -6.30 -2.67 -16.78
C SER A 123 -6.47 -4.19 -16.82
N LYS A 124 -6.40 -4.81 -15.64
CA LYS A 124 -6.55 -6.26 -15.54
C LYS A 124 -8.01 -6.67 -15.64
N ARG A 125 -8.91 -5.70 -15.42
CA ARG A 125 -10.34 -5.96 -15.49
C ARG A 125 -10.75 -6.40 -16.89
N GLU A 126 -10.10 -5.81 -17.90
CA GLU A 126 -10.40 -6.15 -19.29
C GLU A 126 -9.50 -7.27 -19.78
N ALA A 127 -8.83 -7.94 -18.85
CA ALA A 127 -7.94 -9.04 -19.19
C ALA A 127 -8.72 -10.19 -19.85
N LYS A 128 -8.74 -10.20 -21.18
CA LYS A 128 -9.44 -11.22 -21.93
C LYS A 128 -8.56 -11.77 -23.05
N MET A 1 0.31 -34.09 22.75
CA MET A 1 -0.88 -34.78 22.28
C MET A 1 -2.14 -34.09 22.80
N ALA A 2 -3.19 -34.10 21.97
CA ALA A 2 -4.45 -33.47 22.34
C ALA A 2 -5.57 -33.92 21.41
N TYR A 3 -6.78 -34.04 21.96
CA TYR A 3 -7.93 -34.47 21.18
C TYR A 3 -8.82 -33.27 20.82
N SER A 4 -8.99 -33.04 19.52
CA SER A 4 -9.80 -31.93 19.04
C SER A 4 -10.94 -32.43 18.16
N GLU A 5 -11.82 -31.51 17.76
CA GLU A 5 -12.95 -31.87 16.91
C GLU A 5 -12.94 -31.04 15.62
N LYS A 6 -13.12 -31.71 14.49
CA LYS A 6 -13.12 -31.05 13.19
C LYS A 6 -14.46 -30.37 12.94
N VAL A 7 -14.41 -29.14 12.42
CA VAL A 7 -15.62 -28.38 12.14
C VAL A 7 -15.48 -27.60 10.84
N ILE A 8 -16.59 -27.47 10.11
CA ILE A 8 -16.59 -26.74 8.85
C ILE A 8 -16.29 -25.26 9.07
N ASP A 9 -15.43 -24.70 8.24
CA ASP A 9 -15.06 -23.30 8.34
C ASP A 9 -14.38 -23.01 9.67
N HIS A 10 -13.06 -22.86 9.65
CA HIS A 10 -12.31 -22.59 10.87
C HIS A 10 -11.79 -21.14 10.87
N TYR A 11 -12.25 -20.35 11.83
CA TYR A 11 -11.85 -18.96 11.93
C TYR A 11 -11.16 -18.70 13.25
N GLU A 12 -9.82 -18.78 13.26
CA GLU A 12 -9.04 -18.55 14.46
C GLU A 12 -7.66 -17.99 14.12
N ASN A 13 -7.18 -17.07 14.94
CA ASN A 13 -5.88 -16.45 14.72
C ASN A 13 -5.78 -15.85 13.33
N PRO A 14 -6.51 -14.73 13.12
CA PRO A 14 -6.54 -14.03 11.83
C PRO A 14 -5.21 -13.33 11.53
N ARG A 15 -5.05 -12.89 10.29
CA ARG A 15 -3.83 -12.21 9.88
C ARG A 15 -3.87 -10.74 10.27
N ASN A 16 -4.71 -9.96 9.59
CA ASN A 16 -4.84 -8.54 9.87
C ASN A 16 -3.47 -7.86 9.85
N VAL A 17 -2.58 -8.36 9.01
CA VAL A 17 -1.24 -7.79 8.90
C VAL A 17 -1.13 -6.89 7.66
N GLY A 18 -1.20 -7.50 6.49
CA GLY A 18 -1.10 -6.73 5.25
C GLY A 18 -0.21 -7.39 4.23
N SER A 19 -0.44 -8.68 3.98
CA SER A 19 0.35 -9.43 3.02
C SER A 19 -0.54 -10.21 2.05
N PHE A 20 -0.27 -10.08 0.76
CA PHE A 20 -1.05 -10.76 -0.26
C PHE A 20 -1.10 -12.26 0.01
N ASP A 21 -2.21 -12.88 -0.38
CA ASP A 21 -2.39 -14.32 -0.18
C ASP A 21 -3.14 -14.95 -1.35
N ASN A 22 -4.40 -14.55 -1.52
CA ASN A 22 -5.22 -15.07 -2.60
C ASN A 22 -5.28 -14.09 -3.77
N ASN A 23 -4.55 -14.40 -4.84
CA ASN A 23 -4.52 -13.55 -6.02
C ASN A 23 -5.89 -13.49 -6.68
N ASP A 24 -6.64 -12.44 -6.39
CA ASP A 24 -7.98 -12.27 -6.96
C ASP A 24 -7.92 -11.39 -8.21
N GLU A 25 -9.08 -11.09 -8.76
CA GLU A 25 -9.16 -10.26 -9.96
C GLU A 25 -9.51 -8.82 -9.60
N ASN A 26 -9.95 -8.61 -8.36
CA ASN A 26 -10.33 -7.28 -7.89
C ASN A 26 -9.16 -6.62 -7.15
N VAL A 27 -8.05 -7.34 -7.05
CA VAL A 27 -6.87 -6.83 -6.37
C VAL A 27 -5.97 -6.06 -7.33
N GLY A 28 -5.28 -5.05 -6.81
CA GLY A 28 -4.40 -4.25 -7.64
C GLY A 28 -2.95 -4.72 -7.55
N SER A 29 -2.25 -4.67 -8.68
CA SER A 29 -0.86 -5.10 -8.74
C SER A 29 0.06 -3.91 -9.02
N GLY A 30 0.91 -3.59 -8.05
CA GLY A 30 1.84 -2.48 -8.21
C GLY A 30 3.17 -2.72 -7.52
N MET A 31 4.25 -2.35 -8.20
CA MET A 31 5.59 -2.54 -7.64
C MET A 31 6.51 -1.41 -8.08
N VAL A 32 6.76 -0.47 -7.17
CA VAL A 32 7.63 0.67 -7.47
C VAL A 32 8.91 0.61 -6.64
N GLY A 33 10.03 0.92 -7.26
CA GLY A 33 11.31 0.90 -6.56
C GLY A 33 11.90 2.29 -6.39
N ALA A 34 12.80 2.43 -5.42
CA ALA A 34 13.44 3.71 -5.15
C ALA A 34 14.00 4.32 -6.43
N PRO A 35 14.25 5.64 -6.41
CA PRO A 35 14.80 6.37 -7.55
C PRO A 35 16.25 6.00 -7.83
N ALA A 36 17.03 5.86 -6.76
CA ALA A 36 18.45 5.53 -6.89
C ALA A 36 18.95 4.84 -5.63
N CYS A 37 19.93 3.95 -5.80
CA CYS A 37 20.51 3.22 -4.68
C CYS A 37 19.45 2.40 -3.95
N GLY A 38 19.39 1.11 -4.27
CA GLY A 38 18.42 0.24 -3.63
C GLY A 38 17.00 0.50 -4.13
N ASP A 39 16.17 -0.54 -4.11
CA ASP A 39 14.79 -0.42 -4.56
C ASP A 39 14.06 -1.75 -4.40
N VAL A 40 12.95 -1.72 -3.67
CA VAL A 40 12.15 -2.92 -3.44
C VAL A 40 10.93 -2.61 -2.57
N MET A 41 9.83 -2.26 -3.21
CA MET A 41 8.60 -1.95 -2.49
C MET A 41 7.38 -2.51 -3.21
N LYS A 42 6.76 -3.52 -2.61
CA LYS A 42 5.58 -4.16 -3.19
C LYS A 42 4.31 -3.66 -2.52
N LEU A 43 3.58 -2.78 -3.21
CA LEU A 43 2.33 -2.25 -2.68
C LEU A 43 1.14 -2.75 -3.46
N GLN A 44 0.19 -3.38 -2.77
CA GLN A 44 -1.00 -3.91 -3.40
C GLN A 44 -2.26 -3.50 -2.64
N ILE A 45 -3.32 -3.18 -3.38
CA ILE A 45 -4.57 -2.77 -2.78
C ILE A 45 -5.71 -3.73 -3.15
N LYS A 46 -6.80 -3.66 -2.41
CA LYS A 46 -7.96 -4.51 -2.66
C LYS A 46 -9.18 -3.67 -3.05
N VAL A 47 -9.69 -3.90 -4.25
CA VAL A 47 -10.86 -3.18 -4.74
C VAL A 47 -12.09 -4.07 -4.78
N ASN A 48 -13.25 -3.48 -4.49
CA ASN A 48 -14.50 -4.23 -4.50
C ASN A 48 -15.28 -3.99 -5.78
N ASP A 49 -16.43 -4.63 -5.92
CA ASP A 49 -17.26 -4.49 -7.10
C ASP A 49 -17.68 -3.03 -7.29
N GLU A 50 -17.60 -2.25 -6.22
CA GLU A 50 -17.97 -0.84 -6.28
C GLU A 50 -16.85 -0.02 -6.92
N GLY A 51 -15.71 -0.65 -7.15
CA GLY A 51 -14.58 0.03 -7.75
C GLY A 51 -13.84 0.91 -6.76
N ILE A 52 -13.99 0.61 -5.48
CA ILE A 52 -13.33 1.38 -4.44
C ILE A 52 -12.45 0.49 -3.57
N ILE A 53 -11.32 1.02 -3.14
CA ILE A 53 -10.38 0.27 -2.30
C ILE A 53 -10.97 0.01 -0.92
N GLU A 54 -11.05 -1.26 -0.55
CA GLU A 54 -11.60 -1.64 0.75
C GLU A 54 -10.48 -2.03 1.72
N ASP A 55 -9.37 -2.52 1.17
CA ASP A 55 -8.23 -2.92 1.98
C ASP A 55 -6.92 -2.51 1.31
N ALA A 56 -5.82 -2.72 2.02
CA ALA A 56 -4.50 -2.38 1.50
C ALA A 56 -3.43 -3.31 2.06
N ARG A 57 -2.33 -3.46 1.33
CA ARG A 57 -1.24 -4.32 1.75
C ARG A 57 0.09 -3.85 1.18
N PHE A 58 1.15 -3.98 1.95
CA PHE A 58 2.48 -3.57 1.52
C PHE A 58 3.56 -4.50 2.06
N LYS A 59 4.79 -4.30 1.60
CA LYS A 59 5.90 -5.13 2.05
C LYS A 59 7.23 -4.56 1.55
N THR A 60 8.26 -4.67 2.38
CA THR A 60 9.59 -4.16 2.03
C THR A 60 10.69 -5.06 2.58
N TYR A 61 10.54 -5.45 3.84
CA TYR A 61 11.51 -6.31 4.49
C TYR A 61 12.90 -5.68 4.45
N GLY A 62 13.07 -4.59 5.18
CA GLY A 62 14.35 -3.91 5.22
C GLY A 62 15.10 -4.17 6.51
N CYS A 63 16.08 -3.32 6.81
CA CYS A 63 16.89 -3.46 8.01
C CYS A 63 16.82 -2.20 8.86
N GLY A 64 17.15 -1.06 8.26
CA GLY A 64 17.13 0.20 8.98
C GLY A 64 15.85 0.97 8.74
N SER A 65 15.60 1.99 9.57
CA SER A 65 14.40 2.80 9.45
C SER A 65 13.14 1.95 9.57
N ALA A 66 12.79 1.60 10.80
CA ALA A 66 11.60 0.78 11.06
C ALA A 66 11.04 1.06 12.44
N ILE A 67 10.62 2.29 12.67
CA ILE A 67 10.05 2.69 13.96
C ILE A 67 8.90 1.77 14.34
N ALA A 68 8.17 1.28 13.34
CA ALA A 68 7.03 0.39 13.59
C ALA A 68 6.57 -0.26 12.28
N SER A 69 5.99 0.54 11.40
CA SER A 69 5.50 0.03 10.12
C SER A 69 5.65 1.08 9.03
N SER A 70 6.04 0.63 7.84
CA SER A 70 6.22 1.53 6.70
C SER A 70 4.95 1.63 5.87
N SER A 71 5.05 2.31 4.74
CA SER A 71 3.90 2.49 3.85
C SER A 71 2.71 3.05 4.62
N LEU A 72 2.62 4.37 4.67
CA LEU A 72 1.53 5.04 5.37
C LEU A 72 0.30 5.16 4.47
N VAL A 73 0.53 5.28 3.17
CA VAL A 73 -0.55 5.40 2.21
C VAL A 73 -1.50 4.20 2.29
N THR A 74 -1.00 3.10 2.83
CA THR A 74 -1.80 1.89 2.97
C THR A 74 -3.13 2.19 3.64
N GLU A 75 -3.15 3.20 4.50
CA GLU A 75 -4.36 3.59 5.21
C GLU A 75 -5.10 4.70 4.46
N TRP A 76 -4.36 5.45 3.65
CA TRP A 76 -4.95 6.54 2.88
C TRP A 76 -5.70 6.00 1.67
N VAL A 77 -5.37 4.78 1.27
CA VAL A 77 -6.01 4.15 0.12
C VAL A 77 -7.17 3.27 0.56
N LYS A 78 -6.99 2.56 1.67
CA LYS A 78 -8.02 1.68 2.20
C LYS A 78 -9.27 2.47 2.57
N GLY A 79 -10.43 1.97 2.16
CA GLY A 79 -11.68 2.64 2.46
C GLY A 79 -11.91 3.86 1.59
N LYS A 80 -10.99 4.10 0.66
CA LYS A 80 -11.10 5.24 -0.23
C LYS A 80 -11.19 4.79 -1.69
N SER A 81 -11.94 5.53 -2.49
CA SER A 81 -12.11 5.19 -3.90
C SER A 81 -10.82 5.43 -4.68
N LEU A 82 -10.60 4.62 -5.71
CA LEU A 82 -9.41 4.74 -6.54
C LEU A 82 -9.21 6.18 -7.01
N ASP A 83 -10.30 6.82 -7.39
CA ASP A 83 -10.26 8.20 -7.86
C ASP A 83 -9.72 9.13 -6.78
N GLU A 84 -9.99 8.78 -5.52
CA GLU A 84 -9.54 9.59 -4.40
C GLU A 84 -8.10 9.23 -4.02
N ALA A 85 -7.84 7.94 -3.87
CA ALA A 85 -6.50 7.46 -3.51
C ALA A 85 -5.49 7.86 -4.57
N GLN A 86 -5.97 8.21 -5.76
CA GLN A 86 -5.09 8.60 -6.84
C GLN A 86 -4.80 10.10 -6.79
N ALA A 87 -5.57 10.83 -5.99
CA ALA A 87 -5.40 12.26 -5.85
C ALA A 87 -4.40 12.59 -4.74
N ILE A 88 -3.94 11.55 -4.04
CA ILE A 88 -3.00 11.73 -2.94
C ILE A 88 -1.80 12.56 -3.39
N LYS A 89 -1.27 13.36 -2.47
CA LYS A 89 -0.12 14.22 -2.76
C LYS A 89 1.14 13.68 -2.09
N ASN A 90 2.22 13.59 -2.85
CA ASN A 90 3.49 13.10 -2.31
C ASN A 90 3.87 13.84 -1.03
N THR A 91 3.88 15.16 -1.10
CA THR A 91 4.23 16.00 0.04
C THR A 91 3.43 15.58 1.27
N ASP A 92 2.21 15.11 1.06
CA ASP A 92 1.35 14.68 2.15
C ASP A 92 1.92 13.44 2.83
N ILE A 93 2.49 12.54 2.04
CA ILE A 93 3.07 11.31 2.56
C ILE A 93 4.29 11.60 3.43
N ALA A 94 5.10 12.55 2.98
CA ALA A 94 6.31 12.93 3.71
C ALA A 94 5.98 13.90 4.84
N GLU A 95 4.83 14.56 4.74
CA GLU A 95 4.40 15.51 5.75
C GLU A 95 3.68 14.80 6.90
N GLU A 96 2.84 13.83 6.55
CA GLU A 96 2.08 13.08 7.55
C GLU A 96 3.03 12.34 8.49
N LEU A 97 4.07 11.73 7.93
CA LEU A 97 5.04 10.98 8.71
C LEU A 97 6.23 11.86 9.09
N GLU A 98 6.35 13.00 8.40
CA GLU A 98 7.45 13.92 8.65
C GLU A 98 8.79 13.23 8.50
N LEU A 99 9.31 13.21 7.27
CA LEU A 99 10.60 12.59 7.00
C LEU A 99 11.64 13.62 6.61
N PRO A 100 12.93 13.24 6.69
CA PRO A 100 14.04 14.12 6.35
C PRO A 100 14.13 14.39 4.85
N PRO A 101 14.96 15.38 4.48
CA PRO A 101 15.15 15.77 3.07
C PRO A 101 15.89 14.70 2.28
N VAL A 102 16.84 14.03 2.94
CA VAL A 102 17.62 12.99 2.28
C VAL A 102 16.75 11.78 1.94
N LYS A 103 15.89 11.41 2.87
CA LYS A 103 15.00 10.26 2.67
C LYS A 103 13.64 10.72 2.17
N ILE A 104 13.61 11.90 1.53
CA ILE A 104 12.37 12.44 1.00
C ILE A 104 11.88 11.63 -0.20
N HIS A 105 12.83 11.04 -0.93
CA HIS A 105 12.50 10.24 -2.11
C HIS A 105 11.55 9.11 -1.73
N CYS A 106 11.77 8.51 -0.56
CA CYS A 106 10.93 7.42 -0.09
C CYS A 106 9.47 7.83 -0.02
N SER A 107 9.24 9.13 0.10
CA SER A 107 7.89 9.66 0.18
C SER A 107 7.32 9.95 -1.21
N ILE A 108 8.22 10.10 -2.18
CA ILE A 108 7.81 10.38 -3.55
C ILE A 108 7.53 9.08 -4.31
N LEU A 109 8.17 8.01 -3.90
CA LEU A 109 8.00 6.72 -4.54
C LEU A 109 6.67 6.08 -4.13
N ALA A 110 6.17 6.48 -2.98
CA ALA A 110 4.90 5.96 -2.47
C ALA A 110 3.77 6.24 -3.44
N GLU A 111 3.60 7.51 -3.81
CA GLU A 111 2.55 7.90 -4.73
C GLU A 111 2.55 7.02 -5.98
N ASP A 112 3.75 6.78 -6.52
CA ASP A 112 3.89 5.96 -7.71
C ASP A 112 3.18 4.62 -7.52
N ALA A 113 3.45 3.96 -6.40
CA ALA A 113 2.83 2.67 -6.10
C ALA A 113 1.31 2.77 -6.09
N ILE A 114 0.80 3.99 -5.92
CA ILE A 114 -0.64 4.23 -5.90
C ILE A 114 -1.23 4.13 -7.30
N LYS A 115 -0.72 4.98 -8.20
CA LYS A 115 -1.20 5.00 -9.58
C LYS A 115 -0.99 3.64 -10.25
N ALA A 116 -0.10 2.84 -9.68
CA ALA A 116 0.19 1.52 -10.22
C ALA A 116 -0.91 0.52 -9.87
N ALA A 117 -1.14 0.33 -8.57
CA ALA A 117 -2.16 -0.59 -8.10
C ALA A 117 -3.54 -0.22 -8.66
N ILE A 118 -3.75 1.07 -8.87
CA ILE A 118 -5.02 1.55 -9.41
C ILE A 118 -5.17 1.18 -10.88
N ALA A 119 -4.28 1.72 -11.71
CA ALA A 119 -4.31 1.45 -13.15
C ALA A 119 -4.25 -0.05 -13.41
N ASP A 120 -3.73 -0.80 -12.44
CA ASP A 120 -3.62 -2.24 -12.58
C ASP A 120 -4.98 -2.92 -12.38
N TYR A 121 -5.73 -2.45 -11.39
CA TYR A 121 -7.04 -3.02 -11.09
C TYR A 121 -7.99 -2.84 -12.27
N LYS A 122 -8.25 -1.59 -12.64
CA LYS A 122 -9.13 -1.29 -13.76
C LYS A 122 -8.65 -1.98 -15.03
N SER A 123 -7.38 -2.33 -15.06
CA SER A 123 -6.79 -2.99 -16.22
C SER A 123 -7.06 -4.50 -16.19
N LYS A 124 -7.15 -5.05 -14.98
CA LYS A 124 -7.40 -6.48 -14.81
C LYS A 124 -8.90 -6.77 -14.88
N ARG A 125 -9.71 -5.75 -14.64
CA ARG A 125 -11.17 -5.91 -14.68
C ARG A 125 -11.61 -6.43 -16.04
N GLU A 126 -10.83 -6.11 -17.07
CA GLU A 126 -11.15 -6.55 -18.43
C GLU A 126 -10.46 -7.86 -18.76
N ALA A 127 -10.02 -8.57 -17.73
CA ALA A 127 -9.33 -9.84 -17.91
C ALA A 127 -10.22 -10.85 -18.63
N LYS A 128 -10.05 -10.95 -19.94
CA LYS A 128 -10.83 -11.88 -20.75
C LYS A 128 -9.96 -12.99 -21.31
N MET A 1 -4.70 -13.06 32.04
CA MET A 1 -5.93 -13.42 31.37
C MET A 1 -6.30 -12.41 30.29
N ALA A 2 -6.87 -12.89 29.20
CA ALA A 2 -7.25 -12.03 28.09
C ALA A 2 -8.77 -11.97 27.94
N TYR A 3 -9.43 -11.30 28.88
CA TYR A 3 -10.88 -11.17 28.87
C TYR A 3 -11.36 -10.61 27.53
N SER A 4 -10.63 -9.62 27.01
CA SER A 4 -10.99 -9.00 25.74
C SER A 4 -9.77 -8.35 25.10
N GLU A 5 -9.89 -8.03 23.81
CA GLU A 5 -8.79 -7.41 23.08
C GLU A 5 -9.08 -5.93 22.83
N LYS A 6 -10.30 -5.62 22.43
CA LYS A 6 -10.71 -4.25 22.17
C LYS A 6 -12.23 -4.10 22.25
N VAL A 7 -12.68 -2.88 22.54
CA VAL A 7 -14.12 -2.61 22.64
C VAL A 7 -14.44 -1.22 22.12
N ILE A 8 -14.55 -1.10 20.80
CA ILE A 8 -14.85 0.19 20.18
C ILE A 8 -15.10 0.03 18.68
N ASP A 9 -16.06 0.79 18.15
CA ASP A 9 -16.38 0.72 16.73
C ASP A 9 -15.17 1.11 15.89
N HIS A 10 -14.57 0.12 15.24
CA HIS A 10 -13.41 0.35 14.39
C HIS A 10 -13.31 -0.70 13.30
N TYR A 11 -12.44 -0.45 12.32
CA TYR A 11 -12.26 -1.38 11.21
C TYR A 11 -10.98 -2.20 11.37
N GLU A 12 -11.10 -3.51 11.21
CA GLU A 12 -9.95 -4.40 11.34
C GLU A 12 -9.72 -5.20 10.06
N ASN A 13 -8.53 -5.76 9.92
CA ASN A 13 -8.19 -6.55 8.74
C ASN A 13 -8.55 -8.02 8.95
N PRO A 14 -8.74 -8.74 7.83
CA PRO A 14 -9.09 -10.16 7.86
C PRO A 14 -7.94 -11.04 8.33
N ARG A 15 -6.75 -10.77 7.79
CA ARG A 15 -5.56 -11.54 8.16
C ARG A 15 -4.38 -10.61 8.42
N ASN A 16 -4.14 -9.69 7.48
CA ASN A 16 -3.03 -8.74 7.60
C ASN A 16 -1.69 -9.47 7.62
N VAL A 17 -1.58 -10.51 6.80
CA VAL A 17 -0.36 -11.29 6.72
C VAL A 17 0.76 -10.49 6.07
N GLY A 18 0.39 -9.50 5.27
CA GLY A 18 1.36 -8.67 4.60
C GLY A 18 1.06 -8.48 3.13
N SER A 19 0.64 -9.55 2.46
CA SER A 19 0.32 -9.50 1.05
C SER A 19 -0.36 -10.78 0.59
N PHE A 20 -1.53 -10.64 -0.03
CA PHE A 20 -2.27 -11.79 -0.52
C PHE A 20 -2.51 -11.70 -2.02
N ASP A 21 -3.21 -12.68 -2.57
CA ASP A 21 -3.51 -12.72 -4.00
C ASP A 21 -2.23 -12.59 -4.82
N ASN A 22 -2.38 -12.47 -6.14
CA ASN A 22 -1.24 -12.34 -7.03
C ASN A 22 -1.70 -12.07 -8.46
N ASN A 23 -1.81 -10.79 -8.80
CA ASN A 23 -2.24 -10.39 -10.14
C ASN A 23 -3.67 -10.84 -10.41
N ASP A 24 -4.55 -10.56 -9.46
CA ASP A 24 -5.96 -10.93 -9.59
C ASP A 24 -6.75 -9.84 -10.29
N GLU A 25 -7.99 -10.14 -10.67
CA GLU A 25 -8.85 -9.18 -11.34
C GLU A 25 -9.24 -8.04 -10.41
N ASN A 26 -9.47 -8.38 -9.15
CA ASN A 26 -9.85 -7.39 -8.14
C ASN A 26 -8.62 -6.80 -7.46
N VAL A 27 -7.50 -7.50 -7.56
CA VAL A 27 -6.26 -7.05 -6.96
C VAL A 27 -5.47 -6.16 -7.93
N GLY A 28 -4.92 -5.07 -7.42
CA GLY A 28 -4.15 -4.16 -8.25
C GLY A 28 -2.65 -4.41 -8.15
N SER A 29 -1.97 -4.37 -9.29
CA SER A 29 -0.53 -4.59 -9.33
C SER A 29 0.23 -3.27 -9.31
N GLY A 30 1.27 -3.20 -8.48
CA GLY A 30 2.06 -1.99 -8.38
C GLY A 30 3.51 -2.27 -8.04
N MET A 31 4.43 -1.65 -8.78
CA MET A 31 5.85 -1.84 -8.55
C MET A 31 6.63 -0.55 -8.84
N VAL A 32 7.16 0.05 -7.78
CA VAL A 32 7.92 1.29 -7.91
C VAL A 32 9.37 1.09 -7.50
N GLY A 33 10.30 1.45 -8.38
CA GLY A 33 11.71 1.30 -8.09
C GLY A 33 12.31 2.56 -7.48
N ALA A 34 13.45 2.41 -6.82
CA ALA A 34 14.12 3.54 -6.20
C ALA A 34 14.86 4.38 -7.23
N PRO A 35 15.17 5.63 -6.87
CA PRO A 35 15.88 6.56 -7.76
C PRO A 35 17.33 6.16 -7.97
N ALA A 36 17.79 5.17 -7.21
CA ALA A 36 19.16 4.69 -7.31
C ALA A 36 19.22 3.26 -7.85
N CYS A 37 18.10 2.54 -7.69
CA CYS A 37 18.02 1.17 -8.16
C CYS A 37 16.89 1.00 -9.17
N GLY A 38 16.58 -0.25 -9.50
CA GLY A 38 15.51 -0.52 -10.46
C GLY A 38 14.59 -1.63 -10.00
N ASP A 39 13.31 -1.30 -9.85
CA ASP A 39 12.32 -2.28 -9.42
C ASP A 39 12.76 -2.97 -8.13
N VAL A 40 12.39 -2.38 -6.99
CA VAL A 40 12.75 -2.93 -5.69
C VAL A 40 11.53 -3.04 -4.79
N MET A 41 10.66 -2.02 -4.85
CA MET A 41 9.46 -1.99 -4.02
C MET A 41 8.24 -2.45 -4.83
N LYS A 42 7.24 -2.98 -4.14
CA LYS A 42 6.04 -3.46 -4.79
C LYS A 42 4.82 -3.24 -3.89
N LEU A 43 3.80 -2.57 -4.41
CA LEU A 43 2.59 -2.30 -3.66
C LEU A 43 1.36 -2.79 -4.42
N GLN A 44 0.38 -3.32 -3.69
CA GLN A 44 -0.84 -3.82 -4.30
C GLN A 44 -2.05 -3.51 -3.42
N ILE A 45 -3.17 -3.17 -4.06
CA ILE A 45 -4.39 -2.85 -3.33
C ILE A 45 -5.53 -3.79 -3.74
N LYS A 46 -6.52 -3.92 -2.86
CA LYS A 46 -7.66 -4.78 -3.13
C LYS A 46 -8.92 -3.94 -3.43
N VAL A 47 -9.55 -4.23 -4.56
CA VAL A 47 -10.75 -3.52 -4.96
C VAL A 47 -11.96 -4.44 -4.99
N ASN A 48 -13.11 -3.91 -4.60
CA ASN A 48 -14.35 -4.69 -4.57
C ASN A 48 -15.15 -4.48 -5.85
N ASP A 49 -16.39 -4.95 -5.85
CA ASP A 49 -17.26 -4.82 -7.01
C ASP A 49 -17.77 -3.39 -7.14
N GLU A 50 -17.59 -2.60 -6.08
CA GLU A 50 -18.03 -1.20 -6.08
C GLU A 50 -16.92 -0.28 -6.59
N GLY A 51 -15.78 -0.87 -6.93
CA GLY A 51 -14.66 -0.09 -7.42
C GLY A 51 -14.01 0.73 -6.32
N ILE A 52 -13.99 0.19 -5.10
CA ILE A 52 -13.39 0.87 -3.97
C ILE A 52 -12.31 0.01 -3.33
N ILE A 53 -11.32 0.66 -2.72
CA ILE A 53 -10.24 -0.04 -2.06
C ILE A 53 -10.67 -0.58 -0.69
N GLU A 54 -10.56 -1.90 -0.53
CA GLU A 54 -10.95 -2.53 0.72
C GLU A 54 -9.71 -2.94 1.53
N ASP A 55 -8.70 -3.44 0.83
CA ASP A 55 -7.47 -3.88 1.47
C ASP A 55 -6.25 -3.30 0.74
N ALA A 56 -5.07 -3.50 1.34
CA ALA A 56 -3.84 -3.00 0.75
C ALA A 56 -2.63 -3.75 1.31
N ARG A 57 -1.56 -3.83 0.51
CA ARG A 57 -0.35 -4.53 0.92
C ARG A 57 0.86 -3.99 0.16
N PHE A 58 2.04 -4.15 0.76
CA PHE A 58 3.28 -3.69 0.13
C PHE A 58 4.42 -4.66 0.40
N LYS A 59 5.57 -4.39 -0.21
CA LYS A 59 6.74 -5.24 -0.03
C LYS A 59 7.98 -4.41 0.30
N THR A 60 8.90 -4.99 1.07
CA THR A 60 10.12 -4.30 1.45
C THR A 60 9.82 -3.06 2.29
N TYR A 61 10.82 -2.57 3.00
CA TYR A 61 10.67 -1.40 3.84
C TYR A 61 12.00 -0.72 4.10
N GLY A 62 11.98 0.36 4.88
CA GLY A 62 13.20 1.07 5.19
C GLY A 62 13.28 1.50 6.64
N CYS A 63 13.75 0.61 7.50
CA CYS A 63 13.87 0.90 8.92
C CYS A 63 12.51 1.26 9.52
N GLY A 64 12.51 1.64 10.79
CA GLY A 64 11.27 2.00 11.46
C GLY A 64 11.45 3.17 12.40
N SER A 65 10.76 4.28 12.12
CA SER A 65 10.85 5.46 12.94
C SER A 65 10.00 5.32 14.20
N ALA A 66 8.80 4.77 14.04
CA ALA A 66 7.88 4.57 15.15
C ALA A 66 8.01 3.16 15.72
N ILE A 67 7.23 2.87 16.75
CA ILE A 67 7.25 1.56 17.38
C ILE A 67 6.09 0.69 16.91
N ALA A 68 4.91 1.30 16.82
CA ALA A 68 3.72 0.58 16.37
C ALA A 68 3.32 1.02 14.96
N SER A 69 3.50 2.30 14.66
CA SER A 69 3.15 2.83 13.35
C SER A 69 3.97 2.16 12.25
N SER A 70 3.28 1.51 11.32
CA SER A 70 3.94 0.82 10.22
C SER A 70 3.04 0.79 8.98
N SER A 71 3.66 0.91 7.82
CA SER A 71 2.92 0.90 6.56
C SER A 71 1.84 1.97 6.55
N LEU A 72 2.22 3.18 6.15
CA LEU A 72 1.27 4.30 6.10
C LEU A 72 0.49 4.30 4.79
N VAL A 73 1.15 3.85 3.72
CA VAL A 73 0.52 3.80 2.40
C VAL A 73 -0.57 2.73 2.36
N THR A 74 -0.19 1.50 2.69
CA THR A 74 -1.14 0.39 2.69
C THR A 74 -2.30 0.66 3.64
N GLU A 75 -2.10 1.57 4.58
CA GLU A 75 -3.14 1.92 5.54
C GLU A 75 -3.94 3.12 5.07
N TRP A 76 -3.29 3.99 4.29
CA TRP A 76 -3.94 5.18 3.77
C TRP A 76 -5.01 4.83 2.75
N VAL A 77 -4.62 4.03 1.75
CA VAL A 77 -5.54 3.61 0.70
C VAL A 77 -6.66 2.74 1.27
N LYS A 78 -6.34 1.98 2.31
CA LYS A 78 -7.31 1.10 2.94
C LYS A 78 -8.55 1.87 3.36
N GLY A 79 -9.72 1.40 2.92
CA GLY A 79 -10.96 2.07 3.26
C GLY A 79 -11.27 3.22 2.32
N LYS A 80 -10.34 3.53 1.43
CA LYS A 80 -10.52 4.61 0.47
C LYS A 80 -10.94 4.08 -0.89
N SER A 81 -11.02 4.98 -1.87
CA SER A 81 -11.41 4.59 -3.22
C SER A 81 -10.27 4.84 -4.20
N LEU A 82 -10.26 4.07 -5.29
CA LEU A 82 -9.22 4.20 -6.31
C LEU A 82 -9.08 5.65 -6.75
N ASP A 83 -10.20 6.34 -6.89
CA ASP A 83 -10.20 7.74 -7.30
C ASP A 83 -9.73 8.64 -6.16
N GLU A 84 -9.95 8.20 -4.92
CA GLU A 84 -9.54 8.97 -3.77
C GLU A 84 -8.04 8.87 -3.54
N ALA A 85 -7.52 7.64 -3.56
CA ALA A 85 -6.09 7.42 -3.36
C ALA A 85 -5.29 7.89 -4.57
N GLN A 86 -5.99 8.28 -5.63
CA GLN A 86 -5.34 8.76 -6.84
C GLN A 86 -4.90 10.21 -6.70
N ALA A 87 -5.42 10.88 -5.67
CA ALA A 87 -5.08 12.27 -5.43
C ALA A 87 -3.96 12.39 -4.39
N ILE A 88 -3.57 11.25 -3.81
CA ILE A 88 -2.51 11.22 -2.82
C ILE A 88 -1.28 11.97 -3.30
N LYS A 89 -0.51 12.51 -2.36
CA LYS A 89 0.70 13.26 -2.69
C LYS A 89 1.87 12.81 -1.81
N ASN A 90 3.02 12.58 -2.45
CA ASN A 90 4.21 12.14 -1.72
C ASN A 90 4.47 13.04 -0.51
N THR A 91 4.37 14.35 -0.73
CA THR A 91 4.60 15.32 0.33
C THR A 91 3.81 14.95 1.58
N ASP A 92 2.65 14.34 1.39
CA ASP A 92 1.80 13.93 2.50
C ASP A 92 2.46 12.85 3.33
N ILE A 93 2.71 11.70 2.71
CA ILE A 93 3.35 10.58 3.39
C ILE A 93 4.74 10.95 3.88
N ALA A 94 5.36 11.90 3.19
CA ALA A 94 6.70 12.36 3.56
C ALA A 94 6.66 13.33 4.72
N GLU A 95 5.58 14.10 4.80
CA GLU A 95 5.42 15.08 5.88
C GLU A 95 4.80 14.42 7.12
N GLU A 96 4.07 13.33 6.90
CA GLU A 96 3.44 12.61 8.00
C GLU A 96 4.40 11.61 8.62
N LEU A 97 5.23 10.99 7.79
CA LEU A 97 6.21 10.01 8.27
C LEU A 97 7.42 10.70 8.88
N GLU A 98 7.65 11.96 8.49
CA GLU A 98 8.78 12.72 9.01
C GLU A 98 10.10 12.08 8.61
N LEU A 99 10.56 12.39 7.41
CA LEU A 99 11.82 11.84 6.91
C LEU A 99 12.80 12.95 6.56
N PRO A 100 14.10 12.61 6.50
CA PRO A 100 15.15 13.56 6.17
C PRO A 100 15.10 14.01 4.71
N PRO A 101 15.87 15.06 4.38
CA PRO A 101 15.93 15.61 3.02
C PRO A 101 16.64 14.66 2.06
N VAL A 102 17.68 13.99 2.54
CA VAL A 102 18.44 13.05 1.72
C VAL A 102 17.61 11.84 1.36
N LYS A 103 16.76 11.41 2.29
CA LYS A 103 15.89 10.25 2.07
C LYS A 103 14.47 10.68 1.71
N ILE A 104 14.36 11.81 1.01
CA ILE A 104 13.06 12.33 0.61
C ILE A 104 12.61 11.70 -0.70
N HIS A 105 13.56 11.32 -1.54
CA HIS A 105 13.26 10.71 -2.83
C HIS A 105 12.40 9.46 -2.64
N CYS A 106 12.70 8.69 -1.61
CA CYS A 106 11.96 7.47 -1.32
C CYS A 106 10.50 7.78 -1.01
N SER A 107 10.22 9.04 -0.71
CA SER A 107 8.86 9.46 -0.41
C SER A 107 8.08 9.76 -1.68
N ILE A 108 8.80 9.94 -2.78
CA ILE A 108 8.18 10.23 -4.07
C ILE A 108 7.57 8.97 -4.67
N LEU A 109 8.17 7.82 -4.37
CA LEU A 109 7.69 6.55 -4.89
C LEU A 109 6.42 6.11 -4.16
N ALA A 110 6.28 6.53 -2.91
CA ALA A 110 5.12 6.19 -2.11
C ALA A 110 3.82 6.48 -2.86
N GLU A 111 3.59 7.75 -3.15
CA GLU A 111 2.39 8.17 -3.87
C GLU A 111 2.27 7.41 -5.20
N ASP A 112 3.39 7.28 -5.89
CA ASP A 112 3.41 6.58 -7.18
C ASP A 112 2.87 5.17 -7.04
N ALA A 113 3.32 4.47 -6.00
CA ALA A 113 2.89 3.10 -5.75
C ALA A 113 1.39 3.05 -5.47
N ILE A 114 0.83 4.17 -5.03
CA ILE A 114 -0.60 4.25 -4.73
C ILE A 114 -1.42 4.38 -6.01
N LYS A 115 -0.90 5.13 -6.97
CA LYS A 115 -1.58 5.34 -8.23
C LYS A 115 -1.32 4.19 -9.20
N ALA A 116 -0.27 3.42 -8.93
CA ALA A 116 0.09 2.27 -9.75
C ALA A 116 -0.95 1.16 -9.62
N ALA A 117 -1.11 0.66 -8.40
CA ALA A 117 -2.06 -0.41 -8.13
C ALA A 117 -3.45 -0.04 -8.65
N ILE A 118 -3.77 1.24 -8.63
CA ILE A 118 -5.07 1.73 -9.09
C ILE A 118 -5.22 1.53 -10.60
N ALA A 119 -4.41 2.25 -11.37
CA ALA A 119 -4.45 2.16 -12.81
C ALA A 119 -4.28 0.72 -13.28
N ASP A 120 -3.64 -0.09 -12.45
CA ASP A 120 -3.42 -1.50 -12.77
C ASP A 120 -4.71 -2.29 -12.69
N TYR A 121 -5.47 -2.06 -11.63
CA TYR A 121 -6.74 -2.75 -11.42
C TYR A 121 -7.69 -2.53 -12.61
N LYS A 122 -8.06 -1.27 -12.81
CA LYS A 122 -8.96 -0.92 -13.91
C LYS A 122 -8.43 -1.44 -15.23
N SER A 123 -7.11 -1.62 -15.31
CA SER A 123 -6.48 -2.10 -16.53
C SER A 123 -6.64 -3.62 -16.65
N LYS A 124 -6.54 -4.31 -15.52
CA LYS A 124 -6.67 -5.77 -15.51
C LYS A 124 -8.08 -6.19 -15.92
N ARG A 125 -9.02 -5.25 -15.81
CA ARG A 125 -10.40 -5.53 -16.18
C ARG A 125 -10.51 -5.96 -17.64
N GLU A 126 -9.86 -5.21 -18.51
CA GLU A 126 -9.87 -5.51 -19.94
C GLU A 126 -8.84 -6.58 -20.29
N ALA A 127 -8.15 -7.07 -19.27
CA ALA A 127 -7.14 -8.10 -19.46
C ALA A 127 -7.78 -9.44 -19.84
N LYS A 128 -7.87 -9.70 -21.14
CA LYS A 128 -8.46 -10.93 -21.63
C LYS A 128 -7.49 -11.68 -22.53
N MET A 1 4.59 5.67 29.87
CA MET A 1 4.30 5.91 28.46
C MET A 1 4.35 4.60 27.68
N ALA A 2 3.17 4.00 27.46
CA ALA A 2 3.09 2.75 26.72
C ALA A 2 1.64 2.44 26.35
N TYR A 3 1.43 2.05 25.09
CA TYR A 3 0.09 1.73 24.61
C TYR A 3 -0.44 0.47 25.28
N SER A 4 -1.74 0.24 25.17
CA SER A 4 -2.38 -0.93 25.76
C SER A 4 -2.72 -1.96 24.70
N GLU A 5 -2.93 -1.49 23.48
CA GLU A 5 -3.27 -2.37 22.36
C GLU A 5 -4.57 -3.11 22.63
N LYS A 6 -5.07 -3.81 21.62
CA LYS A 6 -6.31 -4.57 21.75
C LYS A 6 -6.38 -5.68 20.69
N VAL A 7 -7.43 -6.49 20.77
CA VAL A 7 -7.62 -7.58 19.82
C VAL A 7 -8.84 -7.34 18.95
N ILE A 8 -8.64 -7.33 17.63
CA ILE A 8 -9.73 -7.12 16.70
C ILE A 8 -9.95 -8.34 15.81
N ASP A 9 -10.94 -9.16 16.18
CA ASP A 9 -11.25 -10.36 15.43
C ASP A 9 -10.15 -11.40 15.58
N HIS A 10 -9.03 -11.17 14.88
CA HIS A 10 -7.90 -12.10 14.94
C HIS A 10 -8.30 -13.48 14.43
N TYR A 11 -8.18 -13.67 13.11
CA TYR A 11 -8.54 -14.94 12.49
C TYR A 11 -7.28 -15.72 12.11
N GLU A 12 -7.39 -17.05 12.14
CA GLU A 12 -6.27 -17.91 11.80
C GLU A 12 -6.38 -18.41 10.36
N ASN A 13 -6.75 -17.51 9.45
CA ASN A 13 -6.90 -17.86 8.05
C ASN A 13 -5.81 -17.22 7.19
N PRO A 14 -5.59 -17.78 5.99
CA PRO A 14 -4.57 -17.27 5.07
C PRO A 14 -4.93 -15.90 4.49
N ARG A 15 -4.57 -14.85 5.21
CA ARG A 15 -4.87 -13.49 4.77
C ARG A 15 -3.97 -12.49 5.48
N ASN A 16 -3.90 -11.28 4.93
CA ASN A 16 -3.07 -10.22 5.51
C ASN A 16 -1.61 -10.66 5.60
N VAL A 17 -1.11 -11.25 4.51
CA VAL A 17 0.27 -11.71 4.46
C VAL A 17 1.25 -10.54 4.57
N GLY A 18 1.05 -9.54 3.72
CA GLY A 18 1.92 -8.38 3.73
C GLY A 18 2.05 -7.74 2.36
N SER A 19 2.02 -8.56 1.32
CA SER A 19 2.14 -8.07 -0.04
C SER A 19 1.83 -9.18 -1.05
N PHE A 20 0.72 -9.03 -1.77
CA PHE A 20 0.31 -10.02 -2.76
C PHE A 20 0.38 -9.44 -4.16
N ASP A 21 1.45 -9.77 -4.89
CA ASP A 21 1.64 -9.28 -6.25
C ASP A 21 0.65 -9.95 -7.21
N ASN A 22 -0.42 -9.24 -7.54
CA ASN A 22 -1.43 -9.77 -8.45
C ASN A 22 -1.90 -11.16 -7.99
N ASN A 23 -2.92 -11.17 -7.13
CA ASN A 23 -3.47 -12.43 -6.63
C ASN A 23 -4.87 -12.67 -7.17
N ASP A 24 -5.84 -11.94 -6.63
CA ASP A 24 -7.23 -12.08 -7.07
C ASP A 24 -7.52 -11.16 -8.25
N GLU A 25 -8.67 -11.36 -8.88
CA GLU A 25 -9.07 -10.55 -10.03
C GLU A 25 -9.44 -9.14 -9.59
N ASN A 26 -9.67 -8.96 -8.29
CA ASN A 26 -10.04 -7.66 -7.74
C ASN A 26 -8.84 -7.00 -7.07
N VAL A 27 -7.73 -7.72 -7.00
CA VAL A 27 -6.51 -7.21 -6.40
C VAL A 27 -5.65 -6.46 -7.41
N GLY A 28 -5.04 -5.36 -6.98
CA GLY A 28 -4.21 -4.57 -7.87
C GLY A 28 -2.74 -4.89 -7.70
N SER A 29 -2.01 -4.94 -8.82
CA SER A 29 -0.59 -5.23 -8.80
C SER A 29 0.23 -3.98 -9.10
N GLY A 30 1.27 -3.75 -8.30
CA GLY A 30 2.12 -2.60 -8.49
C GLY A 30 3.55 -2.85 -8.05
N MET A 31 4.50 -2.28 -8.80
CA MET A 31 5.91 -2.44 -8.49
C MET A 31 6.69 -1.17 -8.82
N VAL A 32 7.07 -0.42 -7.80
CA VAL A 32 7.83 0.81 -7.99
C VAL A 32 9.18 0.73 -7.28
N GLY A 33 10.25 0.95 -8.04
CA GLY A 33 11.58 0.91 -7.46
C GLY A 33 12.06 2.27 -7.02
N ALA A 34 13.07 2.29 -6.16
CA ALA A 34 13.63 3.54 -5.65
C ALA A 34 14.43 4.27 -6.72
N PRO A 35 14.64 5.58 -6.53
CA PRO A 35 15.38 6.41 -7.48
C PRO A 35 16.87 6.08 -7.48
N ALA A 36 17.37 5.55 -6.37
CA ALA A 36 18.77 5.19 -6.25
C ALA A 36 18.96 3.68 -6.35
N CYS A 37 18.02 3.02 -7.02
CA CYS A 37 18.09 1.57 -7.19
C CYS A 37 18.19 0.86 -5.84
N GLY A 38 17.57 1.47 -4.82
CA GLY A 38 17.60 0.89 -3.49
C GLY A 38 16.95 -0.48 -3.44
N ASP A 39 15.66 -0.50 -3.11
CA ASP A 39 14.92 -1.75 -3.02
C ASP A 39 13.56 -1.63 -3.71
N VAL A 40 13.25 -2.58 -4.58
CA VAL A 40 12.00 -2.58 -5.30
C VAL A 40 10.81 -2.57 -4.35
N MET A 41 10.08 -1.45 -4.32
CA MET A 41 8.92 -1.31 -3.45
C MET A 41 7.64 -1.62 -4.20
N LYS A 42 7.01 -2.74 -3.85
CA LYS A 42 5.76 -3.15 -4.49
C LYS A 42 4.57 -2.91 -3.57
N LEU A 43 3.55 -2.25 -4.10
CA LEU A 43 2.34 -1.95 -3.32
C LEU A 43 1.11 -2.50 -4.01
N GLN A 44 0.39 -3.38 -3.32
CA GLN A 44 -0.82 -3.98 -3.87
C GLN A 44 -2.02 -3.73 -2.96
N ILE A 45 -3.16 -3.44 -3.55
CA ILE A 45 -4.38 -3.17 -2.80
C ILE A 45 -5.48 -4.15 -3.17
N LYS A 46 -6.58 -4.11 -2.42
CA LYS A 46 -7.71 -5.00 -2.68
C LYS A 46 -8.98 -4.19 -2.99
N VAL A 47 -9.42 -4.27 -4.24
CA VAL A 47 -10.62 -3.55 -4.66
C VAL A 47 -11.84 -4.46 -4.63
N ASN A 48 -12.99 -3.89 -4.27
CA ASN A 48 -14.24 -4.64 -4.20
C ASN A 48 -15.01 -4.53 -5.51
N ASP A 49 -16.26 -4.99 -5.49
CA ASP A 49 -17.11 -4.94 -6.67
C ASP A 49 -17.60 -3.52 -6.92
N GLU A 50 -17.46 -2.66 -5.92
CA GLU A 50 -17.88 -1.27 -6.03
C GLU A 50 -16.77 -0.40 -6.59
N GLY A 51 -15.61 -1.01 -6.84
CA GLY A 51 -14.48 -0.28 -7.36
C GLY A 51 -13.83 0.62 -6.33
N ILE A 52 -13.81 0.17 -5.08
CA ILE A 52 -13.22 0.95 -3.99
C ILE A 52 -12.14 0.14 -3.28
N ILE A 53 -11.17 0.85 -2.73
CA ILE A 53 -10.07 0.21 -2.01
C ILE A 53 -10.52 -0.25 -0.62
N GLU A 54 -10.43 -1.56 -0.39
CA GLU A 54 -10.83 -2.14 0.89
C GLU A 54 -9.61 -2.46 1.74
N ASP A 55 -8.56 -2.97 1.08
CA ASP A 55 -7.32 -3.33 1.78
C ASP A 55 -6.11 -2.70 1.10
N ALA A 56 -4.96 -2.82 1.73
CA ALA A 56 -3.73 -2.27 1.18
C ALA A 56 -2.50 -3.04 1.67
N ARG A 57 -1.46 -3.06 0.86
CA ARG A 57 -0.23 -3.77 1.21
C ARG A 57 0.98 -3.16 0.50
N PHE A 58 2.14 -3.29 1.11
CA PHE A 58 3.37 -2.75 0.53
C PHE A 58 4.57 -3.62 0.91
N LYS A 59 5.73 -3.28 0.35
CA LYS A 59 6.96 -4.02 0.63
C LYS A 59 8.14 -3.09 0.79
N THR A 60 9.10 -3.48 1.62
CA THR A 60 10.29 -2.67 1.86
C THR A 60 11.52 -3.55 2.09
N TYR A 61 12.68 -2.92 2.14
CA TYR A 61 13.93 -3.65 2.35
C TYR A 61 13.85 -4.54 3.58
N GLY A 62 13.10 -4.09 4.58
CA GLY A 62 12.95 -4.86 5.80
C GLY A 62 13.64 -4.21 6.98
N CYS A 63 12.86 -3.60 7.87
CA CYS A 63 13.41 -2.94 9.05
C CYS A 63 14.01 -3.96 10.02
N GLY A 64 13.16 -4.72 10.67
CA GLY A 64 13.61 -5.73 11.62
C GLY A 64 12.86 -5.68 12.93
N SER A 65 12.34 -4.50 13.27
CA SER A 65 11.60 -4.33 14.52
C SER A 65 10.12 -4.11 14.24
N ALA A 66 9.82 -3.48 13.11
CA ALA A 66 8.44 -3.22 12.73
C ALA A 66 7.74 -2.33 13.76
N ILE A 67 8.23 -1.11 13.90
CA ILE A 67 7.66 -0.16 14.85
C ILE A 67 8.20 1.24 14.63
N ALA A 68 7.32 2.24 14.64
CA ALA A 68 7.71 3.62 14.45
C ALA A 68 8.34 3.83 13.07
N SER A 69 7.86 3.06 12.09
CA SER A 69 8.38 3.16 10.74
C SER A 69 7.65 2.19 9.80
N SER A 70 6.57 2.68 9.20
CA SER A 70 5.78 1.85 8.29
C SER A 70 5.04 2.73 7.28
N SER A 71 4.92 2.23 6.04
CA SER A 71 4.23 2.97 4.99
C SER A 71 2.85 3.41 5.44
N LEU A 72 2.56 4.69 5.27
CA LEU A 72 1.27 5.24 5.65
C LEU A 72 0.23 5.05 4.55
N VAL A 73 0.71 4.99 3.31
CA VAL A 73 -0.18 4.79 2.17
C VAL A 73 -1.10 3.59 2.38
N THR A 74 -0.53 2.52 2.91
CA THR A 74 -1.31 1.31 3.17
C THR A 74 -2.54 1.60 4.00
N GLU A 75 -2.42 2.58 4.89
CA GLU A 75 -3.53 2.96 5.76
C GLU A 75 -4.35 4.09 5.13
N TRP A 76 -3.69 4.93 4.36
CA TRP A 76 -4.36 6.05 3.70
C TRP A 76 -5.34 5.55 2.64
N VAL A 77 -4.84 4.74 1.72
CA VAL A 77 -5.68 4.20 0.65
C VAL A 77 -6.82 3.36 1.23
N LYS A 78 -6.54 2.65 2.31
CA LYS A 78 -7.54 1.82 2.95
C LYS A 78 -8.80 2.61 3.28
N GLY A 79 -9.94 2.12 2.84
CA GLY A 79 -11.19 2.80 3.10
C GLY A 79 -11.47 3.91 2.10
N LYS A 80 -10.50 4.16 1.21
CA LYS A 80 -10.65 5.20 0.20
C LYS A 80 -10.94 4.59 -1.17
N SER A 81 -11.20 5.44 -2.14
CA SER A 81 -11.50 4.98 -3.49
C SER A 81 -10.34 5.29 -4.44
N LEU A 82 -10.22 4.48 -5.49
CA LEU A 82 -9.15 4.66 -6.47
C LEU A 82 -9.08 6.10 -6.95
N ASP A 83 -10.25 6.68 -7.22
CA ASP A 83 -10.33 8.07 -7.68
C ASP A 83 -9.73 9.02 -6.64
N GLU A 84 -9.92 8.69 -5.37
CA GLU A 84 -9.41 9.52 -4.28
C GLU A 84 -7.92 9.30 -4.08
N ALA A 85 -7.52 8.03 -4.01
CA ALA A 85 -6.12 7.68 -3.82
C ALA A 85 -5.26 8.24 -4.94
N GLN A 86 -5.90 8.57 -6.07
CA GLN A 86 -5.19 9.12 -7.21
C GLN A 86 -4.95 10.61 -7.04
N ALA A 87 -5.65 11.21 -6.08
CA ALA A 87 -5.51 12.64 -5.81
C ALA A 87 -4.48 12.90 -4.72
N ILE A 88 -3.90 11.82 -4.20
CA ILE A 88 -2.89 11.94 -3.14
C ILE A 88 -1.67 12.68 -3.63
N LYS A 89 -0.94 13.30 -2.70
CA LYS A 89 0.26 14.05 -3.03
C LYS A 89 1.41 13.68 -2.09
N ASN A 90 2.58 13.42 -2.67
CA ASN A 90 3.76 13.06 -1.89
C ASN A 90 3.98 14.06 -0.76
N THR A 91 3.89 15.34 -1.09
CA THR A 91 4.09 16.40 -0.10
C THR A 91 3.34 16.10 1.19
N ASP A 92 2.18 15.46 1.05
CA ASP A 92 1.35 15.11 2.21
C ASP A 92 2.06 14.07 3.07
N ILE A 93 2.28 12.89 2.52
CA ILE A 93 2.94 11.81 3.23
C ILE A 93 4.33 12.23 3.71
N ALA A 94 4.91 13.19 3.00
CA ALA A 94 6.24 13.69 3.36
C ALA A 94 6.17 14.72 4.47
N GLU A 95 5.08 15.48 4.51
CA GLU A 95 4.88 16.51 5.52
C GLU A 95 4.27 15.90 6.78
N GLU A 96 3.62 14.75 6.63
CA GLU A 96 2.98 14.08 7.76
C GLU A 96 3.99 13.20 8.49
N LEU A 97 4.93 12.63 7.76
CA LEU A 97 5.94 11.76 8.34
C LEU A 97 7.12 12.59 8.87
N GLU A 98 7.23 13.82 8.38
CA GLU A 98 8.31 14.71 8.81
C GLU A 98 9.67 14.16 8.39
N LEU A 99 10.29 14.79 7.41
CA LEU A 99 11.59 14.37 6.92
C LEU A 99 12.23 15.43 6.04
N PRO A 100 13.55 15.33 5.85
CA PRO A 100 14.31 16.29 5.03
C PRO A 100 13.98 16.16 3.55
N PRO A 101 14.47 17.12 2.74
CA PRO A 101 14.24 17.14 1.30
C PRO A 101 14.99 16.02 0.58
N VAL A 102 15.88 15.35 1.30
CA VAL A 102 16.67 14.26 0.74
C VAL A 102 15.91 12.93 0.84
N LYS A 103 15.15 12.79 1.92
CA LYS A 103 14.38 11.56 2.14
C LYS A 103 13.00 11.67 1.51
N ILE A 104 12.76 12.77 0.81
CA ILE A 104 11.48 12.99 0.15
C ILE A 104 11.19 11.90 -0.88
N HIS A 105 12.26 11.27 -1.36
CA HIS A 105 12.12 10.21 -2.36
C HIS A 105 11.12 9.15 -1.91
N CYS A 106 11.25 8.73 -0.65
CA CYS A 106 10.36 7.73 -0.08
C CYS A 106 8.90 8.20 -0.13
N SER A 107 8.72 9.51 -0.25
CA SER A 107 7.39 10.09 -0.30
C SER A 107 6.88 10.16 -1.74
N ILE A 108 7.79 10.04 -2.69
CA ILE A 108 7.45 10.08 -4.10
C ILE A 108 7.02 8.71 -4.61
N LEU A 109 7.81 7.69 -4.29
CA LEU A 109 7.52 6.33 -4.72
C LEU A 109 6.10 5.93 -4.34
N ALA A 110 5.65 6.40 -3.17
CA ALA A 110 4.31 6.11 -2.69
C ALA A 110 3.26 6.41 -3.75
N GLU A 111 3.37 7.59 -4.35
CA GLU A 111 2.42 8.00 -5.38
C GLU A 111 2.35 6.96 -6.49
N ASP A 112 3.49 6.66 -7.10
CA ASP A 112 3.55 5.68 -8.17
C ASP A 112 2.87 4.37 -7.77
N ALA A 113 3.25 3.86 -6.60
CA ALA A 113 2.68 2.62 -6.09
C ALA A 113 1.16 2.72 -5.97
N ILE A 114 0.67 3.95 -5.80
CA ILE A 114 -0.76 4.18 -5.68
C ILE A 114 -1.44 4.25 -7.04
N LYS A 115 -0.71 4.78 -8.02
CA LYS A 115 -1.24 4.92 -9.38
C LYS A 115 -1.09 3.61 -10.13
N ALA A 116 -0.21 2.74 -9.65
CA ALA A 116 0.03 1.45 -10.29
C ALA A 116 -1.00 0.41 -9.83
N ALA A 117 -1.05 0.18 -8.52
CA ALA A 117 -1.98 -0.79 -7.95
C ALA A 117 -3.41 -0.49 -8.40
N ILE A 118 -3.69 0.77 -8.67
CA ILE A 118 -5.02 1.19 -9.11
C ILE A 118 -5.22 0.90 -10.59
N ALA A 119 -4.46 1.59 -11.43
CA ALA A 119 -4.57 1.40 -12.87
C ALA A 119 -4.39 -0.07 -13.25
N ASP A 120 -3.74 -0.83 -12.38
CA ASP A 120 -3.52 -2.25 -12.61
C ASP A 120 -4.79 -3.05 -12.38
N TYR A 121 -5.62 -2.58 -11.47
CA TYR A 121 -6.87 -3.25 -11.14
C TYR A 121 -7.88 -3.09 -12.27
N LYS A 122 -8.25 -1.85 -12.55
CA LYS A 122 -9.21 -1.55 -13.62
C LYS A 122 -8.70 -2.07 -14.96
N SER A 123 -7.40 -2.32 -15.04
CA SER A 123 -6.79 -2.82 -16.28
C SER A 123 -7.05 -4.32 -16.45
N LYS A 124 -7.04 -5.04 -15.34
CA LYS A 124 -7.26 -6.48 -15.36
C LYS A 124 -8.76 -6.79 -15.32
N ARG A 125 -9.57 -5.78 -15.01
CA ARG A 125 -11.00 -5.95 -14.93
C ARG A 125 -11.71 -5.07 -15.97
N GLU A 126 -10.94 -4.57 -16.93
CA GLU A 126 -11.48 -3.72 -17.98
C GLU A 126 -12.14 -4.56 -19.08
N ALA A 127 -12.10 -5.88 -18.90
CA ALA A 127 -12.69 -6.79 -19.87
C ALA A 127 -14.21 -6.64 -19.92
N LYS A 128 -14.68 -5.86 -20.89
CA LYS A 128 -16.12 -5.63 -21.04
C LYS A 128 -16.84 -6.94 -21.35
N MET A 1 -34.34 -15.11 -14.15
CA MET A 1 -35.14 -15.66 -13.05
C MET A 1 -34.32 -16.68 -12.26
N ALA A 2 -33.53 -16.20 -11.31
CA ALA A 2 -32.70 -17.06 -10.48
C ALA A 2 -32.32 -16.38 -9.18
N TYR A 3 -33.01 -16.73 -8.10
CA TYR A 3 -32.74 -16.15 -6.79
C TYR A 3 -32.97 -17.17 -5.68
N SER A 4 -32.75 -18.44 -6.00
CA SER A 4 -32.93 -19.52 -5.04
C SER A 4 -31.64 -19.75 -4.24
N GLU A 5 -31.55 -19.12 -3.08
CA GLU A 5 -30.38 -19.25 -2.23
C GLU A 5 -30.39 -20.59 -1.49
N LYS A 6 -31.55 -20.95 -0.97
CA LYS A 6 -31.70 -22.21 -0.23
C LYS A 6 -30.81 -22.23 1.01
N VAL A 7 -31.39 -21.92 2.15
CA VAL A 7 -30.65 -21.90 3.41
C VAL A 7 -29.45 -20.95 3.33
N ILE A 8 -29.70 -19.68 3.63
CA ILE A 8 -28.64 -18.67 3.60
C ILE A 8 -27.56 -18.96 4.64
N ASP A 9 -26.31 -18.72 4.27
CA ASP A 9 -25.19 -18.95 5.18
C ASP A 9 -24.16 -17.84 5.05
N HIS A 10 -23.82 -17.22 6.18
CA HIS A 10 -22.84 -16.14 6.19
C HIS A 10 -21.44 -16.68 5.94
N TYR A 11 -20.47 -15.77 5.86
CA TYR A 11 -19.08 -16.16 5.62
C TYR A 11 -18.15 -14.95 5.77
N GLU A 12 -17.22 -15.05 6.71
CA GLU A 12 -16.27 -13.97 6.95
C GLU A 12 -14.93 -14.26 6.29
N ASN A 13 -14.06 -13.26 6.26
CA ASN A 13 -12.75 -13.41 5.65
C ASN A 13 -11.81 -12.28 6.07
N PRO A 14 -11.42 -12.29 7.36
CA PRO A 14 -10.53 -11.26 7.92
C PRO A 14 -9.11 -11.38 7.38
N ARG A 15 -8.22 -10.51 7.87
CA ARG A 15 -6.83 -10.52 7.44
C ARG A 15 -5.89 -10.37 8.63
N ASN A 16 -5.83 -9.17 9.18
CA ASN A 16 -4.97 -8.90 10.33
C ASN A 16 -3.55 -9.35 10.05
N VAL A 17 -3.05 -9.05 8.86
CA VAL A 17 -1.69 -9.43 8.47
C VAL A 17 -0.87 -8.20 8.09
N GLY A 18 -1.22 -7.57 6.98
CA GLY A 18 -0.51 -6.40 6.52
C GLY A 18 0.54 -6.72 5.48
N SER A 19 0.33 -7.81 4.75
CA SER A 19 1.28 -8.24 3.73
C SER A 19 0.58 -9.10 2.68
N PHE A 20 0.63 -8.66 1.43
CA PHE A 20 0.00 -9.40 0.34
C PHE A 20 0.50 -10.84 0.29
N ASP A 21 -0.39 -11.78 0.56
CA ASP A 21 -0.05 -13.20 0.55
C ASP A 21 -1.18 -14.03 -0.05
N ASN A 22 -1.94 -13.42 -0.95
CA ASN A 22 -3.06 -14.09 -1.60
C ASN A 22 -2.94 -13.99 -3.12
N ASN A 23 -4.00 -14.40 -3.81
CA ASN A 23 -4.02 -14.36 -5.26
C ASN A 23 -5.45 -14.27 -5.79
N ASP A 24 -6.09 -13.13 -5.57
CA ASP A 24 -7.46 -12.92 -6.03
C ASP A 24 -7.49 -12.24 -7.39
N GLU A 25 -8.68 -11.83 -7.81
CA GLU A 25 -8.85 -11.16 -9.10
C GLU A 25 -9.25 -9.71 -8.91
N ASN A 26 -9.54 -9.34 -7.67
CA ASN A 26 -9.94 -7.97 -7.35
C ASN A 26 -8.81 -7.22 -6.66
N VAL A 27 -7.65 -7.86 -6.58
CA VAL A 27 -6.48 -7.25 -5.94
C VAL A 27 -5.63 -6.50 -6.96
N GLY A 28 -5.05 -5.38 -6.54
CA GLY A 28 -4.22 -4.59 -7.42
C GLY A 28 -2.75 -4.90 -7.26
N SER A 29 -2.01 -4.88 -8.38
CA SER A 29 -0.58 -5.17 -8.35
C SER A 29 0.23 -3.90 -8.58
N GLY A 30 1.16 -3.63 -7.66
CA GLY A 30 1.99 -2.45 -7.79
C GLY A 30 3.41 -2.69 -7.32
N MET A 31 4.37 -2.12 -8.04
CA MET A 31 5.79 -2.28 -7.69
C MET A 31 6.57 -1.03 -8.04
N VAL A 32 6.88 -0.22 -7.03
CA VAL A 32 7.63 1.01 -7.22
C VAL A 32 9.00 0.93 -6.56
N GLY A 33 10.05 1.25 -7.32
CA GLY A 33 11.39 1.21 -6.78
C GLY A 33 11.91 2.57 -6.40
N ALA A 34 12.91 2.61 -5.52
CA ALA A 34 13.49 3.87 -5.08
C ALA A 34 14.36 4.48 -6.17
N PRO A 35 14.60 5.80 -6.07
CA PRO A 35 15.42 6.53 -7.03
C PRO A 35 16.89 6.16 -6.94
N ALA A 36 17.36 5.91 -5.72
CA ALA A 36 18.76 5.54 -5.50
C ALA A 36 18.90 4.03 -5.37
N CYS A 37 18.05 3.29 -6.05
CA CYS A 37 18.08 1.83 -6.02
C CYS A 37 17.79 1.32 -4.61
N GLY A 38 16.52 1.37 -4.22
CA GLY A 38 16.14 0.92 -2.90
C GLY A 38 16.34 -0.57 -2.71
N ASP A 39 15.25 -1.32 -2.65
CA ASP A 39 15.32 -2.76 -2.47
C ASP A 39 14.17 -3.46 -3.19
N VAL A 40 12.99 -3.43 -2.57
CA VAL A 40 11.81 -4.06 -3.14
C VAL A 40 10.55 -3.64 -2.40
N MET A 41 9.94 -2.55 -2.87
CA MET A 41 8.72 -2.04 -2.24
C MET A 41 7.49 -2.57 -2.96
N LYS A 42 6.74 -3.44 -2.29
CA LYS A 42 5.52 -4.01 -2.86
C LYS A 42 4.27 -3.41 -2.24
N LEU A 43 3.37 -2.93 -3.07
CA LEU A 43 2.13 -2.32 -2.60
C LEU A 43 0.93 -2.87 -3.37
N GLN A 44 0.07 -3.60 -2.67
CA GLN A 44 -1.12 -4.18 -3.28
C GLN A 44 -2.37 -3.79 -2.50
N ILE A 45 -3.44 -3.47 -3.23
CA ILE A 45 -4.69 -3.08 -2.61
C ILE A 45 -5.82 -4.02 -3.03
N LYS A 46 -6.98 -3.85 -2.41
CA LYS A 46 -8.15 -4.67 -2.71
C LYS A 46 -9.30 -3.83 -3.24
N VAL A 47 -9.94 -4.30 -4.31
CA VAL A 47 -11.05 -3.59 -4.92
C VAL A 47 -12.31 -4.46 -4.92
N ASN A 48 -13.45 -3.82 -4.66
CA ASN A 48 -14.73 -4.53 -4.65
C ASN A 48 -15.51 -4.27 -5.93
N ASP A 49 -16.71 -4.84 -6.01
CA ASP A 49 -17.57 -4.67 -7.18
C ASP A 49 -17.93 -3.20 -7.37
N GLU A 50 -17.74 -2.40 -6.33
CA GLU A 50 -18.06 -0.98 -6.38
C GLU A 50 -16.90 -0.19 -6.99
N GLY A 51 -15.81 -0.88 -7.29
CA GLY A 51 -14.65 -0.23 -7.86
C GLY A 51 -13.96 0.70 -6.88
N ILE A 52 -14.02 0.35 -5.60
CA ILE A 52 -13.40 1.16 -4.55
C ILE A 52 -12.41 0.33 -3.74
N ILE A 53 -11.43 1.00 -3.16
CA ILE A 53 -10.41 0.33 -2.35
C ILE A 53 -10.98 -0.09 -1.00
N GLU A 54 -11.02 -1.40 -0.76
CA GLU A 54 -11.55 -1.93 0.49
C GLU A 54 -10.42 -2.29 1.44
N ASP A 55 -9.24 -2.56 0.88
CA ASP A 55 -8.08 -2.94 1.68
C ASP A 55 -6.80 -2.43 1.03
N ALA A 56 -5.70 -2.46 1.78
CA ALA A 56 -4.42 -2.01 1.27
C ALA A 56 -3.26 -2.73 1.97
N ARG A 57 -2.13 -2.81 1.29
CA ARG A 57 -0.96 -3.49 1.84
C ARG A 57 0.33 -2.92 1.24
N PHE A 58 1.39 -2.92 2.03
CA PHE A 58 2.68 -2.41 1.58
C PHE A 58 3.82 -3.28 2.09
N LYS A 59 5.03 -2.99 1.62
CA LYS A 59 6.22 -3.74 2.03
C LYS A 59 7.37 -2.80 2.37
N THR A 60 8.17 -3.18 3.37
CA THR A 60 9.31 -2.38 3.78
C THR A 60 10.48 -3.26 4.21
N TYR A 61 11.46 -3.38 3.34
CA TYR A 61 12.63 -4.20 3.62
C TYR A 61 13.82 -3.33 4.04
N GLY A 62 14.82 -3.96 4.63
CA GLY A 62 16.01 -3.22 5.07
C GLY A 62 17.26 -4.06 5.01
N CYS A 63 18.05 -4.01 6.08
CA CYS A 63 19.30 -4.77 6.15
C CYS A 63 19.42 -5.49 7.49
N GLY A 64 19.12 -4.76 8.57
CA GLY A 64 19.20 -5.34 9.90
C GLY A 64 18.18 -4.74 10.86
N SER A 65 18.08 -3.43 10.87
CA SER A 65 17.13 -2.74 11.75
C SER A 65 15.78 -2.61 11.08
N ALA A 66 14.73 -3.07 11.76
CA ALA A 66 13.37 -3.00 11.25
C ALA A 66 12.76 -1.64 11.49
N ILE A 67 12.17 -1.06 10.45
CA ILE A 67 11.54 0.26 10.56
C ILE A 67 10.04 0.17 10.33
N ALA A 68 9.34 1.27 10.57
CA ALA A 68 7.89 1.33 10.37
C ALA A 68 7.46 2.67 9.81
N SER A 69 7.69 2.86 8.51
CA SER A 69 7.32 4.10 7.84
C SER A 69 6.49 3.83 6.59
N SER A 70 5.95 4.89 6.00
CA SER A 70 5.14 4.76 4.80
C SER A 70 3.90 3.91 5.06
N SER A 71 3.20 4.22 6.15
CA SER A 71 2.01 3.48 6.52
C SER A 71 0.76 4.32 6.32
N LEU A 72 0.91 5.64 6.47
CA LEU A 72 -0.20 6.56 6.31
C LEU A 72 -0.90 6.35 4.97
N VAL A 73 -0.12 6.02 3.95
CA VAL A 73 -0.65 5.80 2.61
C VAL A 73 -1.50 4.53 2.58
N THR A 74 -0.91 3.42 3.00
CA THR A 74 -1.61 2.14 3.02
C THR A 74 -2.93 2.24 3.78
N GLU A 75 -3.00 3.21 4.69
CA GLU A 75 -4.21 3.41 5.49
C GLU A 75 -5.10 4.48 4.85
N TRP A 76 -4.50 5.35 4.06
CA TRP A 76 -5.24 6.41 3.40
C TRP A 76 -6.14 5.85 2.30
N VAL A 77 -5.55 5.11 1.37
CA VAL A 77 -6.30 4.51 0.28
C VAL A 77 -7.50 3.73 0.80
N LYS A 78 -7.35 3.15 1.98
CA LYS A 78 -8.42 2.37 2.59
C LYS A 78 -9.70 3.21 2.71
N GLY A 79 -10.79 2.70 2.13
CA GLY A 79 -12.04 3.41 2.18
C GLY A 79 -12.14 4.51 1.14
N LYS A 80 -11.07 4.69 0.38
CA LYS A 80 -11.04 5.72 -0.65
C LYS A 80 -11.17 5.10 -2.03
N SER A 81 -11.59 5.89 -3.00
CA SER A 81 -11.77 5.41 -4.37
C SER A 81 -10.51 5.66 -5.20
N LEU A 82 -10.27 4.79 -6.17
CA LEU A 82 -9.09 4.90 -7.03
C LEU A 82 -8.98 6.31 -7.59
N ASP A 83 -10.11 6.89 -7.99
CA ASP A 83 -10.13 8.23 -8.54
C ASP A 83 -9.55 9.24 -7.55
N GLU A 84 -9.85 9.04 -6.27
CA GLU A 84 -9.35 9.93 -5.23
C GLU A 84 -7.90 9.62 -4.89
N ALA A 85 -7.60 8.34 -4.74
CA ALA A 85 -6.24 7.90 -4.41
C ALA A 85 -5.26 8.33 -5.49
N GLN A 86 -5.78 8.67 -6.66
CA GLN A 86 -4.94 9.10 -7.78
C GLN A 86 -4.64 10.59 -7.69
N ALA A 87 -5.34 11.28 -6.79
CA ALA A 87 -5.15 12.72 -6.61
C ALA A 87 -4.23 13.00 -5.43
N ILE A 88 -3.70 11.93 -4.82
CA ILE A 88 -2.81 12.07 -3.68
C ILE A 88 -1.50 12.74 -4.08
N LYS A 89 -0.84 13.36 -3.11
CA LYS A 89 0.43 14.04 -3.36
C LYS A 89 1.45 13.70 -2.29
N ASN A 90 2.66 13.36 -2.71
CA ASN A 90 3.73 13.01 -1.78
C ASN A 90 3.89 14.08 -0.70
N THR A 91 3.91 15.34 -1.13
CA THR A 91 4.06 16.46 -0.21
C THR A 91 3.07 16.35 0.95
N ASP A 92 1.92 15.75 0.68
CA ASP A 92 0.89 15.58 1.71
C ASP A 92 1.36 14.62 2.79
N ILE A 93 1.60 13.37 2.40
CA ILE A 93 2.05 12.35 3.35
C ILE A 93 3.40 12.72 3.95
N ALA A 94 4.18 13.51 3.21
CA ALA A 94 5.50 13.94 3.67
C ALA A 94 5.38 15.09 4.66
N GLU A 95 4.36 15.94 4.47
CA GLU A 95 4.14 17.08 5.35
C GLU A 95 3.32 16.68 6.58
N GLU A 96 2.56 15.59 6.44
CA GLU A 96 1.74 15.09 7.53
C GLU A 96 2.53 14.16 8.44
N LEU A 97 3.42 13.38 7.85
CA LEU A 97 4.25 12.44 8.60
C LEU A 97 5.54 13.11 9.08
N GLU A 98 5.96 14.14 8.35
CA GLU A 98 7.18 14.87 8.71
C GLU A 98 8.40 13.96 8.61
N LEU A 99 9.17 14.13 7.56
CA LEU A 99 10.38 13.32 7.35
C LEU A 99 11.52 14.18 6.84
N PRO A 100 12.76 13.66 6.99
CA PRO A 100 13.97 14.37 6.55
C PRO A 100 14.08 14.43 5.04
N PRO A 101 14.99 15.28 4.54
CA PRO A 101 15.21 15.46 3.10
C PRO A 101 15.87 14.24 2.47
N VAL A 102 16.67 13.53 3.25
CA VAL A 102 17.36 12.34 2.77
C VAL A 102 16.39 11.17 2.62
N LYS A 103 15.33 11.18 3.41
CA LYS A 103 14.33 10.13 3.36
C LYS A 103 13.02 10.64 2.76
N ILE A 104 13.13 11.62 1.87
CA ILE A 104 11.96 12.20 1.22
C ILE A 104 11.52 11.35 0.02
N HIS A 105 12.50 10.75 -0.65
CA HIS A 105 12.21 9.91 -1.82
C HIS A 105 11.23 8.81 -1.45
N CYS A 106 11.31 8.32 -0.22
CA CYS A 106 10.43 7.26 0.24
C CYS A 106 8.98 7.73 0.29
N SER A 107 8.80 9.05 0.29
CA SER A 107 7.46 9.63 0.33
C SER A 107 6.85 9.69 -1.06
N ILE A 108 7.69 9.55 -2.08
CA ILE A 108 7.23 9.60 -3.46
C ILE A 108 6.78 8.22 -3.93
N LEU A 109 7.61 7.21 -3.67
CA LEU A 109 7.29 5.84 -4.07
C LEU A 109 5.89 5.45 -3.58
N ALA A 110 5.60 5.74 -2.32
CA ALA A 110 4.31 5.42 -1.74
C ALA A 110 3.17 5.90 -2.64
N GLU A 111 3.31 7.12 -3.15
CA GLU A 111 2.29 7.70 -4.02
C GLU A 111 2.21 6.94 -5.34
N ASP A 112 3.34 6.87 -6.04
CA ASP A 112 3.40 6.18 -7.32
C ASP A 112 2.91 4.74 -7.19
N ALA A 113 3.00 4.20 -5.98
CA ALA A 113 2.57 2.84 -5.72
C ALA A 113 1.04 2.74 -5.70
N ILE A 114 0.39 3.87 -5.50
CA ILE A 114 -1.07 3.92 -5.47
C ILE A 114 -1.65 3.89 -6.88
N LYS A 115 -0.86 4.33 -7.84
CA LYS A 115 -1.30 4.36 -9.24
C LYS A 115 -1.10 3.00 -9.90
N ALA A 116 -0.23 2.19 -9.31
CA ALA A 116 0.05 0.85 -9.85
C ALA A 116 -1.08 -0.11 -9.52
N ALA A 117 -1.35 -0.28 -8.22
CA ALA A 117 -2.41 -1.18 -7.78
C ALA A 117 -3.74 -0.83 -8.44
N ILE A 118 -3.94 0.46 -8.72
CA ILE A 118 -5.17 0.92 -9.36
C ILE A 118 -5.20 0.55 -10.83
N ALA A 119 -4.29 1.14 -11.60
CA ALA A 119 -4.20 0.88 -13.03
C ALA A 119 -4.08 -0.61 -13.30
N ASP A 120 -3.55 -1.34 -12.34
CA ASP A 120 -3.37 -2.78 -12.48
C ASP A 120 -4.71 -3.51 -12.35
N TYR A 121 -5.57 -3.01 -11.46
CA TYR A 121 -6.88 -3.61 -11.24
C TYR A 121 -7.76 -3.46 -12.48
N LYS A 122 -8.04 -2.23 -12.85
CA LYS A 122 -8.87 -1.94 -14.02
C LYS A 122 -8.27 -2.55 -15.28
N SER A 123 -6.96 -2.81 -15.24
CA SER A 123 -6.26 -3.40 -16.37
C SER A 123 -6.72 -4.83 -16.61
N LYS A 124 -6.85 -5.59 -15.53
CA LYS A 124 -7.28 -6.98 -15.62
C LYS A 124 -8.81 -7.09 -15.54
N ARG A 125 -9.45 -5.96 -15.27
CA ARG A 125 -10.91 -5.93 -15.17
C ARG A 125 -11.51 -5.04 -16.27
N GLU A 126 -10.69 -4.69 -17.25
CA GLU A 126 -11.14 -3.84 -18.35
C GLU A 126 -11.86 -4.67 -19.41
N ALA A 127 -11.97 -5.97 -19.17
CA ALA A 127 -12.64 -6.87 -20.10
C ALA A 127 -14.10 -6.49 -20.27
N LYS A 128 -14.42 -5.84 -21.39
CA LYS A 128 -15.78 -5.42 -21.67
C LYS A 128 -16.30 -4.47 -20.60
N MET A 1 11.33 18.17 -5.62
CA MET A 1 12.74 17.81 -5.67
C MET A 1 13.52 18.54 -4.58
N ALA A 2 13.73 17.86 -3.45
CA ALA A 2 14.45 18.45 -2.33
C ALA A 2 15.87 17.89 -2.24
N TYR A 3 16.80 18.53 -2.95
CA TYR A 3 18.19 18.10 -2.95
C TYR A 3 18.31 16.68 -3.52
N SER A 4 19.55 16.25 -3.72
CA SER A 4 19.81 14.91 -4.27
C SER A 4 21.02 14.28 -3.60
N GLU A 5 21.13 14.46 -2.28
CA GLU A 5 22.25 13.92 -1.53
C GLU A 5 22.03 12.43 -1.22
N LYS A 6 23.13 11.70 -1.06
CA LYS A 6 23.05 10.27 -0.77
C LYS A 6 24.09 9.88 0.27
N VAL A 7 23.69 9.94 1.54
CA VAL A 7 24.58 9.57 2.63
C VAL A 7 23.92 8.58 3.59
N ILE A 8 24.69 7.60 4.04
CA ILE A 8 24.18 6.58 4.94
C ILE A 8 25.01 6.52 6.23
N ASP A 9 24.38 6.14 7.32
CA ASP A 9 25.06 6.03 8.61
C ASP A 9 24.40 4.98 9.49
N HIS A 10 23.20 5.29 9.97
CA HIS A 10 22.45 4.37 10.83
C HIS A 10 20.96 4.63 10.73
N TYR A 11 20.30 3.94 9.80
CA TYR A 11 18.86 4.10 9.61
C TYR A 11 18.25 2.81 9.06
N GLU A 12 16.92 2.79 8.99
CA GLU A 12 16.21 1.62 8.47
C GLU A 12 15.15 2.03 7.47
N ASN A 13 14.61 1.05 6.75
CA ASN A 13 13.58 1.32 5.74
C ASN A 13 12.26 0.67 6.15
N PRO A 14 11.16 1.17 5.55
CA PRO A 14 9.81 0.67 5.83
C PRO A 14 9.59 -0.74 5.29
N ARG A 15 9.11 -1.64 6.15
CA ARG A 15 8.85 -3.01 5.75
C ARG A 15 8.14 -3.77 6.86
N ASN A 16 7.90 -5.06 6.63
CA ASN A 16 7.22 -5.90 7.61
C ASN A 16 5.91 -5.26 8.06
N VAL A 17 5.24 -4.57 7.14
CA VAL A 17 3.98 -3.92 7.44
C VAL A 17 2.87 -4.94 7.63
N GLY A 18 2.43 -5.55 6.54
CA GLY A 18 1.38 -6.54 6.61
C GLY A 18 0.95 -7.03 5.24
N SER A 19 1.91 -7.31 4.38
CA SER A 19 1.64 -7.78 3.03
C SER A 19 1.34 -9.28 3.02
N PHE A 20 0.09 -9.63 2.74
CA PHE A 20 -0.33 -11.03 2.71
C PHE A 20 0.46 -11.80 1.64
N ASP A 21 0.03 -13.03 1.38
CA ASP A 21 0.70 -13.87 0.39
C ASP A 21 -0.29 -14.32 -0.68
N ASN A 22 -1.53 -14.57 -0.28
CA ASN A 22 -2.57 -15.01 -1.22
C ASN A 22 -2.65 -14.06 -2.41
N ASN A 23 -2.97 -14.61 -3.57
CA ASN A 23 -3.08 -13.83 -4.79
C ASN A 23 -4.49 -13.94 -5.38
N ASP A 24 -5.33 -12.96 -5.07
CA ASP A 24 -6.71 -12.95 -5.56
C ASP A 24 -6.80 -12.17 -6.88
N GLU A 25 -8.02 -11.94 -7.33
CA GLU A 25 -8.25 -11.22 -8.58
C GLU A 25 -8.76 -9.80 -8.30
N ASN A 26 -9.10 -9.55 -7.04
CA ASN A 26 -9.60 -8.24 -6.64
C ASN A 26 -8.50 -7.39 -6.00
N VAL A 27 -7.30 -7.96 -5.94
CA VAL A 27 -6.16 -7.26 -5.36
C VAL A 27 -5.34 -6.55 -6.43
N GLY A 28 -4.78 -5.39 -6.08
CA GLY A 28 -3.98 -4.63 -7.01
C GLY A 28 -2.51 -4.95 -6.91
N SER A 29 -1.83 -5.02 -8.05
CA SER A 29 -0.41 -5.31 -8.08
C SER A 29 0.39 -4.09 -8.52
N GLY A 30 1.34 -3.67 -7.69
CA GLY A 30 2.16 -2.52 -8.01
C GLY A 30 3.56 -2.62 -7.43
N MET A 31 4.55 -2.14 -8.18
CA MET A 31 5.93 -2.18 -7.72
C MET A 31 6.70 -0.95 -8.22
N VAL A 32 7.15 -0.12 -7.29
CA VAL A 32 7.90 1.08 -7.63
C VAL A 32 9.20 1.17 -6.83
N GLY A 33 10.31 1.35 -7.53
CA GLY A 33 11.60 1.45 -6.87
C GLY A 33 12.00 2.88 -6.59
N ALA A 34 12.95 3.06 -5.69
CA ALA A 34 13.42 4.40 -5.33
C ALA A 34 14.35 4.96 -6.40
N PRO A 35 14.52 6.28 -6.40
CA PRO A 35 15.39 6.97 -7.36
C PRO A 35 16.87 6.69 -7.12
N ALA A 36 17.19 6.24 -5.90
CA ALA A 36 18.57 5.92 -5.54
C ALA A 36 19.03 4.63 -6.20
N CYS A 37 18.07 3.87 -6.72
CA CYS A 37 18.38 2.61 -7.38
C CYS A 37 18.99 1.61 -6.39
N GLY A 38 18.14 0.81 -5.76
CA GLY A 38 18.61 -0.17 -4.79
C GLY A 38 17.56 -0.51 -3.75
N ASP A 39 16.56 0.35 -3.61
CA ASP A 39 15.49 0.13 -2.65
C ASP A 39 14.14 -0.02 -3.37
N VAL A 40 13.80 -1.26 -3.71
CA VAL A 40 12.54 -1.54 -4.39
C VAL A 40 11.36 -1.52 -3.42
N MET A 41 10.34 -0.74 -3.75
CA MET A 41 9.16 -0.62 -2.90
C MET A 41 7.93 -1.19 -3.61
N LYS A 42 7.43 -2.31 -3.12
CA LYS A 42 6.26 -2.95 -3.70
C LYS A 42 5.04 -2.78 -2.80
N LEU A 43 4.15 -1.88 -3.20
CA LEU A 43 2.94 -1.62 -2.42
C LEU A 43 1.72 -2.23 -3.11
N GLN A 44 0.93 -2.97 -2.34
CA GLN A 44 -0.28 -3.61 -2.87
C GLN A 44 -1.50 -3.22 -2.05
N ILE A 45 -2.62 -3.00 -2.74
CA ILE A 45 -3.86 -2.62 -2.09
C ILE A 45 -4.96 -3.65 -2.35
N LYS A 46 -6.09 -3.50 -1.67
CA LYS A 46 -7.22 -4.40 -1.83
C LYS A 46 -8.41 -3.69 -2.46
N VAL A 47 -9.03 -4.32 -3.44
CA VAL A 47 -10.18 -3.75 -4.12
C VAL A 47 -11.36 -4.72 -4.12
N ASN A 48 -12.57 -4.17 -3.98
CA ASN A 48 -13.77 -4.99 -3.97
C ASN A 48 -14.38 -5.09 -5.37
N ASP A 49 -15.60 -5.61 -5.44
CA ASP A 49 -16.29 -5.75 -6.72
C ASP A 49 -16.80 -4.40 -7.21
N GLU A 50 -16.75 -3.39 -6.34
CA GLU A 50 -17.20 -2.05 -6.69
C GLU A 50 -16.04 -1.18 -7.13
N GLY A 51 -14.86 -1.78 -7.23
CA GLY A 51 -13.68 -1.05 -7.64
C GLY A 51 -13.27 0.01 -6.63
N ILE A 52 -13.39 -0.32 -5.35
CA ILE A 52 -13.04 0.61 -4.29
C ILE A 52 -12.00 0.01 -3.36
N ILE A 53 -11.13 0.86 -2.81
CA ILE A 53 -10.09 0.41 -1.89
C ILE A 53 -10.67 0.06 -0.52
N GLU A 54 -10.60 -1.22 -0.17
CA GLU A 54 -11.12 -1.68 1.12
C GLU A 54 -9.99 -1.84 2.13
N ASP A 55 -8.83 -2.25 1.65
CA ASP A 55 -7.66 -2.45 2.51
C ASP A 55 -6.38 -2.06 1.79
N ALA A 56 -5.27 -2.07 2.52
CA ALA A 56 -3.97 -1.73 1.95
C ALA A 56 -2.85 -2.43 2.69
N ARG A 57 -1.75 -2.68 1.98
CA ARG A 57 -0.59 -3.35 2.56
C ARG A 57 0.68 -3.00 1.80
N PHE A 58 1.82 -3.14 2.48
CA PHE A 58 3.11 -2.84 1.87
C PHE A 58 4.09 -3.99 2.06
N LYS A 59 5.08 -4.08 1.19
CA LYS A 59 6.09 -5.13 1.26
C LYS A 59 7.44 -4.62 0.79
N THR A 60 8.50 -5.38 1.09
CA THR A 60 9.85 -5.01 0.70
C THR A 60 10.80 -6.18 0.86
N TYR A 61 12.08 -5.95 0.54
CA TYR A 61 13.09 -6.99 0.65
C TYR A 61 13.59 -7.11 2.08
N GLY A 62 13.76 -5.98 2.75
CA GLY A 62 14.23 -5.98 4.12
C GLY A 62 13.32 -6.80 5.04
N CYS A 63 13.89 -7.30 6.13
CA CYS A 63 13.12 -8.09 7.09
C CYS A 63 13.75 -8.01 8.47
N GLY A 64 13.35 -6.98 9.24
CA GLY A 64 13.88 -6.81 10.57
C GLY A 64 12.79 -6.62 11.61
N SER A 65 12.65 -5.39 12.10
CA SER A 65 11.64 -5.07 13.10
C SER A 65 11.48 -3.56 13.26
N ALA A 66 10.80 -2.94 12.30
CA ALA A 66 10.58 -1.50 12.34
C ALA A 66 9.10 -1.16 12.17
N ILE A 67 8.50 -0.63 13.22
CA ILE A 67 7.09 -0.26 13.18
C ILE A 67 6.90 1.22 13.49
N ALA A 68 7.64 2.06 12.78
CA ALA A 68 7.55 3.50 12.96
C ALA A 68 7.67 4.23 11.63
N SER A 69 6.58 4.86 11.20
CA SER A 69 6.55 5.59 9.94
C SER A 69 6.97 4.69 8.79
N SER A 70 5.98 4.05 8.16
CA SER A 70 6.24 3.15 7.04
C SER A 70 5.01 3.02 6.15
N SER A 71 5.09 3.58 4.95
CA SER A 71 3.98 3.54 4.00
C SER A 71 2.70 4.04 4.65
N LEU A 72 2.57 5.37 4.76
CA LEU A 72 1.40 5.98 5.36
C LEU A 72 0.22 5.97 4.39
N VAL A 73 0.52 6.02 3.09
CA VAL A 73 -0.51 6.00 2.07
C VAL A 73 -1.45 4.81 2.24
N THR A 74 -0.92 3.72 2.78
CA THR A 74 -1.70 2.52 3.01
C THR A 74 -2.96 2.82 3.81
N GLU A 75 -2.90 3.88 4.62
CA GLU A 75 -4.05 4.28 5.44
C GLU A 75 -4.88 5.34 4.72
N TRP A 76 -4.25 6.06 3.79
CA TRP A 76 -4.92 7.11 3.04
C TRP A 76 -5.74 6.51 1.89
N VAL A 77 -5.28 5.36 1.39
CA VAL A 77 -5.96 4.70 0.29
C VAL A 77 -7.04 3.76 0.79
N LYS A 78 -6.76 3.11 1.92
CA LYS A 78 -7.72 2.18 2.52
C LYS A 78 -9.01 2.89 2.90
N GLY A 79 -10.15 2.27 2.58
CA GLY A 79 -11.43 2.86 2.89
C GLY A 79 -11.84 3.92 1.89
N LYS A 80 -10.96 4.21 0.93
CA LYS A 80 -11.24 5.21 -0.09
C LYS A 80 -11.42 4.55 -1.46
N SER A 81 -11.59 5.38 -2.48
CA SER A 81 -11.77 4.88 -3.85
C SER A 81 -10.54 5.17 -4.70
N LEU A 82 -10.27 4.29 -5.66
CA LEU A 82 -9.12 4.43 -6.55
C LEU A 82 -9.09 5.84 -7.16
N ASP A 83 -10.27 6.35 -7.48
CA ASP A 83 -10.38 7.69 -8.08
C ASP A 83 -10.07 8.77 -7.05
N GLU A 84 -10.36 8.48 -5.79
CA GLU A 84 -10.10 9.43 -4.71
C GLU A 84 -8.63 9.43 -4.31
N ALA A 85 -8.09 8.23 -4.05
CA ALA A 85 -6.70 8.10 -3.67
C ALA A 85 -5.77 8.61 -4.77
N GLN A 86 -6.31 8.76 -5.97
CA GLN A 86 -5.53 9.24 -7.10
C GLN A 86 -5.25 10.74 -6.98
N ALA A 87 -5.88 11.37 -5.99
CA ALA A 87 -5.69 12.80 -5.76
C ALA A 87 -4.60 13.05 -4.73
N ILE A 88 -4.21 11.99 -4.03
CA ILE A 88 -3.17 12.10 -3.01
C ILE A 88 -1.94 12.80 -3.55
N LYS A 89 -1.24 13.53 -2.69
CA LYS A 89 -0.03 14.25 -3.07
C LYS A 89 1.13 13.88 -2.18
N ASN A 90 2.28 13.59 -2.80
CA ASN A 90 3.48 13.23 -2.05
C ASN A 90 3.75 14.23 -0.93
N THR A 91 3.67 15.52 -1.27
CA THR A 91 3.91 16.58 -0.30
C THR A 91 3.12 16.34 0.97
N ASP A 92 1.96 15.71 0.84
CA ASP A 92 1.10 15.42 1.98
C ASP A 92 1.77 14.42 2.92
N ILE A 93 2.05 13.24 2.41
CA ILE A 93 2.70 12.19 3.20
C ILE A 93 4.09 12.62 3.66
N ALA A 94 4.71 13.51 2.88
CA ALA A 94 6.05 13.99 3.21
C ALA A 94 5.98 15.08 4.28
N GLU A 95 4.91 15.86 4.28
CA GLU A 95 4.73 16.93 5.25
C GLU A 95 4.12 16.40 6.54
N GLU A 96 3.43 15.26 6.43
CA GLU A 96 2.79 14.66 7.60
C GLU A 96 3.77 13.75 8.34
N LEU A 97 4.65 13.09 7.59
CA LEU A 97 5.64 12.20 8.18
C LEU A 97 6.86 12.98 8.65
N GLU A 98 6.86 14.28 8.39
CA GLU A 98 7.98 15.14 8.79
C GLU A 98 9.32 14.46 8.51
N LEU A 99 9.39 13.75 7.39
CA LEU A 99 10.61 13.05 7.01
C LEU A 99 11.68 14.03 6.55
N PRO A 100 12.94 13.59 6.56
CA PRO A 100 14.09 14.42 6.16
C PRO A 100 14.10 14.68 4.65
N PRO A 101 14.94 15.62 4.22
CA PRO A 101 15.06 15.99 2.81
C PRO A 101 15.73 14.88 1.99
N VAL A 102 16.72 14.23 2.57
CA VAL A 102 17.44 13.16 1.89
C VAL A 102 16.52 11.97 1.62
N LYS A 103 15.59 11.72 2.55
CA LYS A 103 14.65 10.62 2.41
C LYS A 103 13.29 11.12 1.95
N ILE A 104 13.29 12.18 1.14
CA ILE A 104 12.06 12.76 0.62
C ILE A 104 11.51 11.94 -0.54
N HIS A 105 12.42 11.32 -1.30
CA HIS A 105 12.03 10.51 -2.44
C HIS A 105 11.05 9.41 -2.03
N CYS A 106 11.16 8.98 -0.79
CA CYS A 106 10.28 7.94 -0.26
C CYS A 106 8.83 8.41 -0.23
N SER A 107 8.65 9.73 -0.30
CA SER A 107 7.31 10.32 -0.27
C SER A 107 6.75 10.44 -1.68
N ILE A 108 7.62 10.35 -2.67
CA ILE A 108 7.21 10.45 -4.07
C ILE A 108 6.77 9.09 -4.62
N LEU A 109 7.50 8.04 -4.24
CA LEU A 109 7.19 6.70 -4.69
C LEU A 109 5.75 6.32 -4.35
N ALA A 110 5.26 6.83 -3.22
CA ALA A 110 3.90 6.56 -2.79
C ALA A 110 2.89 6.94 -3.88
N GLU A 111 3.19 8.01 -4.60
CA GLU A 111 2.31 8.48 -5.67
C GLU A 111 2.39 7.55 -6.88
N ASP A 112 3.49 6.82 -6.98
CA ASP A 112 3.70 5.90 -8.09
C ASP A 112 3.12 4.52 -7.77
N ALA A 113 3.44 4.02 -6.59
CA ALA A 113 2.96 2.71 -6.16
C ALA A 113 1.44 2.72 -5.95
N ILE A 114 0.88 3.91 -5.73
CA ILE A 114 -0.55 4.06 -5.52
C ILE A 114 -1.29 4.08 -6.86
N LYS A 115 -0.62 4.59 -7.89
CA LYS A 115 -1.22 4.67 -9.22
C LYS A 115 -1.08 3.34 -9.96
N ALA A 116 -0.16 2.50 -9.49
CA ALA A 116 0.06 1.20 -10.11
C ALA A 116 -1.00 0.20 -9.68
N ALA A 117 -1.14 0.01 -8.37
CA ALA A 117 -2.12 -0.91 -7.82
C ALA A 117 -3.52 -0.60 -8.34
N ILE A 118 -3.74 0.66 -8.69
CA ILE A 118 -5.04 1.10 -9.20
C ILE A 118 -5.26 0.62 -10.63
N ALA A 119 -4.45 1.14 -11.54
CA ALA A 119 -4.55 0.76 -12.95
C ALA A 119 -4.32 -0.74 -13.14
N ASP A 120 -3.67 -1.35 -12.16
CA ASP A 120 -3.37 -2.78 -12.21
C ASP A 120 -4.64 -3.60 -11.96
N TYR A 121 -5.44 -3.17 -11.00
CA TYR A 121 -6.68 -3.86 -10.67
C TYR A 121 -7.69 -3.75 -11.80
N LYS A 122 -7.80 -2.55 -12.36
CA LYS A 122 -8.74 -2.30 -13.45
C LYS A 122 -8.40 -3.17 -14.67
N SER A 123 -7.15 -3.07 -15.13
CA SER A 123 -6.70 -3.83 -16.27
C SER A 123 -6.90 -5.33 -16.04
N LYS A 124 -6.85 -5.74 -14.78
CA LYS A 124 -7.02 -7.13 -14.41
C LYS A 124 -8.47 -7.57 -14.58
N ARG A 125 -9.39 -6.61 -14.50
CA ARG A 125 -10.81 -6.89 -14.64
C ARG A 125 -11.10 -7.52 -16.00
N GLU A 126 -10.50 -6.98 -17.04
CA GLU A 126 -10.71 -7.50 -18.39
C GLU A 126 -9.67 -8.56 -18.73
N ALA A 127 -8.93 -9.00 -17.72
CA ALA A 127 -7.90 -10.02 -17.90
C ALA A 127 -8.53 -11.36 -18.30
N LYS A 128 -8.59 -11.61 -19.60
CA LYS A 128 -9.16 -12.85 -20.12
C LYS A 128 -8.22 -14.03 -19.86
N MET A 1 -24.67 -24.36 43.08
CA MET A 1 -23.72 -24.65 42.01
C MET A 1 -24.37 -24.45 40.64
N ALA A 2 -24.39 -23.21 40.17
CA ALA A 2 -24.97 -22.88 38.88
C ALA A 2 -24.15 -21.83 38.14
N TYR A 3 -23.71 -20.82 38.87
CA TYR A 3 -22.91 -19.74 38.29
C TYR A 3 -23.67 -19.04 37.17
N SER A 4 -23.07 -18.00 36.61
CA SER A 4 -23.70 -17.23 35.54
C SER A 4 -22.84 -17.29 34.27
N GLU A 5 -23.34 -18.02 33.27
CA GLU A 5 -22.63 -18.15 32.00
C GLU A 5 -23.42 -17.51 30.87
N LYS A 6 -23.52 -16.18 30.90
CA LYS A 6 -24.25 -15.45 29.87
C LYS A 6 -23.39 -14.33 29.28
N VAL A 7 -22.09 -14.59 29.20
CA VAL A 7 -21.16 -13.60 28.65
C VAL A 7 -20.69 -14.01 27.26
N ILE A 8 -19.80 -13.21 26.68
CA ILE A 8 -19.27 -13.49 25.35
C ILE A 8 -17.84 -12.95 25.22
N ASP A 9 -16.99 -13.75 24.57
CA ASP A 9 -15.59 -13.36 24.37
C ASP A 9 -15.49 -12.23 23.35
N HIS A 10 -14.32 -11.60 23.29
CA HIS A 10 -14.10 -10.50 22.36
C HIS A 10 -13.84 -11.03 20.96
N TYR A 11 -13.79 -10.12 19.99
CA TYR A 11 -13.56 -10.49 18.60
C TYR A 11 -12.48 -9.61 17.97
N GLU A 12 -11.23 -10.07 18.04
CA GLU A 12 -10.11 -9.32 17.48
C GLU A 12 -8.99 -10.26 17.05
N ASN A 13 -8.94 -10.57 15.76
CA ASN A 13 -7.92 -11.45 15.23
C ASN A 13 -7.22 -10.82 14.02
N PRO A 14 -6.38 -9.81 14.29
CA PRO A 14 -5.63 -9.10 13.24
C PRO A 14 -4.55 -9.97 12.61
N ARG A 15 -4.03 -9.52 11.48
CA ARG A 15 -2.98 -10.26 10.77
C ARG A 15 -1.71 -9.43 10.67
N ASN A 16 -1.78 -8.35 9.89
CA ASN A 16 -0.63 -7.48 9.70
C ASN A 16 0.54 -8.23 9.07
N VAL A 17 0.24 -8.99 8.02
CA VAL A 17 1.26 -9.77 7.32
C VAL A 17 2.06 -8.88 6.36
N GLY A 18 1.36 -8.02 5.64
CA GLY A 18 2.01 -7.13 4.70
C GLY A 18 1.88 -7.61 3.26
N SER A 19 1.71 -8.92 3.08
CA SER A 19 1.58 -9.49 1.76
C SER A 19 0.46 -10.53 1.72
N PHE A 20 -0.60 -10.22 0.97
CA PHE A 20 -1.74 -11.12 0.86
C PHE A 20 -1.32 -12.46 0.26
N ASP A 21 -2.28 -13.36 0.13
CA ASP A 21 -2.01 -14.68 -0.43
C ASP A 21 -2.73 -14.87 -1.77
N ASN A 22 -2.11 -15.63 -2.67
CA ASN A 22 -2.69 -15.87 -3.98
C ASN A 22 -2.88 -14.57 -4.74
N ASN A 23 -3.27 -14.69 -6.02
CA ASN A 23 -3.49 -13.52 -6.86
C ASN A 23 -4.91 -13.51 -7.42
N ASP A 24 -5.63 -12.43 -7.17
CA ASP A 24 -7.00 -12.29 -7.66
C ASP A 24 -7.09 -11.27 -8.79
N GLU A 25 -8.30 -11.01 -9.26
CA GLU A 25 -8.51 -10.05 -10.33
C GLU A 25 -8.97 -8.70 -9.79
N ASN A 26 -9.45 -8.70 -8.55
CA ASN A 26 -9.92 -7.48 -7.91
C ASN A 26 -8.77 -6.78 -7.19
N VAL A 27 -7.64 -7.47 -7.04
CA VAL A 27 -6.48 -6.91 -6.38
C VAL A 27 -5.58 -6.16 -7.36
N GLY A 28 -4.97 -5.09 -6.88
CA GLY A 28 -4.09 -4.30 -7.73
C GLY A 28 -2.63 -4.68 -7.57
N SER A 29 -1.89 -4.66 -8.68
CA SER A 29 -0.47 -5.01 -8.65
C SER A 29 0.38 -3.80 -8.99
N GLY A 30 1.26 -3.42 -8.07
CA GLY A 30 2.13 -2.28 -8.28
C GLY A 30 3.59 -2.60 -7.97
N MET A 31 4.49 -2.01 -8.74
CA MET A 31 5.92 -2.22 -8.54
C MET A 31 6.72 -0.96 -8.87
N VAL A 32 7.15 -0.26 -7.82
CA VAL A 32 7.92 0.97 -7.99
C VAL A 32 9.36 0.77 -7.54
N GLY A 33 10.21 1.75 -7.86
CA GLY A 33 11.61 1.66 -7.48
C GLY A 33 12.15 2.99 -6.98
N ALA A 34 13.12 2.94 -6.08
CA ALA A 34 13.72 4.13 -5.52
C ALA A 34 14.53 4.88 -6.57
N PRO A 35 14.79 6.17 -6.31
CA PRO A 35 15.57 7.01 -7.23
C PRO A 35 17.05 6.63 -7.28
N ALA A 36 17.53 6.03 -6.19
CA ALA A 36 18.92 5.60 -6.11
C ALA A 36 19.30 4.74 -7.30
N CYS A 37 18.86 3.49 -7.30
CA CYS A 37 19.16 2.57 -8.39
C CYS A 37 18.14 1.42 -8.42
N GLY A 38 16.93 1.69 -7.91
CA GLY A 38 15.90 0.67 -7.89
C GLY A 38 15.95 -0.19 -6.63
N ASP A 39 14.86 -0.21 -5.90
CA ASP A 39 14.78 -1.00 -4.66
C ASP A 39 13.64 -2.02 -4.74
N VAL A 40 13.35 -2.64 -3.61
CA VAL A 40 12.28 -3.63 -3.54
C VAL A 40 11.00 -3.02 -2.98
N MET A 41 10.43 -2.06 -3.71
CA MET A 41 9.20 -1.40 -3.28
C MET A 41 8.03 -1.79 -4.18
N LYS A 42 7.01 -2.39 -3.57
CA LYS A 42 5.83 -2.81 -4.31
C LYS A 42 4.58 -2.70 -3.45
N LEU A 43 3.68 -1.81 -3.86
CA LEU A 43 2.43 -1.60 -3.13
C LEU A 43 1.24 -2.18 -3.88
N GLN A 44 0.38 -2.90 -3.16
CA GLN A 44 -0.80 -3.50 -3.78
C GLN A 44 -2.04 -3.26 -2.92
N ILE A 45 -3.16 -3.01 -3.58
CA ILE A 45 -4.42 -2.77 -2.87
C ILE A 45 -5.47 -3.80 -3.26
N LYS A 46 -6.61 -3.76 -2.57
CA LYS A 46 -7.70 -4.69 -2.85
C LYS A 46 -8.98 -3.93 -3.20
N VAL A 47 -9.45 -4.12 -4.43
CA VAL A 47 -10.67 -3.46 -4.88
C VAL A 47 -11.86 -4.42 -4.86
N ASN A 48 -13.04 -3.89 -4.54
CA ASN A 48 -14.25 -4.70 -4.49
C ASN A 48 -15.05 -4.54 -5.77
N ASP A 49 -16.12 -5.33 -5.89
CA ASP A 49 -16.97 -5.28 -7.07
C ASP A 49 -17.52 -3.88 -7.28
N GLU A 50 -17.56 -3.09 -6.21
CA GLU A 50 -18.06 -1.72 -6.28
C GLU A 50 -17.04 -0.80 -6.95
N GLY A 51 -15.76 -1.18 -6.87
CA GLY A 51 -14.71 -0.39 -7.48
C GLY A 51 -14.04 0.54 -6.48
N ILE A 52 -14.06 0.14 -5.21
CA ILE A 52 -13.43 0.93 -4.16
C ILE A 52 -12.39 0.12 -3.40
N ILE A 53 -11.41 0.81 -2.83
CA ILE A 53 -10.35 0.15 -2.07
C ILE A 53 -10.88 -0.36 -0.73
N GLU A 54 -10.93 -1.68 -0.57
CA GLU A 54 -11.41 -2.29 0.65
C GLU A 54 -10.24 -2.66 1.56
N ASP A 55 -9.09 -2.95 0.97
CA ASP A 55 -7.90 -3.31 1.72
C ASP A 55 -6.64 -2.72 1.08
N ALA A 56 -5.52 -2.87 1.76
CA ALA A 56 -4.24 -2.35 1.26
C ALA A 56 -3.07 -3.17 1.79
N ARG A 57 -1.97 -3.17 1.04
CA ARG A 57 -0.78 -3.92 1.44
C ARG A 57 0.48 -3.22 0.95
N PHE A 58 1.45 -3.05 1.84
CA PHE A 58 2.71 -2.40 1.51
C PHE A 58 3.88 -3.05 2.23
N LYS A 59 5.09 -2.77 1.78
CA LYS A 59 6.29 -3.32 2.38
C LYS A 59 6.33 -3.04 3.88
N THR A 60 6.84 -3.99 4.65
CA THR A 60 6.94 -3.84 6.10
C THR A 60 8.31 -4.29 6.60
N TYR A 61 8.77 -5.44 6.12
CA TYR A 61 10.07 -5.97 6.53
C TYR A 61 10.11 -6.18 8.04
N GLY A 62 9.01 -6.69 8.59
CA GLY A 62 8.96 -6.94 10.03
C GLY A 62 8.76 -5.67 10.83
N CYS A 63 9.58 -5.49 11.84
CA CYS A 63 9.50 -4.29 12.69
C CYS A 63 10.84 -4.01 13.36
N GLY A 64 11.44 -2.89 13.01
CA GLY A 64 12.72 -2.51 13.58
C GLY A 64 13.89 -2.86 12.67
N SER A 65 13.75 -2.53 11.39
CA SER A 65 14.80 -2.81 10.42
C SER A 65 15.55 -1.54 10.03
N ALA A 66 16.51 -1.14 10.86
CA ALA A 66 17.29 0.06 10.60
C ALA A 66 16.40 1.29 10.48
N ILE A 67 15.36 1.34 11.30
CA ILE A 67 14.43 2.46 11.28
C ILE A 67 13.88 2.69 9.88
N ALA A 68 13.03 1.78 9.43
CA ALA A 68 12.42 1.88 8.11
C ALA A 68 10.94 1.54 8.16
N SER A 69 10.10 2.56 8.14
CA SER A 69 8.65 2.37 8.19
C SER A 69 7.94 3.36 7.26
N SER A 70 6.93 2.87 6.54
CA SER A 70 6.18 3.71 5.62
C SER A 70 4.90 3.00 5.16
N SER A 71 4.20 2.38 6.11
CA SER A 71 2.97 1.67 5.80
C SER A 71 1.74 2.51 6.16
N LEU A 72 1.85 3.82 5.96
CA LEU A 72 0.75 4.73 6.27
C LEU A 72 -0.25 4.78 5.13
N VAL A 73 0.25 4.61 3.90
CA VAL A 73 -0.61 4.63 2.71
C VAL A 73 -1.63 3.50 2.75
N THR A 74 -1.21 2.35 3.28
CA THR A 74 -2.09 1.19 3.37
C THR A 74 -3.38 1.54 4.09
N GLU A 75 -3.33 2.56 4.95
CA GLU A 75 -4.50 2.99 5.70
C GLU A 75 -5.22 4.12 4.97
N TRP A 76 -4.47 4.90 4.21
CA TRP A 76 -5.03 6.02 3.46
C TRP A 76 -6.00 5.53 2.39
N VAL A 77 -5.52 4.61 1.56
CA VAL A 77 -6.34 4.06 0.49
C VAL A 77 -7.45 3.17 1.04
N LYS A 78 -7.18 2.53 2.17
CA LYS A 78 -8.16 1.65 2.81
C LYS A 78 -9.43 2.42 3.17
N GLY A 79 -10.44 2.33 2.30
CA GLY A 79 -11.68 3.03 2.55
C GLY A 79 -11.93 4.15 1.54
N LYS A 80 -10.94 4.41 0.70
CA LYS A 80 -11.05 5.46 -0.30
C LYS A 80 -11.20 4.86 -1.70
N SER A 81 -11.74 5.65 -2.62
CA SER A 81 -11.93 5.19 -3.99
C SER A 81 -10.69 5.50 -4.85
N LEU A 82 -10.45 4.66 -5.85
CA LEU A 82 -9.31 4.84 -6.74
C LEU A 82 -9.24 6.28 -7.25
N ASP A 83 -10.39 6.81 -7.66
CA ASP A 83 -10.45 8.18 -8.16
C ASP A 83 -9.84 9.16 -7.17
N GLU A 84 -10.06 8.90 -5.89
CA GLU A 84 -9.54 9.76 -4.83
C GLU A 84 -8.07 9.43 -4.54
N ALA A 85 -7.78 8.14 -4.40
CA ALA A 85 -6.43 7.68 -4.12
C ALA A 85 -5.46 8.13 -5.21
N GLN A 86 -6.01 8.46 -6.38
CA GLN A 86 -5.19 8.90 -7.51
C GLN A 86 -4.85 10.39 -7.37
N ALA A 87 -5.59 11.08 -6.53
CA ALA A 87 -5.38 12.51 -6.31
C ALA A 87 -4.37 12.76 -5.19
N ILE A 88 -3.95 11.68 -4.54
CA ILE A 88 -2.99 11.77 -3.44
C ILE A 88 -1.74 12.54 -3.88
N LYS A 89 -1.12 13.22 -2.92
CA LYS A 89 0.09 13.99 -3.20
C LYS A 89 1.21 13.59 -2.25
N ASN A 90 2.39 13.35 -2.81
CA ASN A 90 3.55 12.97 -2.00
C ASN A 90 3.73 13.91 -0.82
N THR A 91 3.61 15.21 -1.08
CA THR A 91 3.75 16.23 -0.03
C THR A 91 3.00 15.82 1.23
N ASP A 92 1.81 15.26 1.05
CA ASP A 92 0.99 14.83 2.17
C ASP A 92 1.73 13.80 3.03
N ILE A 93 2.03 12.65 2.42
CA ILE A 93 2.74 11.59 3.13
C ILE A 93 4.11 12.05 3.58
N ALA A 94 4.62 13.10 2.94
CA ALA A 94 5.93 13.64 3.27
C ALA A 94 5.86 14.50 4.53
N GLU A 95 4.85 15.36 4.61
CA GLU A 95 4.67 16.23 5.76
C GLU A 95 3.97 15.50 6.90
N GLU A 96 3.24 14.44 6.56
CA GLU A 96 2.52 13.66 7.56
C GLU A 96 3.46 12.70 8.27
N LEU A 97 4.36 12.07 7.51
CA LEU A 97 5.31 11.13 8.08
C LEU A 97 6.47 11.86 8.73
N GLU A 98 6.70 13.10 8.31
CA GLU A 98 7.79 13.90 8.87
C GLU A 98 9.14 13.27 8.56
N LEU A 99 9.63 13.48 7.34
CA LEU A 99 10.92 12.93 6.93
C LEU A 99 11.83 14.03 6.40
N PRO A 100 13.14 13.75 6.39
CA PRO A 100 14.15 14.70 5.91
C PRO A 100 14.08 14.89 4.41
N PRO A 101 14.79 15.92 3.91
CA PRO A 101 14.82 16.24 2.48
C PRO A 101 15.60 15.19 1.67
N VAL A 102 16.57 14.55 2.31
CA VAL A 102 17.38 13.53 1.66
C VAL A 102 16.58 12.25 1.45
N LYS A 103 15.71 11.94 2.41
CA LYS A 103 14.89 10.74 2.34
C LYS A 103 13.48 11.07 1.83
N ILE A 104 13.35 12.23 1.19
CA ILE A 104 12.06 12.67 0.65
C ILE A 104 11.55 11.67 -0.39
N HIS A 105 12.46 10.91 -0.98
CA HIS A 105 12.10 9.92 -1.99
C HIS A 105 11.02 8.98 -1.46
N CYS A 106 11.11 8.65 -0.18
CA CYS A 106 10.14 7.75 0.44
C CYS A 106 8.73 8.30 0.29
N SER A 107 8.61 9.61 0.13
CA SER A 107 7.31 10.25 -0.03
C SER A 107 6.90 10.32 -1.50
N ILE A 108 7.89 10.23 -2.38
CA ILE A 108 7.64 10.27 -3.82
C ILE A 108 7.34 8.88 -4.36
N LEU A 109 8.03 7.89 -3.84
CA LEU A 109 7.84 6.50 -4.27
C LEU A 109 6.43 6.02 -3.94
N ALA A 110 6.01 6.25 -2.70
CA ALA A 110 4.69 5.84 -2.26
C ALA A 110 3.60 6.39 -3.17
N GLU A 111 3.77 7.64 -3.60
CA GLU A 111 2.82 8.29 -4.48
C GLU A 111 2.80 7.63 -5.85
N ASP A 112 3.90 6.96 -6.19
CA ASP A 112 4.01 6.28 -7.48
C ASP A 112 3.45 4.87 -7.41
N ALA A 113 3.66 4.22 -6.26
CA ALA A 113 3.18 2.85 -6.05
C ALA A 113 1.69 2.86 -5.74
N ILE A 114 1.18 3.99 -5.29
CA ILE A 114 -0.24 4.12 -4.95
C ILE A 114 -1.11 4.12 -6.19
N LYS A 115 -0.55 4.62 -7.30
CA LYS A 115 -1.27 4.67 -8.57
C LYS A 115 -1.16 3.36 -9.31
N ALA A 116 0.02 2.75 -9.30
CA ALA A 116 0.25 1.48 -9.97
C ALA A 116 -0.83 0.47 -9.61
N ALA A 117 -0.98 0.20 -8.32
CA ALA A 117 -1.99 -0.75 -7.85
C ALA A 117 -3.36 -0.42 -8.42
N ILE A 118 -3.63 0.87 -8.57
CA ILE A 118 -4.92 1.31 -9.11
C ILE A 118 -5.01 1.02 -10.61
N ALA A 119 -4.17 1.68 -11.39
CA ALA A 119 -4.16 1.49 -12.84
C ALA A 119 -4.02 0.02 -13.19
N ASP A 120 -3.46 -0.76 -12.27
CA ASP A 120 -3.27 -2.19 -12.49
C ASP A 120 -4.58 -2.95 -12.32
N TYR A 121 -5.42 -2.47 -11.41
CA TYR A 121 -6.70 -3.10 -11.14
C TYR A 121 -7.65 -2.93 -12.32
N LYS A 122 -7.86 -1.68 -12.73
CA LYS A 122 -8.75 -1.38 -13.85
C LYS A 122 -8.19 -1.93 -15.15
N SER A 123 -6.90 -2.25 -15.15
CA SER A 123 -6.23 -2.78 -16.34
C SER A 123 -6.43 -4.30 -16.43
N LYS A 124 -6.37 -4.97 -15.28
CA LYS A 124 -6.54 -6.41 -15.23
C LYS A 124 -8.02 -6.78 -15.11
N ARG A 125 -8.83 -5.81 -14.71
CA ARG A 125 -10.27 -6.04 -14.56
C ARG A 125 -11.04 -5.40 -15.71
N GLU A 126 -10.32 -5.02 -16.76
CA GLU A 126 -10.95 -4.40 -17.92
C GLU A 126 -11.34 -5.44 -18.96
N ALA A 127 -11.36 -6.71 -18.54
CA ALA A 127 -11.71 -7.79 -19.44
C ALA A 127 -13.17 -7.71 -19.86
N LYS A 128 -13.39 -7.37 -21.13
CA LYS A 128 -14.75 -7.25 -21.66
C LYS A 128 -15.54 -6.20 -20.90
N MET A 1 33.19 14.27 3.59
CA MET A 1 32.62 13.01 4.04
C MET A 1 31.41 13.25 4.93
N ALA A 2 30.76 12.16 5.35
CA ALA A 2 29.59 12.26 6.21
C ALA A 2 29.94 11.93 7.65
N TYR A 3 30.97 11.11 7.84
CA TYR A 3 31.40 10.71 9.17
C TYR A 3 30.28 10.00 9.93
N SER A 4 30.59 9.53 11.13
CA SER A 4 29.62 8.83 11.95
C SER A 4 29.01 7.65 11.19
N GLU A 5 28.00 7.03 11.78
CA GLU A 5 27.33 5.89 11.17
C GLU A 5 26.06 5.52 11.92
N LYS A 6 25.16 4.80 11.25
CA LYS A 6 23.91 4.37 11.86
C LYS A 6 23.72 2.87 11.73
N VAL A 7 24.79 2.12 11.93
CA VAL A 7 24.74 0.66 11.82
C VAL A 7 24.30 0.03 13.14
N ILE A 8 23.51 -1.03 13.06
CA ILE A 8 23.03 -1.72 14.24
C ILE A 8 22.97 -3.23 14.01
N ASP A 9 22.72 -3.98 15.08
CA ASP A 9 22.63 -5.44 14.99
C ASP A 9 21.25 -5.92 15.43
N HIS A 10 20.26 -5.73 14.57
CA HIS A 10 18.90 -6.15 14.86
C HIS A 10 18.17 -6.57 13.59
N TYR A 11 17.30 -7.57 13.72
CA TYR A 11 16.54 -8.08 12.58
C TYR A 11 15.27 -8.78 13.04
N GLU A 12 14.45 -9.19 12.08
CA GLU A 12 13.20 -9.87 12.38
C GLU A 12 12.46 -10.24 11.10
N ASN A 13 11.43 -11.08 11.24
CA ASN A 13 10.64 -11.51 10.09
C ASN A 13 9.16 -11.49 10.43
N PRO A 14 8.58 -10.28 10.52
CA PRO A 14 7.16 -10.10 10.82
C PRO A 14 6.26 -10.54 9.68
N ARG A 15 5.26 -11.36 10.01
CA ARG A 15 4.33 -11.86 9.01
C ARG A 15 2.94 -11.25 9.21
N ASN A 16 1.96 -11.80 8.50
CA ASN A 16 0.58 -11.31 8.60
C ASN A 16 0.49 -9.86 8.13
N VAL A 17 1.42 -9.46 7.27
CA VAL A 17 1.44 -8.10 6.75
C VAL A 17 2.51 -7.93 5.69
N GLY A 18 2.09 -7.83 4.43
CA GLY A 18 3.03 -7.67 3.33
C GLY A 18 2.43 -8.05 1.99
N SER A 19 1.58 -9.07 2.00
CA SER A 19 0.94 -9.54 0.77
C SER A 19 -0.16 -10.54 1.09
N PHE A 20 -1.40 -10.14 0.81
CA PHE A 20 -2.55 -11.00 1.07
C PHE A 20 -3.16 -11.50 -0.24
N ASP A 21 -4.18 -12.35 -0.13
CA ASP A 21 -4.84 -12.90 -1.30
C ASP A 21 -3.87 -13.73 -2.15
N ASN A 22 -4.41 -14.47 -3.11
CA ASN A 22 -3.59 -15.31 -3.98
C ASN A 22 -3.72 -14.88 -5.44
N ASN A 23 -3.33 -13.64 -5.72
CA ASN A 23 -3.40 -13.11 -7.07
C ASN A 23 -4.83 -13.21 -7.62
N ASP A 24 -5.70 -12.32 -7.14
CA ASP A 24 -7.09 -12.31 -7.59
C ASP A 24 -7.28 -11.34 -8.75
N GLU A 25 -8.54 -11.13 -9.14
CA GLU A 25 -8.85 -10.23 -10.24
C GLU A 25 -9.30 -8.87 -9.72
N ASN A 26 -9.59 -8.81 -8.42
CA ASN A 26 -10.02 -7.56 -7.79
C ASN A 26 -8.86 -6.85 -7.12
N VAL A 27 -7.71 -7.51 -7.08
CA VAL A 27 -6.51 -6.93 -6.48
C VAL A 27 -5.71 -6.12 -7.49
N GLY A 28 -5.12 -5.04 -7.02
CA GLY A 28 -4.33 -4.19 -7.91
C GLY A 28 -2.84 -4.51 -7.84
N SER A 29 -2.18 -4.44 -8.99
CA SER A 29 -0.75 -4.72 -9.04
C SER A 29 0.05 -3.44 -9.17
N GLY A 30 1.11 -3.33 -8.36
CA GLY A 30 1.94 -2.14 -8.39
C GLY A 30 3.39 -2.45 -8.07
N MET A 31 4.30 -1.92 -8.88
CA MET A 31 5.72 -2.14 -8.69
C MET A 31 6.53 -0.91 -9.10
N VAL A 32 7.00 -0.16 -8.10
CA VAL A 32 7.79 1.04 -8.37
C VAL A 32 9.18 0.93 -7.76
N GLY A 33 10.19 1.28 -8.55
CA GLY A 33 11.57 1.21 -8.07
C GLY A 33 12.10 2.57 -7.66
N ALA A 34 13.17 2.55 -6.86
CA ALA A 34 13.78 3.79 -6.39
C ALA A 34 14.48 4.53 -7.52
N PRO A 35 14.71 5.83 -7.33
CA PRO A 35 15.37 6.68 -8.32
C PRO A 35 16.85 6.34 -8.48
N ALA A 36 17.44 5.79 -7.43
CA ALA A 36 18.85 5.41 -7.45
C ALA A 36 19.01 3.89 -7.44
N CYS A 37 17.99 3.19 -7.91
CA CYS A 37 18.02 1.73 -7.95
C CYS A 37 18.40 1.16 -6.58
N GLY A 38 17.53 1.37 -5.60
CA GLY A 38 17.78 0.87 -4.26
C GLY A 38 16.53 0.34 -3.58
N ASP A 39 16.53 -0.95 -3.27
CA ASP A 39 15.38 -1.57 -2.62
C ASP A 39 14.10 -1.27 -3.39
N VAL A 40 13.80 -2.11 -4.37
CA VAL A 40 12.60 -1.94 -5.18
C VAL A 40 11.35 -1.95 -4.32
N MET A 41 10.36 -1.16 -4.71
CA MET A 41 9.11 -1.08 -3.97
C MET A 41 7.95 -1.68 -4.77
N LYS A 42 6.98 -2.24 -4.06
CA LYS A 42 5.82 -2.85 -4.72
C LYS A 42 4.57 -2.68 -3.86
N LEU A 43 3.70 -1.76 -4.27
CA LEU A 43 2.46 -1.51 -3.54
C LEU A 43 1.27 -2.12 -4.27
N GLN A 44 0.38 -2.77 -3.51
CA GLN A 44 -0.79 -3.40 -4.08
C GLN A 44 -2.02 -3.18 -3.18
N ILE A 45 -3.17 -3.01 -3.80
CA ILE A 45 -4.41 -2.79 -3.06
C ILE A 45 -5.44 -3.87 -3.37
N LYS A 46 -6.51 -3.90 -2.60
CA LYS A 46 -7.57 -4.88 -2.79
C LYS A 46 -8.92 -4.19 -3.00
N VAL A 47 -9.43 -4.25 -4.22
CA VAL A 47 -10.71 -3.63 -4.54
C VAL A 47 -11.85 -4.65 -4.47
N ASN A 48 -13.00 -4.20 -4.02
CA ASN A 48 -14.17 -5.08 -3.90
C ASN A 48 -15.16 -4.82 -5.03
N ASP A 49 -16.30 -5.49 -4.97
CA ASP A 49 -17.34 -5.34 -5.99
C ASP A 49 -17.77 -3.88 -6.10
N GLU A 50 -17.57 -3.12 -5.03
CA GLU A 50 -17.96 -1.72 -5.01
C GLU A 50 -16.90 -0.86 -5.71
N GLY A 51 -15.86 -1.51 -6.21
CA GLY A 51 -14.80 -0.79 -6.90
C GLY A 51 -14.03 0.13 -5.98
N ILE A 52 -14.09 -0.16 -4.68
CA ILE A 52 -13.38 0.66 -3.69
C ILE A 52 -12.28 -0.14 -3.01
N ILE A 53 -11.25 0.56 -2.56
CA ILE A 53 -10.12 -0.08 -1.89
C ILE A 53 -10.49 -0.50 -0.47
N GLU A 54 -10.45 -1.80 -0.22
CA GLU A 54 -10.79 -2.33 1.10
C GLU A 54 -9.54 -2.79 1.84
N ASP A 55 -8.53 -3.21 1.08
CA ASP A 55 -7.28 -3.67 1.66
C ASP A 55 -6.08 -2.99 0.98
N ALA A 56 -4.92 -3.10 1.61
CA ALA A 56 -3.69 -2.51 1.07
C ALA A 56 -2.46 -3.26 1.55
N ARG A 57 -1.40 -3.22 0.74
CA ARG A 57 -0.16 -3.90 1.08
C ARG A 57 1.04 -3.16 0.49
N PHE A 58 2.09 -3.03 1.29
CA PHE A 58 3.30 -2.34 0.83
C PHE A 58 4.55 -3.01 1.41
N LYS A 59 5.71 -2.69 0.83
CA LYS A 59 6.97 -3.26 1.29
C LYS A 59 8.13 -2.33 0.94
N THR A 60 9.25 -2.51 1.65
CA THR A 60 10.43 -1.69 1.41
C THR A 60 11.58 -2.13 2.31
N TYR A 61 11.26 -2.55 3.53
CA TYR A 61 12.27 -3.00 4.47
C TYR A 61 11.63 -3.69 5.67
N GLY A 62 12.43 -4.46 6.42
CA GLY A 62 11.93 -5.16 7.57
C GLY A 62 13.00 -5.42 8.61
N CYS A 63 13.11 -4.52 9.57
CA CYS A 63 14.11 -4.65 10.64
C CYS A 63 13.69 -3.86 11.87
N GLY A 64 13.56 -2.54 11.70
CA GLY A 64 13.17 -1.69 12.81
C GLY A 64 11.81 -2.04 13.36
N SER A 65 11.69 -2.09 14.69
CA SER A 65 10.43 -2.42 15.34
C SER A 65 9.88 -1.21 16.10
N ALA A 66 9.44 -0.20 15.36
CA ALA A 66 8.89 1.01 15.96
C ALA A 66 7.40 1.15 15.66
N ILE A 67 6.75 0.02 15.43
CA ILE A 67 5.32 0.02 15.14
C ILE A 67 5.02 0.86 13.89
N ALA A 68 5.38 0.32 12.72
CA ALA A 68 5.15 1.02 11.47
C ALA A 68 5.61 0.17 10.28
N SER A 69 6.91 -0.15 10.26
CA SER A 69 7.47 -0.95 9.18
C SER A 69 7.31 -0.24 7.83
N SER A 70 7.24 1.09 7.87
CA SER A 70 7.08 1.89 6.66
C SER A 70 5.87 1.43 5.87
N SER A 71 4.71 1.43 6.52
CA SER A 71 3.47 1.02 5.87
C SER A 71 2.34 2.02 6.16
N LEU A 72 2.58 3.28 5.79
CA LEU A 72 1.58 4.33 6.00
C LEU A 72 0.56 4.35 4.87
N VAL A 73 1.05 4.32 3.64
CA VAL A 73 0.18 4.33 2.46
C VAL A 73 -0.86 3.23 2.54
N THR A 74 -0.45 2.05 3.00
CA THR A 74 -1.35 0.92 3.12
C THR A 74 -2.56 1.27 3.98
N GLU A 75 -2.40 2.26 4.85
CA GLU A 75 -3.47 2.69 5.74
C GLU A 75 -4.22 3.87 5.14
N TRP A 76 -3.53 4.65 4.31
CA TRP A 76 -4.13 5.81 3.67
C TRP A 76 -5.15 5.39 2.63
N VAL A 77 -4.79 4.40 1.82
CA VAL A 77 -5.68 3.90 0.78
C VAL A 77 -6.74 2.97 1.35
N LYS A 78 -6.39 2.28 2.43
CA LYS A 78 -7.32 1.36 3.08
C LYS A 78 -8.58 2.07 3.53
N GLY A 79 -9.66 1.92 2.75
CA GLY A 79 -10.91 2.56 3.08
C GLY A 79 -11.25 3.69 2.13
N LYS A 80 -10.36 3.96 1.18
CA LYS A 80 -10.56 5.02 0.21
C LYS A 80 -10.95 4.44 -1.15
N SER A 81 -11.25 5.33 -2.10
CA SER A 81 -11.64 4.90 -3.44
C SER A 81 -10.52 5.20 -4.44
N LEU A 82 -10.49 4.42 -5.51
CA LEU A 82 -9.47 4.60 -6.55
C LEU A 82 -9.40 6.05 -7.00
N ASP A 83 -10.56 6.67 -7.18
CA ASP A 83 -10.63 8.06 -7.61
C ASP A 83 -10.01 8.98 -6.56
N GLU A 84 -10.15 8.59 -5.30
CA GLU A 84 -9.61 9.38 -4.19
C GLU A 84 -8.10 9.18 -4.06
N ALA A 85 -7.68 7.92 -4.05
CA ALA A 85 -6.26 7.59 -3.94
C ALA A 85 -5.47 8.18 -5.09
N GLN A 86 -6.16 8.54 -6.17
CA GLN A 86 -5.53 9.12 -7.34
C GLN A 86 -5.20 10.59 -7.11
N ALA A 87 -5.82 11.17 -6.10
CA ALA A 87 -5.60 12.58 -5.77
C ALA A 87 -4.48 12.74 -4.74
N ILE A 88 -4.03 11.62 -4.19
CA ILE A 88 -2.97 11.63 -3.20
C ILE A 88 -1.76 12.39 -3.71
N LYS A 89 -1.00 12.98 -2.78
CA LYS A 89 0.20 13.74 -3.14
C LYS A 89 1.37 13.34 -2.26
N ASN A 90 2.53 13.10 -2.88
CA ASN A 90 3.73 12.72 -2.15
C ASN A 90 3.97 13.66 -0.97
N THR A 91 3.87 14.95 -1.23
CA THR A 91 4.08 15.95 -0.19
C THR A 91 3.30 15.61 1.07
N ASP A 92 2.15 14.97 0.90
CA ASP A 92 1.31 14.58 2.03
C ASP A 92 2.00 13.53 2.88
N ILE A 93 2.26 12.37 2.29
CA ILE A 93 2.91 11.28 3.01
C ILE A 93 4.31 11.69 3.48
N ALA A 94 4.90 12.66 2.78
CA ALA A 94 6.22 13.14 3.13
C ALA A 94 6.16 14.14 4.28
N GLU A 95 5.07 14.90 4.34
CA GLU A 95 4.88 15.89 5.39
C GLU A 95 4.28 15.25 6.64
N GLU A 96 3.58 14.14 6.45
CA GLU A 96 2.95 13.44 7.57
C GLU A 96 3.94 12.49 8.24
N LEU A 97 4.82 11.89 7.43
CA LEU A 97 5.82 10.96 7.95
C LEU A 97 7.05 11.71 8.46
N GLU A 98 7.24 12.93 7.97
CA GLU A 98 8.37 13.75 8.39
C GLU A 98 9.69 13.11 7.98
N LEU A 99 10.32 13.66 6.95
CA LEU A 99 11.59 13.15 6.46
C LEU A 99 12.49 14.28 5.97
N PRO A 100 13.80 13.98 5.88
CA PRO A 100 14.80 14.96 5.42
C PRO A 100 14.65 15.28 3.93
N PRO A 101 15.35 16.34 3.49
CA PRO A 101 15.32 16.78 2.09
C PRO A 101 16.02 15.80 1.16
N VAL A 102 17.06 15.15 1.68
CA VAL A 102 17.82 14.18 0.90
C VAL A 102 17.01 12.91 0.66
N LYS A 103 16.21 12.53 1.64
CA LYS A 103 15.38 11.33 1.53
C LYS A 103 13.97 11.69 1.08
N ILE A 104 13.84 12.81 0.38
CA ILE A 104 12.55 13.26 -0.12
C ILE A 104 12.12 12.45 -1.34
N HIS A 105 13.09 11.96 -2.09
CA HIS A 105 12.82 11.18 -3.29
C HIS A 105 11.98 9.95 -2.94
N CYS A 106 12.19 9.42 -1.75
CA CYS A 106 11.45 8.23 -1.29
C CYS A 106 9.97 8.56 -1.11
N SER A 107 9.66 9.85 -0.99
CA SER A 107 8.29 10.28 -0.82
C SER A 107 7.52 10.24 -2.14
N ILE A 108 8.26 10.17 -3.23
CA ILE A 108 7.66 10.12 -4.56
C ILE A 108 7.33 8.69 -4.97
N LEU A 109 8.07 7.74 -4.41
CA LEU A 109 7.86 6.33 -4.72
C LEU A 109 6.47 5.88 -4.26
N ALA A 110 6.09 6.28 -3.05
CA ALA A 110 4.79 5.93 -2.50
C ALA A 110 3.66 6.56 -3.31
N GLU A 111 3.89 7.77 -3.78
CA GLU A 111 2.89 8.49 -4.57
C GLU A 111 2.75 7.86 -5.96
N ASP A 112 3.78 7.18 -6.40
CA ASP A 112 3.77 6.53 -7.71
C ASP A 112 3.18 5.13 -7.62
N ALA A 113 3.47 4.45 -6.51
CA ALA A 113 2.97 3.10 -6.29
C ALA A 113 1.48 3.10 -5.96
N ILE A 114 0.99 4.25 -5.51
CA ILE A 114 -0.42 4.39 -5.17
C ILE A 114 -1.30 4.45 -6.41
N LYS A 115 -0.72 4.91 -7.51
CA LYS A 115 -1.45 5.02 -8.77
C LYS A 115 -1.43 3.69 -9.51
N ALA A 116 -0.25 3.10 -9.65
CA ALA A 116 -0.10 1.83 -10.34
C ALA A 116 -1.11 0.81 -9.83
N ALA A 117 -1.11 0.58 -8.52
CA ALA A 117 -2.03 -0.37 -7.92
C ALA A 117 -3.47 -0.10 -8.35
N ILE A 118 -3.77 1.17 -8.62
CA ILE A 118 -5.11 1.56 -9.04
C ILE A 118 -5.32 1.28 -10.53
N ALA A 119 -4.55 1.98 -11.36
CA ALA A 119 -4.65 1.80 -12.82
C ALA A 119 -4.53 0.34 -13.20
N ASP A 120 -3.86 -0.44 -12.35
CA ASP A 120 -3.67 -1.87 -12.60
C ASP A 120 -4.98 -2.63 -12.38
N TYR A 121 -5.75 -2.20 -11.39
CA TYR A 121 -7.01 -2.85 -11.07
C TYR A 121 -8.02 -2.67 -12.21
N LYS A 122 -8.34 -1.41 -12.52
CA LYS A 122 -9.28 -1.11 -13.58
C LYS A 122 -8.77 -1.61 -14.92
N SER A 123 -7.47 -1.85 -15.00
CA SER A 123 -6.85 -2.34 -16.24
C SER A 123 -7.27 -3.78 -16.53
N LYS A 124 -7.27 -4.61 -15.49
CA LYS A 124 -7.65 -6.01 -15.62
C LYS A 124 -9.15 -6.18 -15.44
N ARG A 125 -9.83 -5.11 -15.07
CA ARG A 125 -11.27 -5.14 -14.86
C ARG A 125 -11.99 -4.22 -15.83
N GLU A 126 -11.27 -3.77 -16.85
CA GLU A 126 -11.83 -2.87 -17.85
C GLU A 126 -12.59 -3.65 -18.92
N ALA A 127 -12.64 -4.97 -18.75
CA ALA A 127 -13.34 -5.83 -19.69
C ALA A 127 -14.86 -5.72 -19.50
N LYS A 128 -15.48 -4.86 -20.32
CA LYS A 128 -16.92 -4.66 -20.25
C LYS A 128 -17.36 -4.32 -18.83
N MET A 1 14.12 11.16 19.90
CA MET A 1 15.36 10.47 20.20
C MET A 1 15.57 10.37 21.71
N ALA A 2 15.36 9.18 22.25
CA ALA A 2 15.54 8.95 23.68
C ALA A 2 16.09 7.56 23.95
N TYR A 3 16.43 7.30 25.22
CA TYR A 3 16.98 6.00 25.61
C TYR A 3 15.91 4.91 25.55
N SER A 4 16.23 3.82 24.87
CA SER A 4 15.30 2.71 24.74
C SER A 4 16.02 1.44 24.29
N GLU A 5 15.70 0.32 24.93
CA GLU A 5 16.32 -0.96 24.60
C GLU A 5 15.32 -1.88 23.91
N LYS A 6 15.84 -2.75 23.04
CA LYS A 6 14.99 -3.69 22.32
C LYS A 6 15.59 -5.10 22.34
N VAL A 7 14.81 -6.08 21.93
CA VAL A 7 15.26 -7.46 21.91
C VAL A 7 15.31 -8.00 20.49
N ILE A 8 16.21 -8.94 20.24
CA ILE A 8 16.36 -9.55 18.92
C ILE A 8 15.96 -11.02 18.94
N ASP A 9 15.16 -11.43 17.96
CA ASP A 9 14.72 -12.81 17.86
C ASP A 9 14.73 -13.29 16.41
N HIS A 10 14.73 -14.60 16.23
CA HIS A 10 14.74 -15.18 14.89
C HIS A 10 13.35 -15.09 14.25
N TYR A 11 12.40 -15.83 14.82
CA TYR A 11 11.03 -15.84 14.32
C TYR A 11 10.99 -16.37 12.89
N GLU A 12 9.81 -16.34 12.28
CA GLU A 12 9.63 -16.83 10.92
C GLU A 12 8.67 -15.93 10.15
N ASN A 13 8.95 -15.73 8.86
CA ASN A 13 8.11 -14.90 8.01
C ASN A 13 8.32 -15.24 6.53
N PRO A 14 7.86 -16.44 6.14
CA PRO A 14 7.98 -16.91 4.76
C PRO A 14 7.08 -16.14 3.80
N ARG A 15 5.95 -15.68 4.30
CA ARG A 15 5.00 -14.92 3.50
C ARG A 15 4.76 -13.54 4.09
N ASN A 16 3.85 -12.78 3.48
CA ASN A 16 3.53 -11.44 3.94
C ASN A 16 4.77 -10.55 3.96
N VAL A 17 5.62 -10.71 2.95
CA VAL A 17 6.85 -9.93 2.85
C VAL A 17 6.69 -8.81 1.83
N GLY A 18 5.50 -8.23 1.76
CA GLY A 18 5.25 -7.15 0.82
C GLY A 18 4.21 -7.52 -0.21
N SER A 19 4.01 -8.81 -0.43
CA SER A 19 3.04 -9.29 -1.40
C SER A 19 1.99 -10.17 -0.75
N PHE A 20 0.72 -9.88 -1.00
CA PHE A 20 -0.38 -10.64 -0.42
C PHE A 20 -1.15 -11.37 -1.52
N ASP A 21 -2.02 -12.30 -1.11
CA ASP A 21 -2.82 -13.07 -2.05
C ASP A 21 -1.94 -13.71 -3.11
N ASN A 22 -2.57 -14.27 -4.14
CA ASN A 22 -1.85 -14.93 -5.22
C ASN A 22 -2.21 -14.30 -6.57
N ASN A 23 -2.13 -12.98 -6.64
CA ASN A 23 -2.45 -12.26 -7.86
C ASN A 23 -3.91 -12.45 -8.25
N ASP A 24 -4.81 -11.84 -7.48
CA ASP A 24 -6.24 -11.95 -7.74
C ASP A 24 -6.67 -10.94 -8.79
N GLU A 25 -7.91 -11.09 -9.28
CA GLU A 25 -8.43 -10.18 -10.29
C GLU A 25 -8.83 -8.84 -9.67
N ASN A 26 -9.11 -8.86 -8.37
CA ASN A 26 -9.50 -7.66 -7.66
C ASN A 26 -8.28 -6.95 -7.07
N VAL A 27 -7.12 -7.62 -7.15
CA VAL A 27 -5.89 -7.06 -6.63
C VAL A 27 -5.17 -6.22 -7.68
N GLY A 28 -4.48 -5.18 -7.24
CA GLY A 28 -3.76 -4.31 -8.15
C GLY A 28 -2.28 -4.64 -8.21
N SER A 29 -1.70 -4.51 -9.40
CA SER A 29 -0.28 -4.80 -9.59
C SER A 29 0.49 -3.52 -9.91
N GLY A 30 1.41 -3.16 -9.02
CA GLY A 30 2.20 -1.95 -9.22
C GLY A 30 3.59 -2.08 -8.60
N MET A 31 4.59 -1.61 -9.34
CA MET A 31 5.98 -1.66 -8.87
C MET A 31 6.76 -0.45 -9.36
N VAL A 32 7.08 0.45 -8.43
CA VAL A 32 7.84 1.65 -8.76
C VAL A 32 9.21 1.63 -8.12
N GLY A 33 10.24 1.97 -8.91
CA GLY A 33 11.60 1.98 -8.39
C GLY A 33 12.07 3.38 -8.05
N ALA A 34 13.04 3.48 -7.14
CA ALA A 34 13.59 4.76 -6.74
C ALA A 34 14.33 5.43 -7.89
N PRO A 35 14.53 6.75 -7.79
CA PRO A 35 15.23 7.53 -8.81
C PRO A 35 16.72 7.23 -8.85
N ALA A 36 17.24 6.70 -7.74
CA ALA A 36 18.65 6.36 -7.65
C ALA A 36 18.95 5.56 -6.39
N CYS A 37 19.89 4.64 -6.48
CA CYS A 37 20.26 3.80 -5.34
C CYS A 37 19.09 2.96 -4.87
N GLY A 38 19.09 1.69 -5.24
CA GLY A 38 18.02 0.79 -4.86
C GLY A 38 16.70 1.14 -5.51
N ASP A 39 15.95 0.13 -5.93
CA ASP A 39 14.66 0.34 -6.58
C ASP A 39 13.91 -0.99 -6.72
N VAL A 40 13.15 -1.32 -5.70
CA VAL A 40 12.36 -2.55 -5.70
C VAL A 40 11.12 -2.43 -4.83
N MET A 41 10.47 -1.28 -4.89
CA MET A 41 9.27 -1.03 -4.10
C MET A 41 8.03 -1.57 -4.82
N LYS A 42 7.45 -2.62 -4.25
CA LYS A 42 6.25 -3.23 -4.84
C LYS A 42 5.03 -2.99 -3.95
N LEU A 43 4.20 -2.05 -4.35
CA LEU A 43 2.99 -1.72 -3.59
C LEU A 43 1.75 -2.28 -4.28
N GLN A 44 1.08 -3.22 -3.61
CA GLN A 44 -0.12 -3.83 -4.14
C GLN A 44 -1.35 -3.45 -3.32
N ILE A 45 -2.48 -3.27 -4.00
CA ILE A 45 -3.72 -2.90 -3.32
C ILE A 45 -4.80 -3.96 -3.56
N LYS A 46 -5.83 -3.94 -2.71
CA LYS A 46 -6.92 -4.89 -2.83
C LYS A 46 -8.25 -4.16 -2.98
N VAL A 47 -8.97 -4.47 -4.05
CA VAL A 47 -10.27 -3.84 -4.31
C VAL A 47 -11.40 -4.86 -4.18
N ASN A 48 -12.55 -4.40 -3.68
CA ASN A 48 -13.70 -5.26 -3.51
C ASN A 48 -14.71 -5.05 -4.62
N ASP A 49 -15.77 -5.84 -4.61
CA ASP A 49 -16.82 -5.74 -5.63
C ASP A 49 -17.38 -4.33 -5.68
N GLU A 50 -17.27 -3.61 -4.57
CA GLU A 50 -17.77 -2.24 -4.48
C GLU A 50 -16.85 -1.27 -5.21
N GLY A 51 -15.57 -1.63 -5.27
CA GLY A 51 -14.59 -0.79 -5.95
C GLY A 51 -13.83 0.10 -4.98
N ILE A 52 -13.65 -0.39 -3.76
CA ILE A 52 -12.93 0.36 -2.73
C ILE A 52 -11.75 -0.43 -2.20
N ILE A 53 -10.70 0.28 -1.78
CA ILE A 53 -9.52 -0.36 -1.24
C ILE A 53 -9.80 -1.02 0.11
N GLU A 54 -9.79 -2.36 0.12
CA GLU A 54 -10.05 -3.11 1.34
C GLU A 54 -8.76 -3.47 2.05
N ASP A 55 -7.72 -3.77 1.26
CA ASP A 55 -6.43 -4.14 1.81
C ASP A 55 -5.30 -3.40 1.09
N ALA A 56 -4.08 -3.55 1.59
CA ALA A 56 -2.92 -2.90 0.98
C ALA A 56 -1.63 -3.64 1.34
N ARG A 57 -0.59 -3.41 0.54
CA ARG A 57 0.70 -4.06 0.77
C ARG A 57 1.84 -3.19 0.26
N PHE A 58 2.97 -3.23 0.95
CA PHE A 58 4.14 -2.45 0.57
C PHE A 58 5.40 -2.98 1.25
N LYS A 59 6.55 -2.56 0.74
CA LYS A 59 7.82 -2.99 1.30
C LYS A 59 7.88 -2.74 2.81
N THR A 60 8.86 -3.33 3.48
CA THR A 60 9.02 -3.17 4.92
C THR A 60 7.82 -3.74 5.66
N TYR A 61 7.93 -3.80 6.98
CA TYR A 61 6.85 -4.33 7.81
C TYR A 61 6.21 -3.23 8.65
N GLY A 62 4.90 -3.33 8.87
CA GLY A 62 4.19 -2.34 9.64
C GLY A 62 4.42 -2.49 11.13
N CYS A 63 3.40 -2.98 11.83
CA CYS A 63 3.50 -3.19 13.28
C CYS A 63 3.92 -4.62 13.60
N GLY A 64 5.22 -4.83 13.74
CA GLY A 64 5.74 -6.15 14.05
C GLY A 64 6.82 -6.12 15.12
N SER A 65 7.94 -6.78 14.83
CA SER A 65 9.04 -6.83 15.78
C SER A 65 9.64 -5.45 16.01
N ALA A 66 9.60 -4.62 14.96
CA ALA A 66 10.13 -3.27 15.04
C ALA A 66 9.27 -2.29 14.25
N ILE A 67 9.35 -1.01 14.61
CA ILE A 67 8.57 0.02 13.93
C ILE A 67 9.48 1.06 13.28
N ALA A 68 9.49 1.08 11.95
CA ALA A 68 10.31 2.03 11.21
C ALA A 68 9.47 3.13 10.58
N SER A 69 10.12 4.18 10.10
CA SER A 69 9.42 5.29 9.47
C SER A 69 9.17 5.02 7.99
N SER A 70 8.19 4.15 7.71
CA SER A 70 7.84 3.79 6.34
C SER A 70 6.55 2.99 6.30
N SER A 71 6.23 2.46 5.12
CA SER A 71 5.02 1.68 4.94
C SER A 71 3.80 2.44 5.46
N LEU A 72 3.79 3.75 5.25
CA LEU A 72 2.69 4.60 5.68
C LEU A 72 1.58 4.61 4.65
N VAL A 73 1.94 4.83 3.40
CA VAL A 73 0.98 4.86 2.31
C VAL A 73 0.08 3.62 2.33
N THR A 74 0.66 2.49 2.68
CA THR A 74 -0.08 1.24 2.74
C THR A 74 -1.34 1.38 3.60
N GLU A 75 -1.30 2.31 4.54
CA GLU A 75 -2.43 2.55 5.42
C GLU A 75 -3.32 3.67 4.88
N TRP A 76 -2.72 4.58 4.13
CA TRP A 76 -3.45 5.70 3.56
C TRP A 76 -4.41 5.23 2.47
N VAL A 77 -4.16 4.02 1.95
CA VAL A 77 -5.00 3.45 0.91
C VAL A 77 -6.03 2.49 1.51
N LYS A 78 -5.61 1.75 2.53
CA LYS A 78 -6.50 0.79 3.19
C LYS A 78 -7.71 1.49 3.80
N GLY A 79 -8.84 1.44 3.09
CA GLY A 79 -10.05 2.06 3.58
C GLY A 79 -10.46 3.26 2.73
N LYS A 80 -9.60 3.64 1.79
CA LYS A 80 -9.87 4.77 0.92
C LYS A 80 -10.11 4.30 -0.51
N SER A 81 -11.15 4.86 -1.14
CA SER A 81 -11.48 4.49 -2.51
C SER A 81 -10.33 4.82 -3.46
N LEU A 82 -10.21 4.04 -4.52
CA LEU A 82 -9.15 4.24 -5.52
C LEU A 82 -9.05 5.70 -5.91
N ASP A 83 -10.21 6.32 -6.14
CA ASP A 83 -10.26 7.74 -6.53
C ASP A 83 -9.51 8.60 -5.52
N GLU A 84 -9.70 8.30 -4.24
CA GLU A 84 -9.05 9.06 -3.17
C GLU A 84 -7.55 8.84 -3.20
N ALA A 85 -7.13 7.59 -3.35
CA ALA A 85 -5.72 7.25 -3.39
C ALA A 85 -5.02 7.96 -4.55
N GLN A 86 -5.76 8.20 -5.62
CA GLN A 86 -5.21 8.87 -6.80
C GLN A 86 -5.07 10.37 -6.55
N ALA A 87 -5.91 10.90 -5.67
CA ALA A 87 -5.88 12.32 -5.34
C ALA A 87 -4.88 12.60 -4.22
N ILE A 88 -4.07 11.61 -3.88
CA ILE A 88 -3.08 11.75 -2.82
C ILE A 88 -1.97 12.70 -3.25
N LYS A 89 -1.46 13.47 -2.29
CA LYS A 89 -0.39 14.43 -2.57
C LYS A 89 0.96 13.89 -2.11
N ASN A 90 1.95 13.98 -2.98
CA ASN A 90 3.29 13.49 -2.66
C ASN A 90 3.83 14.17 -1.41
N THR A 91 3.83 15.50 -1.40
CA THR A 91 4.31 16.27 -0.26
C THR A 91 3.61 15.85 1.02
N ASP A 92 2.40 15.32 0.88
CA ASP A 92 1.62 14.88 2.04
C ASP A 92 2.36 13.80 2.81
N ILE A 93 2.72 12.72 2.12
CA ILE A 93 3.44 11.62 2.74
C ILE A 93 4.82 12.05 3.21
N ALA A 94 5.34 13.11 2.61
CA ALA A 94 6.65 13.64 2.97
C ALA A 94 6.57 14.51 4.21
N GLU A 95 5.45 15.21 4.37
CA GLU A 95 5.26 16.08 5.53
C GLU A 95 4.71 15.29 6.71
N GLU A 96 3.86 14.31 6.42
CA GLU A 96 3.27 13.48 7.47
C GLU A 96 4.32 12.59 8.12
N LEU A 97 5.22 12.06 7.30
CA LEU A 97 6.28 11.18 7.81
C LEU A 97 7.50 11.99 8.22
N GLU A 98 7.60 13.21 7.70
CA GLU A 98 8.73 14.08 8.02
C GLU A 98 10.06 13.43 7.64
N LEU A 99 10.50 13.69 6.42
CA LEU A 99 11.75 13.12 5.93
C LEU A 99 12.63 14.20 5.32
N PRO A 100 13.94 13.91 5.21
CA PRO A 100 14.92 14.85 4.65
C PRO A 100 14.73 15.04 3.15
N PRO A 101 15.42 16.05 2.59
CA PRO A 101 15.35 16.36 1.15
C PRO A 101 16.03 15.31 0.30
N VAL A 102 17.03 14.63 0.87
CA VAL A 102 17.76 13.59 0.16
C VAL A 102 16.92 12.33 0.02
N LYS A 103 16.11 12.05 1.03
CA LYS A 103 15.24 10.87 1.01
C LYS A 103 13.80 11.25 0.71
N ILE A 104 13.61 12.45 0.16
CA ILE A 104 12.29 12.94 -0.20
C ILE A 104 11.71 12.15 -1.37
N HIS A 105 12.59 11.59 -2.19
CA HIS A 105 12.16 10.81 -3.34
C HIS A 105 11.22 9.68 -2.93
N CYS A 106 11.42 9.17 -1.72
CA CYS A 106 10.59 8.09 -1.20
C CYS A 106 9.14 8.54 -1.06
N SER A 107 8.93 9.85 -1.04
CA SER A 107 7.60 10.41 -0.91
C SER A 107 6.93 10.57 -2.28
N ILE A 108 7.74 10.52 -3.32
CA ILE A 108 7.24 10.65 -4.69
C ILE A 108 6.81 9.29 -5.24
N LEU A 109 7.67 8.29 -5.08
CA LEU A 109 7.38 6.95 -5.57
C LEU A 109 6.01 6.47 -5.08
N ALA A 110 5.61 6.94 -3.91
CA ALA A 110 4.33 6.57 -3.34
C ALA A 110 3.19 6.78 -4.34
N GLU A 111 3.03 8.02 -4.78
CA GLU A 111 1.99 8.36 -5.74
C GLU A 111 2.03 7.42 -6.95
N ASP A 112 3.21 7.32 -7.57
CA ASP A 112 3.39 6.46 -8.73
C ASP A 112 2.89 5.05 -8.44
N ALA A 113 3.32 4.49 -7.32
CA ALA A 113 2.90 3.15 -6.93
C ALA A 113 1.39 3.05 -6.81
N ILE A 114 0.74 4.18 -6.54
CA ILE A 114 -0.70 4.22 -6.40
C ILE A 114 -1.39 4.26 -7.76
N LYS A 115 -0.81 5.03 -8.69
CA LYS A 115 -1.36 5.14 -10.04
C LYS A 115 -1.13 3.86 -10.83
N ALA A 116 -0.18 3.05 -10.38
CA ALA A 116 0.14 1.80 -11.04
C ALA A 116 -0.80 0.69 -10.61
N ALA A 117 -0.81 0.40 -9.31
CA ALA A 117 -1.67 -0.65 -8.77
C ALA A 117 -3.13 -0.40 -9.12
N ILE A 118 -3.61 0.81 -8.82
CA ILE A 118 -4.99 1.18 -9.11
C ILE A 118 -5.30 1.02 -10.59
N ALA A 119 -4.62 1.78 -11.43
CA ALA A 119 -4.83 1.71 -12.87
C ALA A 119 -4.68 0.28 -13.38
N ASP A 120 -3.94 -0.54 -12.64
CA ASP A 120 -3.73 -1.93 -13.02
C ASP A 120 -4.94 -2.78 -12.68
N TYR A 121 -5.65 -2.40 -11.62
CA TYR A 121 -6.84 -3.13 -11.20
C TYR A 121 -8.00 -2.89 -12.16
N LYS A 122 -8.38 -1.63 -12.31
CA LYS A 122 -9.48 -1.28 -13.21
C LYS A 122 -9.16 -1.68 -14.64
N SER A 123 -7.89 -1.92 -14.92
CA SER A 123 -7.45 -2.31 -16.25
C SER A 123 -7.62 -3.82 -16.45
N LYS A 124 -7.41 -4.58 -15.39
CA LYS A 124 -7.53 -6.03 -15.45
C LYS A 124 -8.97 -6.46 -15.17
N ARG A 125 -9.75 -5.55 -14.60
CA ARG A 125 -11.15 -5.85 -14.28
C ARG A 125 -12.08 -5.10 -15.22
N GLU A 126 -11.53 -4.57 -16.31
CA GLU A 126 -12.31 -3.83 -17.29
C GLU A 126 -12.80 -4.76 -18.40
N ALA A 127 -12.74 -6.06 -18.14
CA ALA A 127 -13.18 -7.05 -19.12
C ALA A 127 -14.69 -7.23 -19.09
N LYS A 128 -15.35 -6.89 -20.18
CA LYS A 128 -16.80 -7.01 -20.27
C LYS A 128 -17.22 -7.55 -21.63
N MET A 1 -42.97 -39.24 17.88
CA MET A 1 -42.52 -37.86 17.83
C MET A 1 -41.00 -37.77 18.04
N ALA A 2 -40.30 -37.26 17.05
CA ALA A 2 -38.84 -37.13 17.13
C ALA A 2 -38.40 -35.72 16.75
N TYR A 3 -37.36 -35.24 17.41
CA TYR A 3 -36.84 -33.90 17.15
C TYR A 3 -35.35 -33.82 17.44
N SER A 4 -34.61 -33.14 16.57
CA SER A 4 -33.17 -33.00 16.73
C SER A 4 -32.63 -31.86 15.87
N GLU A 5 -31.42 -31.42 16.17
CA GLU A 5 -30.79 -30.33 15.42
C GLU A 5 -29.27 -30.43 15.50
N LYS A 6 -28.60 -29.97 14.44
CA LYS A 6 -27.15 -30.00 14.39
C LYS A 6 -26.62 -28.98 13.38
N VAL A 7 -25.79 -28.06 13.86
CA VAL A 7 -25.21 -27.02 13.01
C VAL A 7 -23.84 -26.61 13.51
N ILE A 8 -22.90 -26.44 12.58
CA ILE A 8 -21.54 -26.03 12.94
C ILE A 8 -21.34 -24.54 12.72
N ASP A 9 -20.45 -23.94 13.50
CA ASP A 9 -20.17 -22.52 13.39
C ASP A 9 -18.82 -22.19 14.01
N HIS A 10 -18.21 -21.09 13.57
CA HIS A 10 -16.92 -20.67 14.08
C HIS A 10 -16.69 -19.18 13.81
N TYR A 11 -15.68 -18.62 14.46
CA TYR A 11 -15.36 -17.21 14.30
C TYR A 11 -13.86 -16.97 14.44
N GLU A 12 -13.21 -16.66 13.32
CA GLU A 12 -11.77 -16.41 13.31
C GLU A 12 -11.30 -15.98 11.92
N ASN A 13 -11.23 -14.67 11.71
CA ASN A 13 -10.81 -14.13 10.42
C ASN A 13 -10.41 -12.66 10.55
N PRO A 14 -9.25 -12.41 11.18
CA PRO A 14 -8.74 -11.05 11.39
C PRO A 14 -8.29 -10.41 10.09
N ARG A 15 -8.41 -9.08 10.01
CA ARG A 15 -8.02 -8.34 8.82
C ARG A 15 -7.13 -7.15 9.20
N ASN A 16 -6.73 -6.38 8.19
CA ASN A 16 -5.89 -5.21 8.41
C ASN A 16 -4.56 -5.62 9.03
N VAL A 17 -3.98 -6.70 8.53
CA VAL A 17 -2.70 -7.19 9.04
C VAL A 17 -1.53 -6.51 8.33
N GLY A 18 -1.46 -6.69 7.01
CA GLY A 18 -0.40 -6.10 6.24
C GLY A 18 -0.20 -6.78 4.90
N SER A 19 -0.26 -8.11 4.90
CA SER A 19 -0.09 -8.89 3.67
C SER A 19 -1.03 -10.09 3.66
N PHE A 20 -1.82 -10.19 2.58
CA PHE A 20 -2.76 -11.30 2.44
C PHE A 20 -2.19 -12.39 1.56
N ASP A 21 -2.69 -13.60 1.72
CA ASP A 21 -2.23 -14.75 0.94
C ASP A 21 -3.00 -14.85 -0.37
N ASN A 22 -2.41 -15.53 -1.35
CA ASN A 22 -3.04 -15.70 -2.66
C ASN A 22 -3.28 -14.35 -3.32
N ASN A 23 -3.78 -14.39 -4.55
CA ASN A 23 -4.06 -13.18 -5.30
C ASN A 23 -5.43 -13.24 -5.97
N ASP A 24 -6.32 -12.34 -5.56
CA ASP A 24 -7.66 -12.30 -6.12
C ASP A 24 -7.66 -11.69 -7.52
N GLU A 25 -8.84 -11.40 -8.05
CA GLU A 25 -8.96 -10.82 -9.38
C GLU A 25 -9.33 -9.35 -9.29
N ASN A 26 -9.69 -8.89 -8.10
CA ASN A 26 -10.06 -7.50 -7.88
C ASN A 26 -8.96 -6.75 -7.14
N VAL A 27 -7.77 -7.35 -7.08
CA VAL A 27 -6.64 -6.74 -6.40
C VAL A 27 -5.68 -6.10 -7.39
N GLY A 28 -5.19 -4.90 -7.06
CA GLY A 28 -4.27 -4.21 -7.94
C GLY A 28 -2.82 -4.56 -7.64
N SER A 29 -2.02 -4.67 -8.69
CA SER A 29 -0.61 -5.01 -8.54
C SER A 29 0.28 -3.79 -8.83
N GLY A 30 1.23 -3.54 -7.94
CA GLY A 30 2.12 -2.41 -8.10
C GLY A 30 3.49 -2.67 -7.51
N MET A 31 4.52 -2.14 -8.18
CA MET A 31 5.90 -2.31 -7.71
C MET A 31 6.74 -1.08 -8.03
N VAL A 32 7.17 -0.38 -6.98
CA VAL A 32 7.98 0.81 -7.14
C VAL A 32 9.32 0.67 -6.43
N GLY A 33 10.41 0.83 -7.19
CA GLY A 33 11.73 0.71 -6.62
C GLY A 33 12.29 2.05 -6.17
N ALA A 34 13.29 2.01 -5.29
CA ALA A 34 13.90 3.23 -4.78
C ALA A 34 14.63 3.98 -5.89
N PRO A 35 14.88 5.28 -5.66
CA PRO A 35 15.57 6.13 -6.63
C PRO A 35 17.05 5.78 -6.78
N ALA A 36 17.56 5.00 -5.81
CA ALA A 36 18.95 4.58 -5.83
C ALA A 36 19.07 3.07 -5.96
N CYS A 37 18.04 2.44 -6.52
CA CYS A 37 18.03 1.00 -6.70
C CYS A 37 18.36 0.28 -5.39
N GLY A 38 18.57 -1.03 -5.48
CA GLY A 38 18.89 -1.81 -4.29
C GLY A 38 17.76 -1.77 -3.27
N ASP A 39 16.53 -1.69 -3.75
CA ASP A 39 15.37 -1.65 -2.87
C ASP A 39 14.07 -1.58 -3.69
N VAL A 40 13.14 -2.47 -3.38
CA VAL A 40 11.86 -2.51 -4.07
C VAL A 40 10.70 -2.43 -3.09
N MET A 41 9.67 -1.65 -3.46
CA MET A 41 8.50 -1.50 -2.61
C MET A 41 7.23 -1.86 -3.36
N LYS A 42 6.61 -2.97 -2.97
CA LYS A 42 5.38 -3.42 -3.61
C LYS A 42 4.16 -2.88 -2.89
N LEU A 43 3.09 -2.62 -3.65
CA LEU A 43 1.86 -2.10 -3.08
C LEU A 43 0.64 -2.62 -3.84
N GLN A 44 -0.25 -3.30 -3.12
CA GLN A 44 -1.46 -3.85 -3.73
C GLN A 44 -2.70 -3.45 -2.95
N ILE A 45 -3.76 -3.12 -3.66
CA ILE A 45 -5.02 -2.71 -3.03
C ILE A 45 -6.16 -3.65 -3.42
N LYS A 46 -7.28 -3.53 -2.72
CA LYS A 46 -8.45 -4.35 -2.99
C LYS A 46 -9.61 -3.51 -3.50
N VAL A 47 -10.30 -4.00 -4.52
CA VAL A 47 -11.44 -3.30 -5.10
C VAL A 47 -12.66 -4.19 -5.16
N ASN A 48 -13.84 -3.61 -4.94
CA ASN A 48 -15.09 -4.35 -4.97
C ASN A 48 -15.75 -4.24 -6.35
N ASP A 49 -16.99 -4.69 -6.44
CA ASP A 49 -17.73 -4.64 -7.70
C ASP A 49 -18.18 -3.21 -8.00
N GLU A 50 -18.07 -2.34 -7.01
CA GLU A 50 -18.46 -0.94 -7.18
C GLU A 50 -17.27 -0.10 -7.64
N GLY A 51 -16.10 -0.73 -7.72
CA GLY A 51 -14.92 -0.02 -8.14
C GLY A 51 -14.37 0.91 -7.06
N ILE A 52 -14.48 0.48 -5.81
CA ILE A 52 -14.00 1.27 -4.68
C ILE A 52 -12.98 0.50 -3.86
N ILE A 53 -12.08 1.23 -3.21
CA ILE A 53 -11.05 0.61 -2.38
C ILE A 53 -11.63 0.15 -1.05
N GLU A 54 -11.64 -1.17 -0.84
CA GLU A 54 -12.17 -1.74 0.39
C GLU A 54 -11.04 -2.13 1.33
N ASP A 55 -9.91 -2.56 0.76
CA ASP A 55 -8.76 -2.96 1.55
C ASP A 55 -7.46 -2.50 0.89
N ALA A 56 -6.34 -2.67 1.59
CA ALA A 56 -5.05 -2.28 1.07
C ALA A 56 -3.93 -3.08 1.72
N ARG A 57 -2.81 -3.22 1.01
CA ARG A 57 -1.66 -3.96 1.53
C ARG A 57 -0.37 -3.48 0.88
N PHE A 58 0.73 -3.61 1.61
CA PHE A 58 2.04 -3.20 1.10
C PHE A 58 3.14 -4.16 1.55
N LYS A 59 4.33 -3.97 1.02
CA LYS A 59 5.47 -4.82 1.36
C LYS A 59 6.78 -4.07 1.21
N THR A 60 7.71 -4.32 2.13
CA THR A 60 9.01 -3.65 2.10
C THR A 60 10.02 -4.40 2.96
N TYR A 61 11.30 -4.10 2.75
CA TYR A 61 12.37 -4.75 3.50
C TYR A 61 12.99 -3.78 4.52
N GLY A 62 13.46 -4.32 5.63
CA GLY A 62 14.07 -3.50 6.65
C GLY A 62 14.90 -4.29 7.63
N CYS A 63 14.40 -4.44 8.85
CA CYS A 63 15.12 -5.20 9.88
C CYS A 63 16.45 -4.53 10.21
N GLY A 64 17.09 -5.00 11.27
CA GLY A 64 18.37 -4.45 11.68
C GLY A 64 18.22 -3.24 12.58
N SER A 65 18.79 -2.11 12.15
CA SER A 65 18.71 -0.88 12.93
C SER A 65 17.96 0.20 12.15
N ALA A 66 16.98 -0.21 11.36
CA ALA A 66 16.19 0.72 10.57
C ALA A 66 14.77 0.83 11.10
N ILE A 67 14.30 2.06 11.29
CA ILE A 67 12.95 2.29 11.79
C ILE A 67 12.06 2.93 10.72
N ALA A 68 12.24 2.49 9.48
CA ALA A 68 11.45 3.01 8.37
C ALA A 68 10.30 2.07 8.02
N SER A 69 9.26 2.08 8.85
CA SER A 69 8.11 1.22 8.64
C SER A 69 6.82 1.99 8.88
N SER A 70 6.17 2.42 7.80
CA SER A 70 4.92 3.17 7.89
C SER A 70 3.85 2.54 7.02
N SER A 71 2.59 2.71 7.42
CA SER A 71 1.48 2.15 6.67
C SER A 71 0.37 3.19 6.50
N LEU A 72 0.76 4.46 6.49
CA LEU A 72 -0.20 5.56 6.33
C LEU A 72 -0.94 5.44 5.01
N VAL A 73 -0.20 5.49 3.91
CA VAL A 73 -0.79 5.39 2.58
C VAL A 73 -1.69 4.17 2.48
N THR A 74 -1.17 3.02 2.86
CA THR A 74 -1.93 1.77 2.81
C THR A 74 -3.23 1.89 3.59
N GLU A 75 -3.28 2.83 4.52
CA GLU A 75 -4.47 3.05 5.33
C GLU A 75 -5.34 4.14 4.74
N TRP A 76 -4.72 5.05 4.00
CA TRP A 76 -5.44 6.16 3.38
C TRP A 76 -6.43 5.64 2.34
N VAL A 77 -5.93 4.85 1.39
CA VAL A 77 -6.76 4.29 0.33
C VAL A 77 -7.95 3.54 0.92
N LYS A 78 -7.74 2.92 2.08
CA LYS A 78 -8.81 2.17 2.74
C LYS A 78 -10.04 3.03 2.94
N GLY A 79 -11.18 2.56 2.44
CA GLY A 79 -12.42 3.30 2.57
C GLY A 79 -12.56 4.38 1.52
N LYS A 80 -11.54 4.53 0.68
CA LYS A 80 -11.55 5.53 -0.38
C LYS A 80 -11.83 4.89 -1.73
N SER A 81 -11.83 5.70 -2.78
CA SER A 81 -12.08 5.21 -4.13
C SER A 81 -10.78 5.21 -4.95
N LEU A 82 -10.71 4.28 -5.90
CA LEU A 82 -9.53 4.17 -6.75
C LEU A 82 -9.18 5.50 -7.39
N ASP A 83 -10.22 6.28 -7.72
CA ASP A 83 -10.03 7.59 -8.33
C ASP A 83 -9.64 8.63 -7.28
N GLU A 84 -10.07 8.39 -6.04
CA GLU A 84 -9.78 9.32 -4.95
C GLU A 84 -8.35 9.14 -4.45
N ALA A 85 -7.95 7.90 -4.24
CA ALA A 85 -6.60 7.59 -3.76
C ALA A 85 -5.57 7.88 -4.84
N GLN A 86 -6.05 8.17 -6.06
CA GLN A 86 -5.15 8.46 -7.18
C GLN A 86 -4.77 9.94 -7.19
N ALA A 87 -5.43 10.73 -6.35
CA ALA A 87 -5.16 12.16 -6.26
C ALA A 87 -4.19 12.47 -5.12
N ILE A 88 -3.82 11.43 -4.37
CA ILE A 88 -2.90 11.59 -3.26
C ILE A 88 -1.64 12.34 -3.69
N LYS A 89 -1.05 13.09 -2.75
CA LYS A 89 0.15 13.85 -3.03
C LYS A 89 1.26 13.49 -2.05
N ASN A 90 2.46 13.25 -2.58
CA ASN A 90 3.60 12.90 -1.75
C ASN A 90 3.78 13.90 -0.60
N THR A 91 3.69 15.18 -0.93
CA THR A 91 3.83 16.22 0.07
C THR A 91 3.03 15.91 1.33
N ASP A 92 1.87 15.29 1.14
CA ASP A 92 1.00 14.92 2.26
C ASP A 92 1.68 13.89 3.15
N ILE A 93 1.97 12.72 2.60
CA ILE A 93 2.61 11.65 3.34
C ILE A 93 3.98 12.09 3.85
N ALA A 94 4.55 13.09 3.20
CA ALA A 94 5.86 13.61 3.59
C ALA A 94 5.74 14.58 4.76
N GLU A 95 4.65 15.33 4.79
CA GLU A 95 4.42 16.30 5.85
C GLU A 95 3.76 15.63 7.06
N GLU A 96 3.00 14.58 6.80
CA GLU A 96 2.31 13.86 7.87
C GLU A 96 3.28 12.92 8.60
N LEU A 97 4.20 12.32 7.85
CA LEU A 97 5.18 11.40 8.42
C LEU A 97 6.32 12.18 9.09
N GLU A 98 6.51 13.42 8.66
CA GLU A 98 7.57 14.26 9.20
C GLU A 98 8.95 13.67 8.91
N LEU A 99 9.66 14.29 7.98
CA LEU A 99 10.99 13.82 7.60
C LEU A 99 11.71 14.86 6.75
N PRO A 100 13.05 14.76 6.70
CA PRO A 100 13.87 15.69 5.92
C PRO A 100 13.71 15.49 4.41
N PRO A 101 14.21 16.46 3.63
CA PRO A 101 14.13 16.40 2.17
C PRO A 101 15.03 15.32 1.58
N VAL A 102 16.00 14.86 2.36
CA VAL A 102 16.93 13.83 1.92
C VAL A 102 16.22 12.49 1.76
N LYS A 103 15.43 12.12 2.76
CA LYS A 103 14.69 10.86 2.73
C LYS A 103 13.29 11.07 2.18
N ILE A 104 13.07 12.21 1.54
CA ILE A 104 11.76 12.53 0.97
C ILE A 104 11.37 11.51 -0.09
N HIS A 105 12.36 10.79 -0.60
CA HIS A 105 12.10 9.77 -1.62
C HIS A 105 11.02 8.80 -1.18
N CYS A 106 11.08 8.40 0.09
CA CYS A 106 10.09 7.47 0.65
C CYS A 106 8.68 8.03 0.50
N SER A 107 8.58 9.34 0.36
CA SER A 107 7.28 10.00 0.22
C SER A 107 6.89 10.10 -1.25
N ILE A 108 7.87 9.96 -2.13
CA ILE A 108 7.62 10.03 -3.57
C ILE A 108 7.20 8.67 -4.13
N LEU A 109 8.03 7.66 -3.88
CA LEU A 109 7.76 6.31 -4.36
C LEU A 109 6.34 5.89 -3.99
N ALA A 110 5.89 6.29 -2.81
CA ALA A 110 4.55 5.95 -2.35
C ALA A 110 3.50 6.32 -3.38
N GLU A 111 3.57 7.55 -3.89
CA GLU A 111 2.62 8.03 -4.89
C GLU A 111 2.56 7.06 -6.07
N ASP A 112 3.69 6.84 -6.71
CA ASP A 112 3.77 5.94 -7.86
C ASP A 112 3.16 4.59 -7.52
N ALA A 113 3.46 4.09 -6.33
CA ALA A 113 2.94 2.80 -5.88
C ALA A 113 1.42 2.84 -5.70
N ILE A 114 0.90 4.04 -5.43
CA ILE A 114 -0.53 4.21 -5.24
C ILE A 114 -1.27 4.19 -6.58
N LYS A 115 -0.77 4.96 -7.54
CA LYS A 115 -1.38 5.02 -8.86
C LYS A 115 -1.06 3.76 -9.66
N ALA A 116 -0.03 3.04 -9.25
CA ALA A 116 0.38 1.81 -9.93
C ALA A 116 -0.64 0.70 -9.70
N ALA A 117 -0.88 0.37 -8.44
CA ALA A 117 -1.83 -0.67 -8.08
C ALA A 117 -3.22 -0.37 -8.65
N ILE A 118 -3.63 0.89 -8.56
CA ILE A 118 -4.93 1.32 -9.06
C ILE A 118 -5.07 1.01 -10.55
N ALA A 119 -4.26 1.68 -11.36
CA ALA A 119 -4.29 1.48 -12.80
C ALA A 119 -4.13 0.00 -13.15
N ASP A 120 -3.50 -0.75 -12.25
CA ASP A 120 -3.28 -2.18 -12.48
C ASP A 120 -4.59 -2.95 -12.37
N TYR A 121 -5.46 -2.52 -11.46
CA TYR A 121 -6.74 -3.17 -11.25
C TYR A 121 -7.62 -3.04 -12.49
N LYS A 122 -7.94 -1.80 -12.86
CA LYS A 122 -8.76 -1.54 -14.03
C LYS A 122 -8.12 -2.08 -15.30
N SER A 123 -6.81 -2.32 -15.23
CA SER A 123 -6.06 -2.84 -16.37
C SER A 123 -6.20 -4.35 -16.46
N LYS A 124 -6.07 -5.03 -15.32
CA LYS A 124 -6.17 -6.48 -15.27
C LYS A 124 -7.60 -6.93 -15.51
N ARG A 125 -8.54 -6.00 -15.36
CA ARG A 125 -9.96 -6.31 -15.56
C ARG A 125 -10.21 -6.74 -17.01
N GLU A 126 -9.61 -6.02 -17.95
CA GLU A 126 -9.78 -6.33 -19.37
C GLU A 126 -8.76 -7.37 -19.82
N ALA A 127 -8.01 -7.91 -18.87
CA ALA A 127 -7.00 -8.92 -19.17
C ALA A 127 -7.63 -10.17 -19.76
N LYS A 128 -7.67 -10.24 -21.08
CA LYS A 128 -8.25 -11.38 -21.78
C LYS A 128 -7.20 -12.46 -22.04
N MET A 1 16.37 23.59 19.86
CA MET A 1 17.07 22.92 20.96
C MET A 1 16.11 22.08 21.78
N ALA A 2 16.31 20.76 21.74
CA ALA A 2 15.46 19.84 22.48
C ALA A 2 15.93 18.40 22.31
N TYR A 3 16.28 18.05 21.08
CA TYR A 3 16.75 16.70 20.77
C TYR A 3 15.67 15.67 21.08
N SER A 4 16.03 14.39 21.00
CA SER A 4 15.09 13.30 21.27
C SER A 4 15.83 12.03 21.63
N GLU A 5 15.12 11.08 22.24
CA GLU A 5 15.71 9.81 22.64
C GLU A 5 14.88 8.64 22.12
N LYS A 6 15.47 7.46 22.15
CA LYS A 6 14.80 6.24 21.68
C LYS A 6 13.59 5.92 22.56
N VAL A 7 12.43 5.74 21.93
CA VAL A 7 11.21 5.43 22.66
C VAL A 7 10.88 3.94 22.57
N ILE A 8 10.35 3.39 23.66
CA ILE A 8 10.00 1.99 23.71
C ILE A 8 8.86 1.66 22.75
N ASP A 9 9.00 0.55 22.03
CA ASP A 9 7.97 0.14 21.07
C ASP A 9 8.21 -1.29 20.62
N HIS A 10 7.46 -1.72 19.61
CA HIS A 10 7.60 -3.07 19.07
C HIS A 10 7.29 -4.10 20.15
N TYR A 11 6.04 -4.55 20.20
CA TYR A 11 5.63 -5.54 21.19
C TYR A 11 5.07 -6.80 20.50
N GLU A 12 4.61 -7.74 21.30
CA GLU A 12 4.06 -8.98 20.78
C GLU A 12 2.75 -8.73 20.04
N ASN A 13 2.83 -8.58 18.73
CA ASN A 13 1.66 -8.34 17.90
C ASN A 13 1.98 -8.51 16.42
N PRO A 14 2.22 -9.76 16.01
CA PRO A 14 2.54 -10.09 14.61
C PRO A 14 1.36 -9.90 13.68
N ARG A 15 1.09 -8.65 13.32
CA ARG A 15 -0.03 -8.33 12.42
C ARG A 15 0.41 -7.33 11.36
N ASN A 16 -0.51 -7.02 10.44
CA ASN A 16 -0.23 -6.09 9.36
C ASN A 16 0.94 -6.58 8.51
N VAL A 17 0.87 -7.84 8.09
CA VAL A 17 1.91 -8.43 7.26
C VAL A 17 2.11 -7.65 5.97
N GLY A 18 0.99 -7.29 5.33
CA GLY A 18 1.06 -6.54 4.09
C GLY A 18 1.50 -7.39 2.92
N SER A 19 1.33 -8.70 3.04
CA SER A 19 1.72 -9.63 1.98
C SER A 19 0.52 -10.46 1.52
N PHE A 20 0.18 -10.32 0.24
CA PHE A 20 -0.94 -11.04 -0.34
C PHE A 20 -0.77 -12.55 -0.16
N ASP A 21 -1.88 -13.26 -0.04
CA ASP A 21 -1.85 -14.70 0.13
C ASP A 21 -2.42 -15.41 -1.10
N ASN A 22 -3.30 -14.74 -1.81
CA ASN A 22 -3.92 -15.30 -3.01
C ASN A 22 -4.25 -14.20 -4.02
N ASN A 23 -3.53 -14.21 -5.14
CA ASN A 23 -3.74 -13.21 -6.19
C ASN A 23 -5.20 -13.21 -6.64
N ASP A 24 -5.93 -12.17 -6.29
CA ASP A 24 -7.34 -12.04 -6.66
C ASP A 24 -7.47 -11.38 -8.03
N GLU A 25 -8.70 -11.03 -8.38
CA GLU A 25 -8.98 -10.39 -9.67
C GLU A 25 -9.26 -8.90 -9.49
N ASN A 26 -9.42 -8.48 -8.25
CA ASN A 26 -9.70 -7.08 -7.94
C ASN A 26 -8.48 -6.41 -7.30
N VAL A 27 -7.35 -7.10 -7.36
CA VAL A 27 -6.11 -6.56 -6.80
C VAL A 27 -5.32 -5.77 -7.84
N GLY A 28 -4.78 -4.63 -7.41
CA GLY A 28 -4.02 -3.80 -8.32
C GLY A 28 -2.53 -4.13 -8.30
N SER A 29 -1.91 -4.12 -9.48
CA SER A 29 -0.49 -4.43 -9.58
C SER A 29 0.31 -3.18 -9.98
N GLY A 30 1.30 -2.85 -9.17
CA GLY A 30 2.13 -1.69 -9.45
C GLY A 30 3.59 -1.92 -9.15
N MET A 31 4.47 -1.32 -9.94
CA MET A 31 5.90 -1.47 -9.75
C MET A 31 6.64 -0.19 -10.12
N VAL A 32 7.39 0.36 -9.18
CA VAL A 32 8.15 1.59 -9.41
C VAL A 32 9.51 1.54 -8.73
N GLY A 33 10.57 1.73 -9.52
CA GLY A 33 11.91 1.70 -8.97
C GLY A 33 12.40 3.08 -8.57
N ALA A 34 13.46 3.11 -7.76
CA ALA A 34 14.02 4.38 -7.31
C ALA A 34 14.75 5.08 -8.45
N PRO A 35 14.95 6.40 -8.28
CA PRO A 35 15.64 7.24 -9.28
C PRO A 35 17.12 6.91 -9.38
N ALA A 36 17.64 6.24 -8.37
CA ALA A 36 19.05 5.87 -8.35
C ALA A 36 19.25 4.45 -7.81
N CYS A 37 20.50 4.07 -7.59
CA CYS A 37 20.81 2.74 -7.09
C CYS A 37 20.03 2.46 -5.80
N GLY A 38 18.99 1.65 -5.93
CA GLY A 38 18.18 1.32 -4.77
C GLY A 38 17.58 -0.07 -4.87
N ASP A 39 16.45 -0.28 -4.20
CA ASP A 39 15.78 -1.58 -4.21
C ASP A 39 14.50 -1.52 -5.03
N VAL A 40 13.71 -2.59 -4.98
CA VAL A 40 12.46 -2.66 -5.71
C VAL A 40 11.27 -2.38 -4.81
N MET A 41 10.33 -1.59 -5.31
CA MET A 41 9.13 -1.25 -4.53
C MET A 41 7.87 -1.73 -5.25
N LYS A 42 7.21 -2.73 -4.66
CA LYS A 42 5.99 -3.29 -5.24
C LYS A 42 4.79 -2.98 -4.36
N LEU A 43 3.90 -2.13 -4.86
CA LEU A 43 2.70 -1.75 -4.12
C LEU A 43 1.45 -2.28 -4.80
N GLN A 44 0.61 -2.96 -4.01
CA GLN A 44 -0.63 -3.52 -4.54
C GLN A 44 -1.79 -3.29 -3.58
N ILE A 45 -2.97 -3.02 -4.15
CA ILE A 45 -4.15 -2.76 -3.33
C ILE A 45 -5.25 -3.78 -3.65
N LYS A 46 -6.33 -3.74 -2.87
CA LYS A 46 -7.45 -4.65 -3.07
C LYS A 46 -8.77 -3.88 -3.13
N VAL A 47 -9.43 -3.97 -4.28
CA VAL A 47 -10.71 -3.28 -4.48
C VAL A 47 -11.88 -4.25 -4.33
N ASN A 48 -12.98 -3.76 -3.77
CA ASN A 48 -14.17 -4.58 -3.58
C ASN A 48 -15.09 -4.49 -4.78
N ASP A 49 -16.28 -5.09 -4.67
CA ASP A 49 -17.25 -5.08 -5.75
C ASP A 49 -17.82 -3.67 -5.94
N GLU A 50 -17.68 -2.83 -4.93
CA GLU A 50 -18.18 -1.47 -4.99
C GLU A 50 -17.16 -0.54 -5.65
N GLY A 51 -15.98 -1.08 -5.94
CA GLY A 51 -14.94 -0.30 -6.57
C GLY A 51 -14.17 0.55 -5.56
N ILE A 52 -14.10 0.07 -4.32
CA ILE A 52 -13.39 0.79 -3.27
C ILE A 52 -12.31 -0.08 -2.64
N ILE A 53 -11.24 0.56 -2.18
CA ILE A 53 -10.14 -0.15 -1.55
C ILE A 53 -10.54 -0.68 -0.17
N GLU A 54 -10.51 -2.00 -0.04
CA GLU A 54 -10.86 -2.64 1.23
C GLU A 54 -9.63 -3.24 1.90
N ASP A 55 -8.60 -3.49 1.12
CA ASP A 55 -7.36 -4.06 1.64
C ASP A 55 -6.15 -3.54 0.87
N ALA A 56 -4.97 -3.71 1.45
CA ALA A 56 -3.73 -3.26 0.81
C ALA A 56 -2.54 -4.08 1.28
N ARG A 57 -1.57 -4.26 0.39
CA ARG A 57 -0.38 -5.03 0.72
C ARG A 57 0.84 -4.51 -0.04
N PHE A 58 1.93 -4.23 0.68
CA PHE A 58 3.14 -3.72 0.07
C PHE A 58 4.33 -4.62 0.40
N LYS A 59 5.49 -4.31 -0.19
CA LYS A 59 6.70 -5.08 0.04
C LYS A 59 7.93 -4.18 0.02
N THR A 60 8.74 -4.27 1.06
CA THR A 60 9.96 -3.47 1.16
C THR A 60 10.77 -3.86 2.39
N TYR A 61 12.01 -3.37 2.45
CA TYR A 61 12.89 -3.66 3.57
C TYR A 61 12.75 -2.62 4.67
N GLY A 62 12.42 -3.08 5.87
CA GLY A 62 12.26 -2.16 6.99
C GLY A 62 11.20 -2.63 7.98
N CYS A 63 10.47 -1.69 8.56
CA CYS A 63 9.43 -2.02 9.52
C CYS A 63 10.00 -2.78 10.71
N GLY A 64 11.00 -2.18 11.37
CA GLY A 64 11.62 -2.83 12.51
C GLY A 64 10.84 -2.61 13.79
N SER A 65 10.25 -1.43 13.92
CA SER A 65 9.46 -1.10 15.10
C SER A 65 7.97 -1.16 14.81
N ALA A 66 7.16 -0.70 15.77
CA ALA A 66 5.72 -0.71 15.61
C ALA A 66 5.15 0.70 15.79
N ILE A 67 3.84 0.82 15.65
CA ILE A 67 3.16 2.11 15.79
C ILE A 67 3.69 3.12 14.78
N ALA A 68 3.01 3.20 13.62
CA ALA A 68 3.41 4.12 12.58
C ALA A 68 4.86 3.89 12.15
N SER A 69 5.31 2.65 12.29
CA SER A 69 6.69 2.29 11.93
C SER A 69 6.76 1.87 10.46
N SER A 70 6.79 2.86 9.57
CA SER A 70 6.86 2.59 8.14
C SER A 70 5.65 1.80 7.67
N SER A 71 4.54 1.92 8.39
CA SER A 71 3.31 1.21 8.06
C SER A 71 2.13 2.17 8.02
N LEU A 72 2.40 3.44 7.76
CA LEU A 72 1.36 4.45 7.69
C LEU A 72 0.65 4.43 6.34
N VAL A 73 1.44 4.27 5.28
CA VAL A 73 0.90 4.22 3.93
C VAL A 73 -0.04 3.03 3.75
N THR A 74 0.13 2.03 4.61
CA THR A 74 -0.70 0.82 4.56
C THR A 74 -2.05 1.05 5.24
N GLU A 75 -2.11 2.06 6.09
CA GLU A 75 -3.34 2.39 6.80
C GLU A 75 -4.12 3.47 6.08
N TRP A 76 -3.43 4.23 5.23
CA TRP A 76 -4.06 5.30 4.47
C TRP A 76 -5.01 4.75 3.41
N VAL A 77 -4.47 3.95 2.51
CA VAL A 77 -5.27 3.35 1.44
C VAL A 77 -6.36 2.44 2.02
N LYS A 78 -6.01 1.70 3.06
CA LYS A 78 -6.96 0.80 3.70
C LYS A 78 -8.18 1.56 4.19
N GLY A 79 -9.26 1.51 3.42
CA GLY A 79 -10.49 2.19 3.79
C GLY A 79 -10.85 3.30 2.83
N LYS A 80 -9.93 3.61 1.91
CA LYS A 80 -10.16 4.65 0.92
C LYS A 80 -10.64 4.06 -0.40
N SER A 81 -10.77 4.91 -1.41
CA SER A 81 -11.23 4.48 -2.73
C SER A 81 -10.11 4.60 -3.76
N LEU A 82 -10.20 3.80 -4.82
CA LEU A 82 -9.20 3.83 -5.88
C LEU A 82 -8.99 5.25 -6.40
N ASP A 83 -10.08 5.98 -6.56
CA ASP A 83 -10.02 7.36 -7.05
C ASP A 83 -9.43 8.28 -5.99
N GLU A 84 -9.48 7.84 -4.74
CA GLU A 84 -8.94 8.63 -3.64
C GLU A 84 -7.45 8.38 -3.47
N ALA A 85 -7.07 7.11 -3.36
CA ALA A 85 -5.67 6.74 -3.18
C ALA A 85 -4.85 7.13 -4.40
N GLN A 86 -5.50 7.17 -5.56
CA GLN A 86 -4.83 7.52 -6.81
C GLN A 86 -4.61 9.03 -6.90
N ALA A 87 -5.10 9.75 -5.90
CA ALA A 87 -4.96 11.21 -5.87
C ALA A 87 -3.96 11.63 -4.79
N ILE A 88 -3.50 10.68 -4.00
CA ILE A 88 -2.54 10.95 -2.94
C ILE A 88 -1.34 11.75 -3.47
N LYS A 89 -0.74 12.54 -2.60
CA LYS A 89 0.40 13.35 -2.97
C LYS A 89 1.61 13.03 -2.09
N ASN A 90 2.76 12.82 -2.73
CA ASN A 90 3.99 12.50 -2.00
C ASN A 90 4.24 13.51 -0.89
N THR A 91 4.18 14.80 -1.24
CA THR A 91 4.40 15.86 -0.28
C THR A 91 3.57 15.65 0.99
N ASP A 92 2.42 15.02 0.82
CA ASP A 92 1.52 14.76 1.94
C ASP A 92 2.17 13.80 2.94
N ILE A 93 2.45 12.58 2.48
CA ILE A 93 3.08 11.57 3.32
C ILE A 93 4.45 12.03 3.81
N ALA A 94 5.17 12.73 2.93
CA ALA A 94 6.50 13.22 3.27
C ALA A 94 6.43 14.30 4.35
N GLU A 95 5.35 15.08 4.33
CA GLU A 95 5.16 16.14 5.29
C GLU A 95 4.52 15.61 6.58
N GLU A 96 3.77 14.51 6.44
CA GLU A 96 3.11 13.90 7.58
C GLU A 96 4.07 12.99 8.36
N LEU A 97 4.95 12.33 7.63
CA LEU A 97 5.93 11.43 8.24
C LEU A 97 7.16 12.19 8.71
N GLU A 98 7.37 13.37 8.13
CA GLU A 98 8.51 14.20 8.50
C GLU A 98 9.82 13.50 8.16
N LEU A 99 10.47 13.98 7.09
CA LEU A 99 11.73 13.40 6.65
C LEU A 99 12.60 14.46 5.96
N PRO A 100 13.91 14.18 5.88
CA PRO A 100 14.87 15.08 5.23
C PRO A 100 14.68 15.16 3.73
N PRO A 101 15.33 16.15 3.09
CA PRO A 101 15.26 16.34 1.64
C PRO A 101 15.97 15.23 0.87
N VAL A 102 16.96 14.62 1.50
CA VAL A 102 17.73 13.55 0.87
C VAL A 102 16.89 12.28 0.78
N LYS A 103 16.02 12.07 1.76
CA LYS A 103 15.17 10.88 1.78
C LYS A 103 13.79 11.19 1.22
N ILE A 104 13.72 12.19 0.34
CA ILE A 104 12.46 12.58 -0.27
C ILE A 104 12.09 11.63 -1.41
N HIS A 105 13.09 11.06 -2.06
CA HIS A 105 12.86 10.13 -3.15
C HIS A 105 11.94 9.00 -2.72
N CYS A 106 12.18 8.46 -1.53
CA CYS A 106 11.37 7.36 -1.00
C CYS A 106 9.91 7.79 -0.87
N SER A 107 9.68 9.10 -0.84
CA SER A 107 8.33 9.63 -0.71
C SER A 107 7.70 9.84 -2.09
N ILE A 108 8.52 9.83 -3.13
CA ILE A 108 8.04 10.01 -4.48
C ILE A 108 7.54 8.70 -5.06
N LEU A 109 8.33 7.64 -4.91
CA LEU A 109 7.96 6.33 -5.42
C LEU A 109 6.60 5.90 -4.88
N ALA A 110 6.32 6.26 -3.64
CA ALA A 110 5.05 5.92 -3.01
C ALA A 110 3.87 6.31 -3.90
N GLU A 111 3.91 7.53 -4.41
CA GLU A 111 2.84 8.03 -5.29
C GLU A 111 2.71 7.15 -6.52
N ASP A 112 3.77 7.09 -7.31
CA ASP A 112 3.77 6.28 -8.53
C ASP A 112 3.28 4.86 -8.25
N ALA A 113 3.88 4.23 -7.25
CA ALA A 113 3.52 2.87 -6.87
C ALA A 113 2.02 2.77 -6.58
N ILE A 114 1.42 3.88 -6.20
CA ILE A 114 0.00 3.91 -5.89
C ILE A 114 -0.84 4.16 -7.14
N LYS A 115 -0.51 5.25 -7.85
CA LYS A 115 -1.23 5.59 -9.07
C LYS A 115 -1.19 4.44 -10.07
N ALA A 116 -0.22 3.55 -9.91
CA ALA A 116 -0.09 2.40 -10.79
C ALA A 116 -1.07 1.29 -10.41
N ALA A 117 -1.06 0.93 -9.13
CA ALA A 117 -1.95 -0.11 -8.64
C ALA A 117 -3.39 0.14 -9.07
N ILE A 118 -3.90 1.32 -8.75
CA ILE A 118 -5.27 1.68 -9.10
C ILE A 118 -5.53 1.46 -10.58
N ALA A 119 -4.83 2.22 -11.43
CA ALA A 119 -4.99 2.11 -12.87
C ALA A 119 -4.81 0.66 -13.32
N ASP A 120 -4.06 -0.11 -12.54
CA ASP A 120 -3.83 -1.51 -12.87
C ASP A 120 -5.06 -2.37 -12.56
N TYR A 121 -5.78 -1.99 -11.51
CA TYR A 121 -6.98 -2.72 -11.11
C TYR A 121 -8.08 -2.55 -12.15
N LYS A 122 -8.53 -1.32 -12.34
CA LYS A 122 -9.58 -1.02 -13.30
C LYS A 122 -9.18 -1.46 -14.71
N SER A 123 -7.87 -1.65 -14.91
CA SER A 123 -7.36 -2.06 -16.21
C SER A 123 -7.75 -3.51 -16.51
N LYS A 124 -7.75 -4.34 -15.47
CA LYS A 124 -8.10 -5.75 -15.62
C LYS A 124 -9.61 -5.95 -15.52
N ARG A 125 -10.32 -4.87 -15.17
CA ARG A 125 -11.77 -4.92 -15.03
C ARG A 125 -12.45 -4.01 -16.05
N GLU A 126 -11.68 -3.56 -17.04
CA GLU A 126 -12.20 -2.67 -18.07
C GLU A 126 -12.73 -3.48 -19.26
N ALA A 127 -12.54 -4.79 -19.22
CA ALA A 127 -13.00 -5.67 -20.28
C ALA A 127 -14.52 -5.76 -20.30
N LYS A 128 -15.14 -5.04 -21.24
CA LYS A 128 -16.58 -5.04 -21.37
C LYS A 128 -17.01 -5.56 -22.74
N MET A 1 29.09 -35.17 37.47
CA MET A 1 28.67 -35.18 36.07
C MET A 1 28.04 -33.85 35.68
N ALA A 2 28.50 -33.29 34.57
CA ALA A 2 27.97 -32.01 34.09
C ALA A 2 27.82 -32.01 32.57
N TYR A 3 26.64 -32.39 32.09
CA TYR A 3 26.38 -32.44 30.66
C TYR A 3 24.89 -32.27 30.37
N SER A 4 24.44 -31.01 30.36
CA SER A 4 23.04 -30.71 30.11
C SER A 4 22.90 -29.72 28.95
N GLU A 5 21.72 -29.69 28.35
CA GLU A 5 21.45 -28.79 27.23
C GLU A 5 20.54 -27.64 27.66
N LYS A 6 20.83 -26.44 27.15
CA LYS A 6 20.04 -25.27 27.48
C LYS A 6 18.64 -25.36 26.88
N VAL A 7 17.71 -24.59 27.44
CA VAL A 7 16.34 -24.59 26.95
C VAL A 7 15.78 -23.17 26.90
N ILE A 8 15.00 -22.89 25.85
CA ILE A 8 14.41 -21.57 25.68
C ILE A 8 12.95 -21.68 25.24
N ASP A 9 12.26 -20.55 25.22
CA ASP A 9 10.86 -20.52 24.81
C ASP A 9 10.60 -19.39 23.81
N HIS A 10 9.85 -19.69 22.77
CA HIS A 10 9.53 -18.70 21.73
C HIS A 10 8.27 -19.09 20.98
N TYR A 11 7.45 -18.09 20.65
CA TYR A 11 6.20 -18.33 19.93
C TYR A 11 6.45 -18.38 18.42
N GLU A 12 5.36 -18.40 17.66
CA GLU A 12 5.46 -18.44 16.21
C GLU A 12 4.20 -17.87 15.56
N ASN A 13 4.09 -16.55 15.59
CA ASN A 13 2.93 -15.88 15.00
C ASN A 13 3.19 -14.38 14.86
N PRO A 14 4.09 -14.03 13.93
CA PRO A 14 4.45 -12.62 13.67
C PRO A 14 3.31 -11.85 13.01
N ARG A 15 3.49 -10.54 12.87
CA ARG A 15 2.49 -9.68 12.26
C ARG A 15 3.14 -8.59 11.41
N ASN A 16 2.33 -7.89 10.64
CA ASN A 16 2.83 -6.81 9.78
C ASN A 16 3.78 -7.36 8.73
N VAL A 17 3.35 -8.40 8.02
CA VAL A 17 4.16 -9.01 6.97
C VAL A 17 4.58 -7.98 5.93
N GLY A 18 3.59 -7.42 5.23
CA GLY A 18 3.87 -6.44 4.21
C GLY A 18 3.16 -6.73 2.91
N SER A 19 3.26 -7.98 2.44
CA SER A 19 2.64 -8.39 1.19
C SER A 19 1.74 -9.61 1.41
N PHE A 20 0.50 -9.52 0.95
CA PHE A 20 -0.45 -10.61 1.09
C PHE A 20 -0.13 -11.74 0.12
N ASP A 21 -0.67 -12.92 0.40
CA ASP A 21 -0.44 -14.08 -0.46
C ASP A 21 -1.67 -14.38 -1.30
N ASN A 22 -1.62 -15.50 -2.03
CA ASN A 22 -2.73 -15.89 -2.90
C ASN A 22 -3.02 -14.83 -3.95
N ASN A 23 -2.47 -15.04 -5.15
CA ASN A 23 -2.66 -14.11 -6.24
C ASN A 23 -4.14 -14.02 -6.64
N ASP A 24 -4.74 -12.85 -6.43
CA ASP A 24 -6.14 -12.64 -6.76
C ASP A 24 -6.28 -11.66 -7.92
N GLU A 25 -7.52 -11.36 -8.30
CA GLU A 25 -7.80 -10.44 -9.39
C GLU A 25 -8.28 -9.09 -8.86
N ASN A 26 -8.81 -9.11 -7.64
CA ASN A 26 -9.31 -7.89 -7.01
C ASN A 26 -8.18 -7.08 -6.40
N VAL A 27 -7.02 -7.72 -6.24
CA VAL A 27 -5.85 -7.05 -5.68
C VAL A 27 -5.02 -6.39 -6.76
N GLY A 28 -4.51 -5.19 -6.47
CA GLY A 28 -3.70 -4.47 -7.43
C GLY A 28 -2.21 -4.68 -7.21
N SER A 29 -1.46 -4.75 -8.29
CA SER A 29 -0.01 -4.96 -8.22
C SER A 29 0.73 -3.66 -8.52
N GLY A 30 1.64 -3.28 -7.62
CA GLY A 30 2.40 -2.07 -7.81
C GLY A 30 3.86 -2.25 -7.44
N MET A 31 4.75 -1.64 -8.24
CA MET A 31 6.18 -1.74 -7.98
C MET A 31 6.89 -0.44 -8.37
N VAL A 32 7.24 0.35 -7.37
CA VAL A 32 7.93 1.62 -7.60
C VAL A 32 9.42 1.50 -7.30
N GLY A 33 10.23 2.16 -8.12
CA GLY A 33 11.67 2.13 -7.94
C GLY A 33 12.24 3.48 -7.55
N ALA A 34 13.26 3.46 -6.69
CA ALA A 34 13.90 4.70 -6.25
C ALA A 34 14.86 5.23 -7.30
N PRO A 35 15.18 6.54 -7.20
CA PRO A 35 16.09 7.20 -8.14
C PRO A 35 17.54 6.73 -7.98
N ALA A 36 18.00 5.91 -8.92
CA ALA A 36 19.36 5.40 -8.89
C ALA A 36 19.57 4.50 -7.68
N CYS A 37 19.46 3.19 -7.90
CA CYS A 37 19.64 2.21 -6.82
C CYS A 37 18.56 2.38 -5.76
N GLY A 38 17.43 1.69 -5.95
CA GLY A 38 16.34 1.78 -5.00
C GLY A 38 16.22 0.54 -4.15
N ASP A 39 15.04 0.32 -3.59
CA ASP A 39 14.79 -0.84 -2.74
C ASP A 39 13.63 -1.67 -3.26
N VAL A 40 13.52 -1.74 -4.59
CA VAL A 40 12.45 -2.50 -5.22
C VAL A 40 11.13 -2.33 -4.48
N MET A 41 10.84 -1.09 -4.08
CA MET A 41 9.61 -0.78 -3.35
C MET A 41 8.39 -1.28 -4.13
N LYS A 42 7.42 -1.81 -3.41
CA LYS A 42 6.19 -2.32 -4.02
C LYS A 42 4.99 -2.10 -3.12
N LEU A 43 3.83 -1.86 -3.71
CA LEU A 43 2.60 -1.65 -2.96
C LEU A 43 1.41 -2.31 -3.64
N GLN A 44 0.57 -2.96 -2.84
CA GLN A 44 -0.61 -3.64 -3.36
C GLN A 44 -1.84 -3.32 -2.52
N ILE A 45 -2.97 -3.13 -3.19
CA ILE A 45 -4.22 -2.82 -2.50
C ILE A 45 -5.28 -3.87 -2.80
N LYS A 46 -6.37 -3.85 -2.02
CA LYS A 46 -7.46 -4.79 -2.21
C LYS A 46 -8.77 -4.06 -2.51
N VAL A 47 -9.36 -4.37 -3.66
CA VAL A 47 -10.62 -3.74 -4.06
C VAL A 47 -11.79 -4.69 -3.83
N ASN A 48 -12.93 -4.13 -3.44
CA ASN A 48 -14.13 -4.92 -3.20
C ASN A 48 -14.99 -5.00 -4.46
N ASP A 49 -16.18 -5.58 -4.31
CA ASP A 49 -17.10 -5.72 -5.44
C ASP A 49 -17.66 -4.36 -5.85
N GLU A 50 -17.60 -3.40 -4.93
CA GLU A 50 -18.11 -2.06 -5.19
C GLU A 50 -17.07 -1.21 -5.90
N GLY A 51 -15.93 -1.83 -6.22
CA GLY A 51 -14.86 -1.11 -6.90
C GLY A 51 -14.17 -0.11 -5.99
N ILE A 52 -14.12 -0.42 -4.70
CA ILE A 52 -13.49 0.47 -3.73
C ILE A 52 -12.40 -0.27 -2.94
N ILE A 53 -11.41 0.49 -2.49
CA ILE A 53 -10.31 -0.09 -1.73
C ILE A 53 -10.73 -0.41 -0.30
N GLU A 54 -10.60 -1.68 0.09
CA GLU A 54 -10.97 -2.11 1.43
C GLU A 54 -9.73 -2.31 2.29
N ASP A 55 -8.66 -2.80 1.68
CA ASP A 55 -7.41 -3.04 2.40
C ASP A 55 -6.22 -2.53 1.60
N ALA A 56 -5.03 -2.57 2.21
CA ALA A 56 -3.82 -2.11 1.56
C ALA A 56 -2.59 -2.77 2.17
N ARG A 57 -1.50 -2.81 1.40
CA ARG A 57 -0.25 -3.41 1.85
C ARG A 57 0.94 -2.83 1.11
N PHE A 58 2.11 -2.88 1.75
CA PHE A 58 3.33 -2.35 1.15
C PHE A 58 4.55 -3.10 1.66
N LYS A 59 5.71 -2.77 1.11
CA LYS A 59 6.96 -3.41 1.52
C LYS A 59 8.15 -2.48 1.29
N THR A 60 9.19 -2.66 2.08
CA THR A 60 10.40 -1.84 1.97
C THR A 60 11.46 -2.26 2.98
N TYR A 61 11.00 -2.67 4.16
CA TYR A 61 11.91 -3.10 5.22
C TYR A 61 11.87 -4.62 5.39
N GLY A 62 12.89 -5.29 4.88
CA GLY A 62 12.95 -6.73 5.00
C GLY A 62 14.06 -7.20 5.91
N CYS A 63 13.73 -7.44 7.17
CA CYS A 63 14.71 -7.89 8.15
C CYS A 63 14.03 -8.67 9.28
N GLY A 64 13.14 -8.00 10.01
CA GLY A 64 12.44 -8.64 11.10
C GLY A 64 11.06 -8.07 11.32
N SER A 65 10.65 -7.98 12.58
CA SER A 65 9.33 -7.46 12.91
C SER A 65 9.24 -7.10 14.40
N ALA A 66 9.29 -5.81 14.70
CA ALA A 66 9.23 -5.34 16.08
C ALA A 66 9.00 -3.84 16.14
N ILE A 67 9.65 -3.11 15.23
CA ILE A 67 9.51 -1.66 15.17
C ILE A 67 8.23 -1.25 14.44
N ALA A 68 7.56 -0.23 14.97
CA ALA A 68 6.32 0.26 14.36
C ALA A 68 6.60 0.89 13.01
N SER A 69 5.62 0.81 12.11
CA SER A 69 5.75 1.38 10.78
C SER A 69 4.65 2.42 10.51
N SER A 70 5.04 3.50 9.83
CA SER A 70 4.09 4.57 9.51
C SER A 70 2.96 4.05 8.64
N SER A 71 3.30 3.62 7.42
CA SER A 71 2.31 3.10 6.49
C SER A 71 1.20 4.13 6.25
N LEU A 72 1.58 5.29 5.74
CA LEU A 72 0.62 6.35 5.46
C LEU A 72 -0.07 6.12 4.12
N VAL A 73 0.72 5.87 3.08
CA VAL A 73 0.18 5.63 1.75
C VAL A 73 -0.88 4.53 1.78
N THR A 74 -0.50 3.35 2.25
CA THR A 74 -1.42 2.22 2.33
C THR A 74 -2.63 2.57 3.19
N GLU A 75 -2.48 3.56 4.05
CA GLU A 75 -3.57 3.99 4.92
C GLU A 75 -4.48 4.98 4.21
N TRP A 76 -3.91 5.75 3.28
CA TRP A 76 -4.67 6.74 2.53
C TRP A 76 -5.42 6.09 1.38
N VAL A 77 -4.99 4.90 0.99
CA VAL A 77 -5.62 4.17 -0.10
C VAL A 77 -6.70 3.23 0.42
N LYS A 78 -6.42 2.59 1.55
CA LYS A 78 -7.36 1.66 2.17
C LYS A 78 -8.62 2.39 2.64
N GLY A 79 -9.78 1.81 2.37
CA GLY A 79 -11.03 2.41 2.78
C GLY A 79 -11.44 3.56 1.87
N LYS A 80 -10.62 3.84 0.87
CA LYS A 80 -10.92 4.91 -0.08
C LYS A 80 -11.19 4.36 -1.47
N SER A 81 -11.73 5.20 -2.34
CA SER A 81 -12.04 4.79 -3.70
C SER A 81 -10.88 5.09 -4.65
N LEU A 82 -10.71 4.25 -5.66
CA LEU A 82 -9.64 4.42 -6.63
C LEU A 82 -9.62 5.85 -7.18
N ASP A 83 -10.81 6.37 -7.47
CA ASP A 83 -10.93 7.73 -8.00
C ASP A 83 -10.35 8.75 -7.02
N GLU A 84 -10.49 8.47 -5.73
CA GLU A 84 -9.98 9.36 -4.69
C GLU A 84 -8.48 9.15 -4.48
N ALA A 85 -8.08 7.88 -4.33
CA ALA A 85 -6.69 7.55 -4.12
C ALA A 85 -5.82 8.07 -5.26
N GLN A 86 -6.45 8.31 -6.41
CA GLN A 86 -5.73 8.80 -7.58
C GLN A 86 -5.43 10.30 -7.45
N ALA A 87 -6.09 10.94 -6.49
CA ALA A 87 -5.90 12.37 -6.25
C ALA A 87 -4.77 12.62 -5.26
N ILE A 88 -4.35 11.56 -4.56
CA ILE A 88 -3.29 11.66 -3.58
C ILE A 88 -2.06 12.37 -4.16
N LYS A 89 -1.31 13.04 -3.30
CA LYS A 89 -0.11 13.75 -3.73
C LYS A 89 1.07 13.41 -2.83
N ASN A 90 2.21 13.11 -3.45
CA ASN A 90 3.42 12.77 -2.72
C ASN A 90 3.71 13.80 -1.64
N THR A 91 3.66 15.07 -2.01
CA THR A 91 3.91 16.15 -1.06
C THR A 91 3.09 15.98 0.21
N ASP A 92 1.93 15.36 0.07
CA ASP A 92 1.04 15.14 1.21
C ASP A 92 1.68 14.17 2.22
N ILE A 93 1.94 12.95 1.76
CA ILE A 93 2.55 11.94 2.62
C ILE A 93 3.93 12.38 3.09
N ALA A 94 4.58 13.23 2.30
CA ALA A 94 5.90 13.73 2.63
C ALA A 94 5.82 14.85 3.67
N GLU A 95 4.75 15.63 3.60
CA GLU A 95 4.55 16.74 4.53
C GLU A 95 3.90 16.26 5.82
N GLU A 96 3.19 15.15 5.73
CA GLU A 96 2.51 14.58 6.89
C GLU A 96 3.47 13.75 7.74
N LEU A 97 4.40 13.07 7.08
CA LEU A 97 5.38 12.25 7.77
C LEU A 97 6.60 13.08 8.19
N GLU A 98 6.82 14.19 7.49
CA GLU A 98 7.94 15.07 7.80
C GLU A 98 9.27 14.34 7.57
N LEU A 99 9.95 14.71 6.49
CA LEU A 99 11.23 14.11 6.16
C LEU A 99 12.18 15.14 5.56
N PRO A 100 13.49 14.82 5.59
CA PRO A 100 14.53 15.71 5.05
C PRO A 100 14.48 15.81 3.52
N PRO A 101 15.22 16.79 2.97
CA PRO A 101 15.28 17.01 1.53
C PRO A 101 16.01 15.89 0.79
N VAL A 102 17.01 15.33 1.45
CA VAL A 102 17.81 14.24 0.87
C VAL A 102 16.99 12.96 0.76
N LYS A 103 16.08 12.76 1.72
CA LYS A 103 15.23 11.57 1.73
C LYS A 103 13.87 11.87 1.10
N ILE A 104 13.84 12.85 0.20
CA ILE A 104 12.61 13.23 -0.47
C ILE A 104 12.21 12.18 -1.51
N HIS A 105 13.20 11.47 -2.04
CA HIS A 105 12.95 10.45 -3.04
C HIS A 105 11.93 9.43 -2.53
N CYS A 106 12.07 9.04 -1.27
CA CYS A 106 11.15 8.08 -0.66
C CYS A 106 9.72 8.59 -0.69
N SER A 107 9.57 9.91 -0.85
CA SER A 107 8.25 10.53 -0.87
C SER A 107 7.71 10.59 -2.29
N ILE A 108 8.60 10.41 -3.27
CA ILE A 108 8.21 10.44 -4.67
C ILE A 108 7.68 9.08 -5.13
N LEU A 109 8.07 8.03 -4.41
CA LEU A 109 7.63 6.68 -4.74
C LEU A 109 6.22 6.42 -4.21
N ALA A 110 5.88 7.11 -3.13
CA ALA A 110 4.56 6.95 -2.52
C ALA A 110 3.46 7.12 -3.55
N GLU A 111 3.37 8.31 -4.14
CA GLU A 111 2.36 8.60 -5.15
C GLU A 111 2.36 7.54 -6.24
N ASP A 112 3.54 7.30 -6.82
CA ASP A 112 3.67 6.30 -7.88
C ASP A 112 3.10 4.95 -7.45
N ALA A 113 3.36 4.58 -6.20
CA ALA A 113 2.87 3.31 -5.67
C ALA A 113 1.35 3.31 -5.57
N ILE A 114 0.77 4.51 -5.47
CA ILE A 114 -0.68 4.65 -5.37
C ILE A 114 -1.34 4.48 -6.73
N LYS A 115 -0.93 5.31 -7.69
CA LYS A 115 -1.47 5.26 -9.04
C LYS A 115 -1.12 3.93 -9.72
N ALA A 116 -0.11 3.26 -9.19
CA ALA A 116 0.33 1.98 -9.73
C ALA A 116 -0.59 0.84 -9.29
N ALA A 117 -0.68 0.65 -7.97
CA ALA A 117 -1.52 -0.40 -7.41
C ALA A 117 -2.97 -0.22 -7.84
N ILE A 118 -3.34 1.01 -8.16
CA ILE A 118 -4.70 1.32 -8.60
C ILE A 118 -4.90 1.00 -10.07
N ALA A 119 -4.21 1.75 -10.93
CA ALA A 119 -4.31 1.54 -12.37
C ALA A 119 -4.03 0.09 -12.73
N ASP A 120 -3.29 -0.60 -11.88
CA ASP A 120 -2.96 -2.00 -12.12
C ASP A 120 -4.17 -2.90 -11.87
N TYR A 121 -5.00 -2.50 -10.92
CA TYR A 121 -6.19 -3.27 -10.59
C TYR A 121 -7.21 -3.22 -11.72
N LYS A 122 -7.68 -2.02 -12.03
CA LYS A 122 -8.66 -1.84 -13.10
C LYS A 122 -8.11 -2.33 -14.43
N SER A 123 -6.78 -2.47 -14.50
CA SER A 123 -6.13 -2.93 -15.72
C SER A 123 -6.14 -4.45 -15.80
N LYS A 124 -5.85 -5.10 -14.68
CA LYS A 124 -5.83 -6.55 -14.61
C LYS A 124 -7.24 -7.12 -14.46
N ARG A 125 -8.17 -6.25 -14.06
CA ARG A 125 -9.55 -6.67 -13.87
C ARG A 125 -10.45 -6.10 -14.97
N GLU A 126 -9.83 -5.61 -16.04
CA GLU A 126 -10.57 -5.03 -17.15
C GLU A 126 -10.91 -6.10 -18.18
N ALA A 127 -10.74 -7.37 -17.80
CA ALA A 127 -11.04 -8.48 -18.69
C ALA A 127 -12.52 -8.88 -18.60
N LYS A 128 -13.31 -8.43 -19.56
CA LYS A 128 -14.73 -8.74 -19.59
C LYS A 128 -15.39 -8.39 -18.26
N MET A 1 -1.52 -37.77 36.96
CA MET A 1 -2.40 -37.30 35.89
C MET A 1 -1.75 -36.16 35.12
N ALA A 2 -1.62 -36.34 33.80
CA ALA A 2 -1.03 -35.31 32.95
C ALA A 2 -1.99 -34.88 31.84
N TYR A 3 -3.28 -34.95 32.14
CA TYR A 3 -4.31 -34.58 31.17
C TYR A 3 -4.17 -35.40 29.89
N SER A 4 -5.04 -35.12 28.92
CA SER A 4 -5.00 -35.82 27.65
C SER A 4 -4.58 -34.90 26.51
N GLU A 5 -5.44 -33.94 26.19
CA GLU A 5 -5.15 -32.99 25.12
C GLU A 5 -4.89 -33.71 23.81
N LYS A 6 -4.51 -32.95 22.78
CA LYS A 6 -4.24 -33.51 21.47
C LYS A 6 -3.05 -32.81 20.81
N VAL A 7 -1.96 -33.56 20.62
CA VAL A 7 -0.77 -32.99 20.00
C VAL A 7 -1.09 -32.33 18.68
N ILE A 8 -0.31 -31.31 18.33
CA ILE A 8 -0.52 -30.58 17.08
C ILE A 8 0.62 -29.59 16.82
N ASP A 9 1.12 -29.58 15.59
CA ASP A 9 2.20 -28.69 15.22
C ASP A 9 1.70 -27.26 15.04
N HIS A 10 2.57 -26.38 14.57
CA HIS A 10 2.21 -24.98 14.35
C HIS A 10 2.56 -24.55 12.93
N TYR A 11 1.55 -24.08 12.21
CA TYR A 11 1.75 -23.64 10.82
C TYR A 11 1.22 -22.22 10.63
N GLU A 12 2.00 -21.24 11.09
CA GLU A 12 1.61 -19.84 10.97
C GLU A 12 1.97 -19.29 9.60
N ASN A 13 1.48 -18.10 9.29
CA ASN A 13 1.75 -17.46 8.01
C ASN A 13 3.23 -17.16 7.85
N PRO A 14 3.67 -16.96 6.60
CA PRO A 14 5.07 -16.66 6.29
C PRO A 14 5.48 -15.27 6.75
N ARG A 15 4.63 -14.28 6.49
CA ARG A 15 4.91 -12.91 6.89
C ARG A 15 3.80 -12.36 7.78
N ASN A 16 2.55 -12.58 7.37
CA ASN A 16 1.40 -12.11 8.13
C ASN A 16 1.39 -10.58 8.21
N VAL A 17 2.06 -9.94 7.25
CA VAL A 17 2.11 -8.49 7.22
C VAL A 17 2.92 -8.01 6.01
N GLY A 18 2.23 -7.42 5.03
CA GLY A 18 2.90 -6.93 3.84
C GLY A 18 2.17 -7.27 2.57
N SER A 19 1.35 -8.33 2.63
CA SER A 19 0.58 -8.77 1.48
C SER A 19 -0.71 -9.47 1.91
N PHE A 20 -1.84 -8.96 1.44
CA PHE A 20 -3.14 -9.54 1.78
C PHE A 20 -3.47 -10.71 0.85
N ASP A 21 -3.67 -11.89 1.43
CA ASP A 21 -3.99 -13.08 0.66
C ASP A 21 -2.87 -13.42 -0.31
N ASN A 22 -3.08 -14.44 -1.13
CA ASN A 22 -2.09 -14.87 -2.11
C ASN A 22 -2.08 -13.94 -3.31
N ASN A 23 -3.16 -13.97 -4.09
CA ASN A 23 -3.26 -13.13 -5.27
C ASN A 23 -4.63 -13.29 -5.93
N ASP A 24 -5.57 -12.43 -5.55
CA ASP A 24 -6.92 -12.48 -6.11
C ASP A 24 -7.04 -11.57 -7.32
N GLU A 25 -8.26 -11.46 -7.85
CA GLU A 25 -8.51 -10.62 -9.02
C GLU A 25 -8.92 -9.21 -8.61
N ASN A 26 -9.37 -9.08 -7.37
CA ASN A 26 -9.78 -7.78 -6.85
C ASN A 26 -8.61 -7.05 -6.20
N VAL A 27 -7.49 -7.75 -6.06
CA VAL A 27 -6.29 -7.15 -5.47
C VAL A 27 -5.44 -6.47 -6.52
N GLY A 28 -4.84 -5.34 -6.15
CA GLY A 28 -4.00 -4.60 -7.08
C GLY A 28 -2.54 -5.00 -6.97
N SER A 29 -1.84 -5.04 -8.11
CA SER A 29 -0.44 -5.41 -8.12
C SER A 29 0.43 -4.21 -8.48
N GLY A 30 1.42 -3.93 -7.64
CA GLY A 30 2.31 -2.80 -7.88
C GLY A 30 3.75 -3.13 -7.55
N MET A 31 4.67 -2.61 -8.36
CA MET A 31 6.10 -2.85 -8.14
C MET A 31 6.92 -1.62 -8.55
N VAL A 32 7.36 -0.86 -7.57
CA VAL A 32 8.16 0.34 -7.83
C VAL A 32 9.59 0.17 -7.32
N GLY A 33 10.48 1.02 -7.79
CA GLY A 33 11.87 0.96 -7.37
C GLY A 33 12.30 2.18 -6.59
N ALA A 34 13.06 1.97 -5.53
CA ALA A 34 13.54 3.07 -4.70
C ALA A 34 14.22 4.14 -5.55
N PRO A 35 14.33 5.36 -4.99
CA PRO A 35 14.96 6.49 -5.67
C PRO A 35 16.46 6.31 -5.82
N ALA A 36 17.01 5.36 -5.09
CA ALA A 36 18.45 5.09 -5.13
C ALA A 36 18.74 3.64 -4.80
N CYS A 37 20.02 3.26 -4.88
CA CYS A 37 20.43 1.90 -4.59
C CYS A 37 19.82 0.91 -5.58
N GLY A 38 19.90 -0.37 -5.26
CA GLY A 38 19.35 -1.39 -6.14
C GLY A 38 17.88 -1.16 -6.45
N ASP A 39 17.22 -0.39 -5.60
CA ASP A 39 15.80 -0.09 -5.79
C ASP A 39 14.94 -1.35 -5.63
N VAL A 40 13.99 -1.30 -4.71
CA VAL A 40 13.11 -2.43 -4.47
C VAL A 40 11.95 -2.03 -3.56
N MET A 41 10.73 -2.19 -4.07
CA MET A 41 9.53 -1.84 -3.31
C MET A 41 8.32 -2.64 -3.82
N LYS A 42 7.34 -2.81 -2.94
CA LYS A 42 6.12 -3.55 -3.30
C LYS A 42 4.91 -2.98 -2.57
N LEU A 43 3.92 -2.55 -3.34
CA LEU A 43 2.70 -1.99 -2.77
C LEU A 43 1.46 -2.53 -3.48
N GLN A 44 0.60 -3.22 -2.73
CA GLN A 44 -0.61 -3.78 -3.28
C GLN A 44 -1.82 -3.42 -2.43
N ILE A 45 -2.95 -3.18 -3.09
CA ILE A 45 -4.19 -2.83 -2.38
C ILE A 45 -5.28 -3.86 -2.64
N LYS A 46 -6.40 -3.70 -1.94
CA LYS A 46 -7.52 -4.62 -2.10
C LYS A 46 -8.78 -3.86 -2.51
N VAL A 47 -9.23 -4.09 -3.74
CA VAL A 47 -10.42 -3.42 -4.26
C VAL A 47 -11.65 -4.33 -4.12
N ASN A 48 -12.79 -3.72 -3.82
CA ASN A 48 -14.03 -4.47 -3.66
C ASN A 48 -14.81 -4.51 -4.98
N ASP A 49 -16.03 -5.04 -4.92
CA ASP A 49 -16.87 -5.13 -6.11
C ASP A 49 -17.37 -3.76 -6.53
N GLU A 50 -17.34 -2.81 -5.60
CA GLU A 50 -17.79 -1.45 -5.89
C GLU A 50 -16.67 -0.63 -6.52
N GLY A 51 -15.51 -1.25 -6.66
CA GLY A 51 -14.37 -0.55 -7.24
C GLY A 51 -13.75 0.45 -6.30
N ILE A 52 -13.76 0.14 -5.01
CA ILE A 52 -13.20 1.03 -4.00
C ILE A 52 -12.13 0.32 -3.19
N ILE A 53 -11.18 1.10 -2.67
CA ILE A 53 -10.10 0.55 -1.86
C ILE A 53 -10.60 0.12 -0.48
N GLU A 54 -10.61 -1.18 -0.24
CA GLU A 54 -11.06 -1.71 1.04
C GLU A 54 -9.89 -1.93 1.99
N ASP A 55 -8.76 -2.34 1.43
CA ASP A 55 -7.56 -2.58 2.22
C ASP A 55 -6.32 -2.10 1.49
N ALA A 56 -5.17 -2.15 2.17
CA ALA A 56 -3.91 -1.72 1.58
C ALA A 56 -2.74 -2.48 2.18
N ARG A 57 -1.64 -2.57 1.42
CA ARG A 57 -0.45 -3.27 1.88
C ARG A 57 0.79 -2.71 1.22
N PHE A 58 1.93 -2.83 1.91
CA PHE A 58 3.20 -2.33 1.38
C PHE A 58 4.37 -3.07 2.01
N LYS A 59 5.57 -2.78 1.52
CA LYS A 59 6.78 -3.42 2.03
C LYS A 59 8.03 -2.76 1.47
N THR A 60 8.82 -2.14 2.35
CA THR A 60 10.04 -1.47 1.95
C THR A 60 11.25 -2.39 2.06
N TYR A 61 12.43 -1.87 1.74
CA TYR A 61 13.66 -2.65 1.81
C TYR A 61 14.05 -2.91 3.26
N GLY A 62 14.43 -4.15 3.55
CA GLY A 62 14.83 -4.50 4.90
C GLY A 62 13.70 -5.11 5.70
N CYS A 63 13.92 -6.30 6.23
CA CYS A 63 12.90 -6.99 7.02
C CYS A 63 13.54 -7.72 8.20
N GLY A 64 12.69 -8.17 9.13
CA GLY A 64 13.20 -8.88 10.30
C GLY A 64 13.23 -8.00 11.54
N SER A 65 14.38 -7.36 11.78
CA SER A 65 14.54 -6.50 12.93
C SER A 65 13.63 -5.27 12.83
N ALA A 66 13.47 -4.76 11.62
CA ALA A 66 12.63 -3.60 11.38
C ALA A 66 11.17 -4.01 11.17
N ILE A 67 10.26 -3.07 11.41
CA ILE A 67 8.83 -3.34 11.25
C ILE A 67 8.19 -2.32 10.31
N ALA A 68 6.91 -2.53 10.03
CA ALA A 68 6.17 -1.63 9.14
C ALA A 68 5.77 -0.35 9.87
N SER A 69 6.55 0.70 9.65
CA SER A 69 6.27 1.99 10.29
C SER A 69 5.89 3.04 9.25
N SER A 70 5.33 4.14 9.73
CA SER A 70 4.91 5.22 8.84
C SER A 70 3.82 4.75 7.88
N SER A 71 2.68 4.35 8.43
CA SER A 71 1.56 3.87 7.64
C SER A 71 0.59 5.00 7.32
N LEU A 72 1.09 6.03 6.63
CA LEU A 72 0.27 7.18 6.27
C LEU A 72 -0.50 6.91 4.97
N VAL A 73 0.24 6.64 3.90
CA VAL A 73 -0.36 6.37 2.61
C VAL A 73 -1.13 5.06 2.62
N THR A 74 -0.47 4.00 3.09
CA THR A 74 -1.09 2.68 3.17
C THR A 74 -2.41 2.73 3.92
N GLU A 75 -2.54 3.71 4.80
CA GLU A 75 -3.76 3.87 5.60
C GLU A 75 -4.69 4.88 4.95
N TRP A 76 -4.11 5.84 4.21
CA TRP A 76 -4.90 6.86 3.54
C TRP A 76 -5.83 6.25 2.50
N VAL A 77 -5.29 5.36 1.68
CA VAL A 77 -6.07 4.70 0.65
C VAL A 77 -7.22 3.90 1.25
N LYS A 78 -7.00 3.37 2.44
CA LYS A 78 -8.01 2.58 3.13
C LYS A 78 -9.32 3.37 3.27
N GLY A 79 -10.40 2.78 2.80
CA GLY A 79 -11.70 3.45 2.87
C GLY A 79 -11.89 4.46 1.76
N LYS A 80 -10.87 4.63 0.92
CA LYS A 80 -10.93 5.58 -0.18
C LYS A 80 -11.11 4.86 -1.51
N SER A 81 -11.32 5.63 -2.57
CA SER A 81 -11.51 5.06 -3.90
C SER A 81 -10.30 5.33 -4.79
N LEU A 82 -10.07 4.45 -5.76
CA LEU A 82 -8.94 4.58 -6.67
C LEU A 82 -8.88 5.99 -7.25
N ASP A 83 -10.05 6.51 -7.65
CA ASP A 83 -10.13 7.85 -8.22
C ASP A 83 -9.67 8.91 -7.22
N GLU A 84 -9.94 8.65 -5.94
CA GLU A 84 -9.55 9.58 -4.88
C GLU A 84 -8.07 9.46 -4.56
N ALA A 85 -7.61 8.23 -4.37
CA ALA A 85 -6.21 7.96 -4.06
C ALA A 85 -5.31 8.46 -5.18
N GLN A 86 -5.89 8.66 -6.36
CA GLN A 86 -5.13 9.13 -7.51
C GLN A 86 -4.88 10.63 -7.42
N ALA A 87 -5.63 11.30 -6.56
CA ALA A 87 -5.50 12.74 -6.38
C ALA A 87 -4.45 13.07 -5.32
N ILE A 88 -4.05 12.05 -4.56
CA ILE A 88 -3.06 12.23 -3.51
C ILE A 88 -1.82 12.95 -4.04
N LYS A 89 -1.16 13.70 -3.16
CA LYS A 89 0.05 14.43 -3.54
C LYS A 89 1.21 14.09 -2.61
N ASN A 90 2.36 13.79 -3.20
CA ASN A 90 3.55 13.44 -2.43
C ASN A 90 3.79 14.47 -1.31
N THR A 91 3.75 15.74 -1.67
CA THR A 91 3.97 16.81 -0.70
C THR A 91 3.09 16.62 0.52
N ASP A 92 1.86 16.20 0.31
CA ASP A 92 0.92 15.97 1.41
C ASP A 92 1.49 14.97 2.41
N ILE A 93 1.94 13.83 1.92
CA ILE A 93 2.51 12.80 2.78
C ILE A 93 3.88 13.21 3.30
N ALA A 94 4.52 14.14 2.59
CA ALA A 94 5.83 14.62 2.98
C ALA A 94 5.74 15.62 4.12
N GLU A 95 4.72 16.48 4.07
CA GLU A 95 4.52 17.49 5.10
C GLU A 95 3.73 16.91 6.27
N GLU A 96 2.81 16.01 5.96
CA GLU A 96 1.97 15.39 6.99
C GLU A 96 2.82 14.52 7.92
N LEU A 97 3.75 13.77 7.32
CA LEU A 97 4.62 12.88 8.10
C LEU A 97 5.77 13.66 8.72
N GLU A 98 6.04 14.85 8.17
CA GLU A 98 7.12 15.70 8.66
C GLU A 98 8.48 15.01 8.49
N LEU A 99 8.90 14.85 7.24
CA LEU A 99 10.17 14.21 6.94
C LEU A 99 11.15 15.22 6.36
N PRO A 100 12.46 14.89 6.42
CA PRO A 100 13.52 15.74 5.90
C PRO A 100 13.51 15.81 4.37
N PRO A 101 14.28 16.76 3.82
CA PRO A 101 14.39 16.95 2.37
C PRO A 101 15.12 15.80 1.68
N VAL A 102 16.05 15.18 2.41
CA VAL A 102 16.82 14.07 1.87
C VAL A 102 15.96 12.82 1.73
N LYS A 103 15.00 12.66 2.64
CA LYS A 103 14.10 11.51 2.62
C LYS A 103 12.78 11.87 1.97
N ILE A 104 12.80 12.86 1.08
CA ILE A 104 11.60 13.29 0.38
C ILE A 104 11.24 12.33 -0.76
N HIS A 105 12.27 11.72 -1.35
CA HIS A 105 12.07 10.78 -2.44
C HIS A 105 11.19 9.61 -2.00
N CYS A 106 11.40 9.15 -0.77
CA CYS A 106 10.63 8.03 -0.25
C CYS A 106 9.14 8.35 -0.25
N SER A 107 8.81 9.64 -0.28
CA SER A 107 7.42 10.08 -0.28
C SER A 107 6.89 10.20 -1.70
N ILE A 108 7.80 10.24 -2.66
CA ILE A 108 7.43 10.33 -4.07
C ILE A 108 7.06 8.98 -4.65
N LEU A 109 7.63 7.93 -4.07
CA LEU A 109 7.35 6.56 -4.52
C LEU A 109 5.95 6.13 -4.14
N ALA A 110 5.52 6.51 -2.94
CA ALA A 110 4.19 6.16 -2.45
C ALA A 110 3.11 6.61 -3.44
N GLU A 111 3.33 7.77 -4.06
CA GLU A 111 2.38 8.30 -5.02
C GLU A 111 2.37 7.47 -6.30
N ASP A 112 3.47 6.76 -6.54
CA ASP A 112 3.59 5.93 -7.73
C ASP A 112 3.08 4.51 -7.45
N ALA A 113 3.64 3.88 -6.42
CA ALA A 113 3.24 2.53 -6.05
C ALA A 113 1.73 2.45 -5.81
N ILE A 114 1.13 3.58 -5.47
CA ILE A 114 -0.30 3.63 -5.20
C ILE A 114 -1.10 3.53 -6.49
N LYS A 115 -0.48 3.92 -7.61
CA LYS A 115 -1.13 3.87 -8.91
C LYS A 115 -1.02 2.48 -9.52
N ALA A 116 0.15 1.85 -9.35
CA ALA A 116 0.38 0.53 -9.89
C ALA A 116 -0.75 -0.42 -9.52
N ALA A 117 -1.05 -0.51 -8.22
CA ALA A 117 -2.11 -1.37 -7.74
C ALA A 117 -3.46 -0.99 -8.35
N ILE A 118 -3.62 0.30 -8.63
CA ILE A 118 -4.86 0.80 -9.21
C ILE A 118 -4.99 0.38 -10.67
N ALA A 119 -4.09 0.89 -11.51
CA ALA A 119 -4.11 0.57 -12.93
C ALA A 119 -4.04 -0.95 -13.15
N ASP A 120 -3.54 -1.66 -12.15
CA ASP A 120 -3.44 -3.12 -12.23
C ASP A 120 -4.78 -3.78 -11.97
N TYR A 121 -5.59 -3.15 -11.13
CA TYR A 121 -6.90 -3.68 -10.79
C TYR A 121 -7.86 -3.55 -11.96
N LYS A 122 -8.08 -2.33 -12.42
CA LYS A 122 -8.97 -2.06 -13.54
C LYS A 122 -8.49 -2.80 -14.79
N SER A 123 -7.23 -3.19 -14.79
CA SER A 123 -6.66 -3.90 -15.94
C SER A 123 -7.13 -5.34 -15.97
N LYS A 124 -7.45 -5.89 -14.80
CA LYS A 124 -7.91 -7.27 -14.70
C LYS A 124 -9.40 -7.36 -15.05
N ARG A 125 -10.05 -6.22 -15.13
CA ARG A 125 -11.47 -6.16 -15.46
C ARG A 125 -11.71 -5.40 -16.74
N GLU A 126 -10.64 -5.17 -17.51
CA GLU A 126 -10.73 -4.45 -18.76
C GLU A 126 -10.46 -5.38 -19.95
N ALA A 127 -9.81 -6.50 -19.68
CA ALA A 127 -9.49 -7.47 -20.71
C ALA A 127 -10.69 -8.36 -21.02
N LYS A 128 -11.31 -8.12 -22.17
CA LYS A 128 -12.47 -8.89 -22.58
C LYS A 128 -12.05 -10.20 -23.26
N MET A 1 -42.41 -32.00 8.83
CA MET A 1 -42.59 -31.40 10.14
C MET A 1 -41.26 -31.34 10.90
N ALA A 2 -40.45 -30.34 10.60
CA ALA A 2 -39.16 -30.18 11.25
C ALA A 2 -38.78 -28.71 11.33
N TYR A 3 -37.78 -28.41 12.17
CA TYR A 3 -37.32 -27.03 12.35
C TYR A 3 -35.81 -27.00 12.57
N SER A 4 -35.17 -25.94 12.09
CA SER A 4 -33.73 -25.78 12.23
C SER A 4 -33.40 -24.56 13.07
N GLU A 5 -32.11 -24.31 13.27
CA GLU A 5 -31.65 -23.16 14.05
C GLU A 5 -30.24 -22.75 13.65
N LYS A 6 -29.35 -23.73 13.56
CA LYS A 6 -27.97 -23.47 13.18
C LYS A 6 -27.30 -22.51 14.17
N VAL A 7 -26.01 -22.29 13.99
CA VAL A 7 -25.26 -21.39 14.87
C VAL A 7 -24.62 -20.26 14.07
N ILE A 8 -24.71 -19.04 14.61
CA ILE A 8 -24.14 -17.88 13.95
C ILE A 8 -22.62 -17.97 13.90
N ASP A 9 -22.06 -17.63 12.74
CA ASP A 9 -20.61 -17.67 12.55
C ASP A 9 -19.96 -16.38 13.06
N HIS A 10 -18.68 -16.46 13.39
CA HIS A 10 -17.94 -15.31 13.89
C HIS A 10 -16.51 -15.31 13.35
N TYR A 11 -15.72 -14.35 13.81
CA TYR A 11 -14.33 -14.24 13.37
C TYR A 11 -13.55 -13.29 14.29
N GLU A 12 -12.27 -13.59 14.50
CA GLU A 12 -11.42 -12.77 15.34
C GLU A 12 -9.96 -12.85 14.89
N ASN A 13 -9.12 -12.01 15.48
CA ASN A 13 -7.70 -11.98 15.14
C ASN A 13 -7.51 -11.72 13.65
N PRO A 14 -7.80 -10.47 13.23
CA PRO A 14 -7.67 -10.06 11.83
C PRO A 14 -6.21 -9.98 11.39
N ARG A 15 -5.88 -10.67 10.30
CA ARG A 15 -4.52 -10.67 9.78
C ARG A 15 -4.50 -10.30 8.30
N ASN A 16 -3.32 -10.32 7.70
CA ASN A 16 -3.18 -9.99 6.29
C ASN A 16 -3.63 -8.56 6.02
N VAL A 17 -3.24 -7.64 6.90
CA VAL A 17 -3.62 -6.24 6.76
C VAL A 17 -2.56 -5.46 5.99
N GLY A 18 -1.34 -6.00 5.96
CA GLY A 18 -0.25 -5.35 5.25
C GLY A 18 0.54 -6.31 4.39
N SER A 19 -0.01 -7.50 4.18
CA SER A 19 0.65 -8.52 3.37
C SER A 19 -0.29 -9.06 2.30
N PHE A 20 0.03 -8.79 1.04
CA PHE A 20 -0.79 -9.24 -0.08
C PHE A 20 -1.04 -10.74 0.01
N ASP A 21 -2.30 -11.14 -0.04
CA ASP A 21 -2.67 -12.55 0.03
C ASP A 21 -3.52 -12.94 -1.17
N ASN A 22 -3.34 -14.17 -1.64
CA ASN A 22 -4.08 -14.68 -2.78
C ASN A 22 -3.83 -13.84 -4.02
N ASN A 23 -4.61 -14.07 -5.08
CA ASN A 23 -4.46 -13.32 -6.32
C ASN A 23 -5.82 -13.05 -6.95
N ASP A 24 -6.67 -12.34 -6.22
CA ASP A 24 -8.00 -12.00 -6.71
C ASP A 24 -7.93 -11.26 -8.03
N GLU A 25 -9.08 -10.93 -8.59
CA GLU A 25 -9.15 -10.22 -9.86
C GLU A 25 -9.41 -8.73 -9.64
N ASN A 26 -9.71 -8.38 -8.39
CA ASN A 26 -9.99 -6.98 -8.05
C ASN A 26 -8.83 -6.38 -7.25
N VAL A 27 -7.80 -7.19 -7.03
CA VAL A 27 -6.62 -6.73 -6.29
C VAL A 27 -5.58 -6.12 -7.22
N GLY A 28 -5.11 -4.93 -6.86
CA GLY A 28 -4.11 -4.26 -7.68
C GLY A 28 -2.70 -4.75 -7.41
N SER A 29 -1.92 -4.92 -8.47
CA SER A 29 -0.55 -5.39 -8.33
C SER A 29 0.44 -4.30 -8.70
N GLY A 30 1.08 -3.70 -7.70
CA GLY A 30 2.04 -2.65 -7.94
C GLY A 30 3.46 -3.07 -7.60
N MET A 31 4.42 -2.56 -8.37
CA MET A 31 5.82 -2.89 -8.15
C MET A 31 6.72 -1.70 -8.47
N VAL A 32 7.18 -1.01 -7.42
CA VAL A 32 8.05 0.15 -7.60
C VAL A 32 9.22 0.10 -6.63
N GLY A 33 10.44 0.16 -7.17
CA GLY A 33 11.62 0.13 -6.34
C GLY A 33 12.26 1.50 -6.20
N ALA A 34 13.34 1.56 -5.42
CA ALA A 34 14.05 2.83 -5.20
C ALA A 34 14.55 3.41 -6.52
N PRO A 35 14.84 4.72 -6.51
CA PRO A 35 15.33 5.43 -7.69
C PRO A 35 16.75 5.02 -8.08
N ALA A 36 17.62 4.92 -7.08
CA ALA A 36 19.00 4.53 -7.31
C ALA A 36 19.25 3.09 -6.86
N CYS A 37 18.22 2.26 -6.96
CA CYS A 37 18.33 0.87 -6.57
C CYS A 37 18.66 0.74 -5.09
N GLY A 38 18.94 -0.48 -4.65
CA GLY A 38 19.26 -0.72 -3.25
C GLY A 38 18.03 -0.82 -2.38
N ASP A 39 16.90 -1.16 -2.99
CA ASP A 39 15.64 -1.29 -2.26
C ASP A 39 14.52 -1.77 -3.17
N VAL A 40 13.33 -1.91 -2.62
CA VAL A 40 12.17 -2.36 -3.39
C VAL A 40 10.88 -2.17 -2.60
N MET A 41 9.82 -1.81 -3.31
CA MET A 41 8.51 -1.60 -2.67
C MET A 41 7.40 -2.16 -3.54
N LYS A 42 6.37 -2.70 -2.88
CA LYS A 42 5.23 -3.28 -3.59
C LYS A 42 3.94 -3.07 -2.80
N LEU A 43 3.13 -2.11 -3.23
CA LEU A 43 1.87 -1.82 -2.56
C LEU A 43 0.69 -2.35 -3.37
N GLN A 44 -0.10 -3.24 -2.77
CA GLN A 44 -1.26 -3.81 -3.43
C GLN A 44 -2.54 -3.44 -2.70
N ILE A 45 -3.58 -3.15 -3.47
CA ILE A 45 -4.88 -2.78 -2.90
C ILE A 45 -5.97 -3.77 -3.31
N LYS A 46 -7.15 -3.62 -2.72
CA LYS A 46 -8.27 -4.50 -3.03
C LYS A 46 -9.52 -3.67 -3.32
N VAL A 47 -9.97 -3.71 -4.57
CA VAL A 47 -11.16 -2.97 -4.98
C VAL A 47 -12.39 -3.87 -4.95
N ASN A 48 -13.53 -3.29 -4.56
CA ASN A 48 -14.78 -4.03 -4.48
C ASN A 48 -15.57 -3.91 -5.78
N ASP A 49 -16.79 -4.44 -5.78
CA ASP A 49 -17.65 -4.38 -6.96
C ASP A 49 -18.09 -2.95 -7.25
N GLU A 50 -18.01 -2.10 -6.23
CA GLU A 50 -18.41 -0.70 -6.38
C GLU A 50 -17.26 0.15 -6.91
N GLY A 51 -16.12 -0.51 -7.14
CA GLY A 51 -14.95 0.20 -7.64
C GLY A 51 -14.30 1.08 -6.58
N ILE A 52 -14.37 0.64 -5.33
CA ILE A 52 -13.78 1.39 -4.23
C ILE A 52 -12.77 0.54 -3.47
N ILE A 53 -11.79 1.21 -2.86
CA ILE A 53 -10.76 0.53 -2.09
C ILE A 53 -11.32 -0.02 -0.79
N GLU A 54 -11.34 -1.35 -0.66
CA GLU A 54 -11.84 -2.00 0.53
C GLU A 54 -10.70 -2.41 1.45
N ASP A 55 -9.56 -2.76 0.86
CA ASP A 55 -8.40 -3.18 1.63
C ASP A 55 -7.13 -2.56 1.06
N ALA A 56 -6.01 -2.75 1.76
CA ALA A 56 -4.73 -2.21 1.33
C ALA A 56 -3.58 -2.99 1.94
N ARG A 57 -2.44 -3.00 1.25
CA ARG A 57 -1.26 -3.71 1.72
C ARG A 57 0.01 -3.10 1.12
N PHE A 58 1.12 -3.27 1.83
CA PHE A 58 2.41 -2.74 1.37
C PHE A 58 3.55 -3.67 1.78
N LYS A 59 4.74 -3.39 1.27
CA LYS A 59 5.92 -4.18 1.58
C LYS A 59 7.19 -3.46 1.16
N THR A 60 8.31 -3.84 1.77
CA THR A 60 9.61 -3.24 1.46
C THR A 60 10.72 -3.87 2.27
N TYR A 61 11.96 -3.70 1.81
CA TYR A 61 13.11 -4.26 2.48
C TYR A 61 13.31 -3.61 3.85
N GLY A 62 12.97 -2.33 3.95
CA GLY A 62 13.11 -1.61 5.20
C GLY A 62 14.27 -0.63 5.19
N CYS A 63 14.12 0.47 5.92
CA CYS A 63 15.17 1.49 5.98
C CYS A 63 16.01 1.32 7.24
N GLY A 64 17.05 2.14 7.35
CA GLY A 64 17.93 2.06 8.51
C GLY A 64 17.22 2.46 9.80
N SER A 65 16.98 1.47 10.66
CA SER A 65 16.31 1.72 11.92
C SER A 65 14.92 2.31 11.69
N ALA A 66 14.09 1.58 10.94
CA ALA A 66 12.74 2.03 10.65
C ALA A 66 11.77 0.84 10.58
N ILE A 67 10.62 0.99 11.24
CA ILE A 67 9.63 -0.07 11.26
C ILE A 67 8.30 0.43 10.70
N ALA A 68 8.37 1.39 9.79
CA ALA A 68 7.18 1.96 9.17
C ALA A 68 7.51 2.68 7.88
N SER A 69 7.72 1.91 6.82
CA SER A 69 8.05 2.48 5.51
C SER A 69 6.84 3.17 4.89
N SER A 70 5.82 2.39 4.59
CA SER A 70 4.60 2.91 3.99
C SER A 70 3.36 2.23 4.56
N SER A 71 3.27 2.21 5.89
CA SER A 71 2.14 1.58 6.56
C SER A 71 0.97 2.56 6.70
N LEU A 72 1.29 3.85 6.72
CA LEU A 72 0.28 4.88 6.85
C LEU A 72 -0.60 4.94 5.61
N VAL A 73 0.02 5.00 4.44
CA VAL A 73 -0.70 5.04 3.18
C VAL A 73 -1.71 3.91 3.08
N THR A 74 -1.33 2.75 3.59
CA THR A 74 -2.21 1.58 3.55
C THR A 74 -3.55 1.88 4.22
N GLU A 75 -3.57 2.88 5.08
CA GLU A 75 -4.79 3.27 5.77
C GLU A 75 -5.51 4.40 5.03
N TRP A 76 -4.75 5.17 4.26
CA TRP A 76 -5.31 6.27 3.49
C TRP A 76 -6.22 5.76 2.38
N VAL A 77 -5.74 4.76 1.65
CA VAL A 77 -6.51 4.18 0.55
C VAL A 77 -7.64 3.30 1.09
N LYS A 78 -7.39 2.64 2.21
CA LYS A 78 -8.38 1.77 2.82
C LYS A 78 -9.62 2.56 3.22
N GLY A 79 -10.62 2.57 2.34
CA GLY A 79 -11.84 3.28 2.61
C GLY A 79 -12.12 4.38 1.60
N LYS A 80 -11.12 4.67 0.76
CA LYS A 80 -11.26 5.71 -0.25
C LYS A 80 -11.50 5.10 -1.63
N SER A 81 -11.73 5.95 -2.62
CA SER A 81 -11.99 5.50 -3.97
C SER A 81 -10.68 5.41 -4.77
N LEU A 82 -10.64 4.47 -5.71
CA LEU A 82 -9.45 4.28 -6.54
C LEU A 82 -9.01 5.60 -7.18
N ASP A 83 -9.99 6.40 -7.61
CA ASP A 83 -9.71 7.69 -8.23
C ASP A 83 -9.30 8.71 -7.18
N GLU A 84 -9.76 8.52 -5.95
CA GLU A 84 -9.46 9.44 -4.86
C GLU A 84 -8.04 9.20 -4.35
N ALA A 85 -7.70 7.93 -4.11
CA ALA A 85 -6.38 7.58 -3.62
C ALA A 85 -5.31 7.82 -4.68
N GLN A 86 -5.75 8.10 -5.90
CA GLN A 86 -4.83 8.35 -7.01
C GLN A 86 -4.40 9.81 -7.02
N ALA A 87 -5.07 10.64 -6.23
CA ALA A 87 -4.76 12.06 -6.15
C ALA A 87 -3.80 12.35 -5.01
N ILE A 88 -3.45 11.31 -4.26
CA ILE A 88 -2.53 11.45 -3.14
C ILE A 88 -1.27 12.20 -3.55
N LYS A 89 -0.69 12.94 -2.60
CA LYS A 89 0.52 13.71 -2.87
C LYS A 89 1.66 13.24 -1.96
N ASN A 90 2.83 13.01 -2.56
CA ASN A 90 3.99 12.56 -1.80
C ASN A 90 4.22 13.46 -0.58
N THR A 91 4.17 14.76 -0.79
CA THR A 91 4.38 15.72 0.29
C THR A 91 3.51 15.38 1.50
N ASP A 92 2.34 14.79 1.24
CA ASP A 92 1.42 14.42 2.30
C ASP A 92 1.93 13.18 3.04
N ILE A 93 2.50 12.25 2.29
CA ILE A 93 3.02 11.01 2.87
C ILE A 93 4.23 11.29 3.75
N ALA A 94 5.07 12.24 3.33
CA ALA A 94 6.26 12.60 4.08
C ALA A 94 5.91 13.56 5.22
N GLU A 95 4.79 14.26 5.08
CA GLU A 95 4.35 15.21 6.11
C GLU A 95 3.56 14.50 7.20
N GLU A 96 2.77 13.51 6.81
CA GLU A 96 1.97 12.76 7.76
C GLU A 96 2.82 11.78 8.55
N LEU A 97 3.76 11.13 7.86
CA LEU A 97 4.65 10.16 8.50
C LEU A 97 5.81 10.87 9.20
N GLU A 98 6.08 12.10 8.79
CA GLU A 98 7.16 12.89 9.37
C GLU A 98 8.51 12.23 9.10
N LEU A 99 9.31 12.85 8.24
CA LEU A 99 10.63 12.33 7.89
C LEU A 99 11.53 13.44 7.38
N PRO A 100 12.85 13.19 7.43
CA PRO A 100 13.85 14.15 6.96
C PRO A 100 13.84 14.33 5.44
N PRO A 101 14.52 15.38 4.96
CA PRO A 101 14.60 15.68 3.52
C PRO A 101 15.44 14.65 2.77
N VAL A 102 16.41 14.07 3.46
CA VAL A 102 17.28 13.07 2.85
C VAL A 102 16.52 11.78 2.55
N LYS A 103 15.59 11.43 3.44
CA LYS A 103 14.79 10.22 3.28
C LYS A 103 13.44 10.55 2.67
N ILE A 104 13.36 11.67 1.96
CA ILE A 104 12.12 12.09 1.32
C ILE A 104 11.76 11.16 0.17
N HIS A 105 12.73 10.41 -0.32
CA HIS A 105 12.52 9.47 -1.41
C HIS A 105 11.45 8.44 -1.03
N CYS A 106 11.48 8.01 0.22
CA CYS A 106 10.52 7.02 0.71
C CYS A 106 9.10 7.54 0.58
N SER A 107 8.96 8.86 0.49
CA SER A 107 7.65 9.49 0.38
C SER A 107 7.23 9.61 -1.08
N ILE A 108 8.21 9.53 -1.97
CA ILE A 108 7.95 9.63 -3.41
C ILE A 108 7.60 8.27 -4.01
N LEU A 109 8.45 7.28 -3.73
CA LEU A 109 8.23 5.93 -4.24
C LEU A 109 6.82 5.45 -3.90
N ALA A 110 6.41 5.66 -2.66
CA ALA A 110 5.08 5.24 -2.22
C ALA A 110 4.00 5.76 -3.15
N GLU A 111 4.10 7.04 -3.52
CA GLU A 111 3.12 7.65 -4.41
C GLU A 111 2.94 6.82 -5.67
N ASP A 112 4.04 6.58 -6.38
CA ASP A 112 4.00 5.81 -7.62
C ASP A 112 3.36 4.44 -7.36
N ALA A 113 3.56 3.91 -6.17
CA ALA A 113 3.00 2.61 -5.80
C ALA A 113 1.51 2.72 -5.50
N ILE A 114 1.07 3.91 -5.12
CA ILE A 114 -0.34 4.14 -4.81
C ILE A 114 -1.19 4.13 -6.08
N LYS A 115 -0.65 4.69 -7.16
CA LYS A 115 -1.35 4.73 -8.43
C LYS A 115 -1.21 3.42 -9.18
N ALA A 116 -0.01 2.85 -9.15
CA ALA A 116 0.27 1.60 -9.84
C ALA A 116 -0.80 0.56 -9.51
N ALA A 117 -0.99 0.29 -8.22
CA ALA A 117 -1.98 -0.69 -7.78
C ALA A 117 -3.35 -0.36 -8.35
N ILE A 118 -3.67 0.93 -8.40
CA ILE A 118 -4.96 1.38 -8.92
C ILE A 118 -5.08 1.10 -10.41
N ALA A 119 -4.20 1.71 -11.19
CA ALA A 119 -4.21 1.53 -12.65
C ALA A 119 -4.06 0.06 -13.01
N ASP A 120 -3.53 -0.73 -12.08
CA ASP A 120 -3.33 -2.15 -12.30
C ASP A 120 -4.64 -2.92 -12.17
N TYR A 121 -5.51 -2.43 -11.29
CA TYR A 121 -6.82 -3.07 -11.07
C TYR A 121 -7.76 -2.78 -12.23
N LYS A 122 -7.79 -1.52 -12.66
CA LYS A 122 -8.66 -1.11 -13.76
C LYS A 122 -8.12 -1.61 -15.10
N SER A 123 -6.84 -1.97 -15.11
CA SER A 123 -6.19 -2.46 -16.33
C SER A 123 -6.49 -3.95 -16.55
N LYS A 124 -6.58 -4.69 -15.45
CA LYS A 124 -6.87 -6.12 -15.52
C LYS A 124 -8.38 -6.36 -15.55
N ARG A 125 -9.15 -5.32 -15.26
CA ARG A 125 -10.61 -5.43 -15.25
C ARG A 125 -11.23 -4.53 -16.31
N GLU A 126 -10.39 -4.05 -17.22
CA GLU A 126 -10.86 -3.17 -18.30
C GLU A 126 -11.41 -3.98 -19.46
N ALA A 127 -11.44 -5.30 -19.30
CA ALA A 127 -11.95 -6.20 -20.33
C ALA A 127 -13.42 -6.53 -20.09
N LYS A 128 -14.28 -6.02 -20.98
CA LYS A 128 -15.71 -6.26 -20.88
C LYS A 128 -16.35 -6.36 -22.26
#